data_6M4W
#
_entry.id   6M4W
#
_cell.length_a   127.546
_cell.length_b   127.546
_cell.length_c   278.557
_cell.angle_alpha   90.00
_cell.angle_beta   90.00
_cell.angle_gamma   90.00
#
_symmetry.space_group_name_H-M   'P 43 21 2'
#
loop_
_entity.id
_entity.type
_entity.pdbx_description
1 polymer 'chimera of Maltose/maltodextrin-binding periplasmic protein and Peptidyl-prolyl cis-trans isomerase FKBP1A'
2 polymer 'Peptidyl-prolyl cis-trans isomerase FKBP1A'
3 polymer 'Serine/threonine-protein kinase mTOR'
4 branched alpha-D-glucopyranose-(1-4)-alpha-D-glucopyranose
5 non-polymer 'RAPAMYCIN IMMUNOSUPPRESSANT DRUG'
6 non-polymer GLYCEROL
7 water water
#
loop_
_entity_poly.entity_id
_entity_poly.type
_entity_poly.pdbx_seq_one_letter_code
_entity_poly.pdbx_strand_id
1 'polypeptide(L)'
;GSMKIEEGKLVIWINGDKGYNGLAEVGKKFEKDTGIKVTVEHPDKLEEKFPQVAATGDGPDIIFWAHDRFGGYAQSGLLA
EITPAAAFQDKLYPFTWDAVRYNGKLIAYPIAVEALSLIYNKDLLPNPPKTWEEIPALDKELKAKGKSALMFNLQEPYFT
WPLIAADGGYAFKYAAGKYDIKDVGVDNAGAKAGLTFLVDLIKNKHMNADTDYSIAEAAFNKGETAMTINGPWAWSNIDT
SAVNYGVTVLPTFKGQPSKPFVGVLSAGINAASPNKELAKEFLENYLLTDEGLEAVNKDKPLGAVALKSYEEELAKDPRI
AATMENAQKGEIMPNIPQMSAFWYAVRTAVINAASGRQTVDEALKDAQTNAAAMGVQVETISPGDGRTFPKRGQTCVVHY
TGMLE
;
A,B,C
2 'polypeptide(L)' DGKKFDSSRDRNKPFKFMLGKQEVIRGWEEGVAQMSVGQRAKLTISPDYAYGATGHPGIIPPHATLVFDVELLKLE D,E,F
3 'polypeptide(L)'
;GSILWHEMWHEGLEEASRLYFGERNVKGMFEVLEPLHAMMERGPQTLKETSFNQAYGRDLMEAQEWCRKYMKSGNVKDLL
QAWDLYYHVFRRISK
;
G,H,I
#
loop_
_chem_comp.id
_chem_comp.type
_chem_comp.name
_chem_comp.formula
GLC D-saccharide, alpha linking alpha-D-glucopyranose 'C6 H12 O6'
GOL non-polymer GLYCEROL 'C3 H8 O3'
RAP non-polymer 'RAPAMYCIN IMMUNOSUPPRESSANT DRUG' 'C51 H79 N O13'
#
# COMPACT_ATOMS: atom_id res chain seq x y z
N MET A 3 -5.84 -20.88 7.48
CA MET A 3 -4.91 -19.88 8.07
C MET A 3 -3.97 -19.36 6.98
N LYS A 4 -3.93 -18.03 6.85
CA LYS A 4 -3.12 -17.37 5.83
C LYS A 4 -1.67 -17.32 6.29
N ILE A 5 -1.46 -16.98 7.57
CA ILE A 5 -0.14 -16.94 8.16
C ILE A 5 0.15 -18.29 8.81
N GLU A 6 1.32 -18.85 8.47
CA GLU A 6 1.74 -20.17 8.93
C GLU A 6 2.09 -20.10 10.42
N GLU A 7 1.67 -21.14 11.15
CA GLU A 7 1.88 -21.22 12.59
C GLU A 7 3.13 -22.06 12.87
N GLY A 8 3.97 -21.55 13.77
CA GLY A 8 5.20 -22.24 14.17
C GLY A 8 6.39 -21.82 13.30
N LYS A 9 6.16 -20.83 12.43
CA LYS A 9 7.18 -20.28 11.55
C LYS A 9 7.14 -18.76 11.66
N LEU A 10 8.31 -18.14 11.76
CA LEU A 10 8.41 -16.68 11.78
C LEU A 10 8.85 -16.17 10.41
N VAL A 11 8.04 -15.26 9.86
CA VAL A 11 8.34 -14.61 8.59
C VAL A 11 8.55 -13.11 8.86
N ILE A 12 9.71 -12.60 8.42
CA ILE A 12 10.14 -11.25 8.73
C ILE A 12 10.38 -10.49 7.44
N TRP A 13 9.83 -9.27 7.39
CA TRP A 13 10.04 -8.34 6.29
C TRP A 13 10.96 -7.21 6.75
N ILE A 14 12.03 -6.97 5.98
CA ILE A 14 12.96 -5.88 6.22
C ILE A 14 13.40 -5.33 4.86
N ASN A 15 13.70 -4.03 4.82
CA ASN A 15 14.07 -3.36 3.58
C ASN A 15 15.44 -3.88 3.11
N GLY A 16 15.60 -3.97 1.78
CA GLY A 16 16.75 -4.59 1.16
C GLY A 16 18.04 -3.81 1.34
N ASP A 17 17.93 -2.56 1.82
CA ASP A 17 19.08 -1.70 2.04
C ASP A 17 19.69 -2.00 3.40
N LYS A 18 18.93 -2.70 4.25
CA LYS A 18 19.38 -3.09 5.58
C LYS A 18 20.12 -4.43 5.50
N GLY A 19 20.63 -4.89 6.65
CA GLY A 19 21.36 -6.14 6.74
C GLY A 19 20.43 -7.31 7.04
N TYR A 20 19.92 -7.93 5.98
CA TYR A 20 18.93 -9.00 6.10
C TYR A 20 19.59 -10.36 6.25
N ASN A 21 20.85 -10.46 5.81
CA ASN A 21 21.62 -11.69 5.95
C ASN A 21 22.04 -11.87 7.40
N GLY A 22 22.42 -10.76 8.04
CA GLY A 22 22.80 -10.75 9.45
C GLY A 22 21.62 -11.08 10.34
N LEU A 23 20.43 -10.58 9.95
CA LEU A 23 19.18 -10.84 10.64
C LEU A 23 18.81 -12.32 10.50
N ALA A 24 19.20 -12.91 9.36
CA ALA A 24 18.94 -14.31 9.07
C ALA A 24 19.82 -15.21 9.94
N GLU A 25 21.03 -14.71 10.27
CA GLU A 25 21.97 -15.42 11.13
C GLU A 25 21.43 -15.46 12.56
N VAL A 26 20.69 -14.41 12.94
CA VAL A 26 20.01 -14.36 14.23
C VAL A 26 18.88 -15.37 14.22
N GLY A 27 18.17 -15.44 13.09
CA GLY A 27 17.06 -16.37 12.90
C GLY A 27 17.51 -17.83 12.94
N LYS A 28 18.76 -18.06 12.49
CA LYS A 28 19.36 -19.38 12.51
C LYS A 28 19.67 -19.79 13.94
N LYS A 29 20.07 -18.81 14.76
CA LYS A 29 20.36 -19.04 16.17
C LYS A 29 19.06 -19.38 16.90
N PHE A 30 17.97 -18.69 16.54
CA PHE A 30 16.66 -18.91 17.11
C PHE A 30 16.18 -20.31 16.75
N GLU A 31 16.43 -20.72 15.50
CA GLU A 31 16.02 -22.04 15.01
C GLU A 31 16.87 -23.13 15.68
N LYS A 32 18.14 -22.81 15.92
CA LYS A 32 19.08 -23.73 16.54
C LYS A 32 18.62 -24.07 17.95
N ASP A 33 17.96 -23.11 18.60
CA ASP A 33 17.64 -23.20 20.02
C ASP A 33 16.19 -23.67 20.23
N THR A 34 15.33 -23.44 19.22
CA THR A 34 13.91 -23.70 19.38
C THR A 34 13.40 -24.70 18.35
N GLY A 35 14.00 -24.68 17.15
CA GLY A 35 13.54 -25.50 16.04
C GLY A 35 12.45 -24.80 15.23
N ILE A 36 12.34 -23.49 15.42
CA ILE A 36 11.37 -22.66 14.73
C ILE A 36 12.07 -21.97 13.56
N LYS A 37 11.60 -22.26 12.35
CA LYS A 37 12.17 -21.71 11.13
C LYS A 37 11.90 -20.21 11.06
N VAL A 38 12.95 -19.44 10.77
CA VAL A 38 12.85 -18.00 10.60
C VAL A 38 13.26 -17.66 9.17
N THR A 39 12.38 -16.94 8.48
CA THR A 39 12.57 -16.58 7.07
C THR A 39 12.56 -15.06 6.93
N VAL A 40 13.63 -14.52 6.35
CA VAL A 40 13.80 -13.09 6.18
C VAL A 40 13.67 -12.73 4.71
N GLU A 41 12.59 -12.01 4.38
CA GLU A 41 12.32 -11.58 3.01
C GLU A 41 12.54 -10.08 2.91
N HIS A 42 12.96 -9.62 1.72
CA HIS A 42 13.23 -8.20 1.49
C HIS A 42 12.54 -7.73 0.21
N PRO A 43 11.17 -7.71 0.16
CA PRO A 43 10.46 -7.31 -1.05
C PRO A 43 10.47 -5.80 -1.28
N ASP A 44 10.26 -5.40 -2.53
CA ASP A 44 10.17 -3.99 -2.90
C ASP A 44 8.86 -3.40 -2.35
N LYS A 45 8.91 -2.11 -2.03
CA LYS A 45 7.75 -1.33 -1.60
C LYS A 45 6.99 -2.11 -0.53
N LEU A 46 7.71 -2.57 0.50
CA LEU A 46 7.14 -3.39 1.56
C LEU A 46 6.36 -2.53 2.53
N GLU A 47 6.65 -1.22 2.54
CA GLU A 47 5.96 -0.26 3.39
C GLU A 47 4.56 -0.01 2.85
N GLU A 48 4.34 -0.37 1.58
CA GLU A 48 3.06 -0.21 0.91
C GLU A 48 2.35 -1.56 0.83
N LYS A 49 3.14 -2.64 0.74
CA LYS A 49 2.62 -3.98 0.55
C LYS A 49 2.03 -4.51 1.85
N PHE A 50 2.67 -4.20 2.98
CA PHE A 50 2.25 -4.69 4.28
C PHE A 50 0.79 -4.32 4.55
N PRO A 51 0.39 -3.03 4.51
CA PRO A 51 -1.00 -2.65 4.79
C PRO A 51 -2.02 -3.25 3.83
N GLN A 52 -1.55 -3.66 2.65
CA GLN A 52 -2.39 -4.30 1.64
C GLN A 52 -2.72 -5.72 2.08
N VAL A 53 -1.67 -6.48 2.43
CA VAL A 53 -1.81 -7.91 2.72
C VAL A 53 -2.32 -8.11 4.15
N ALA A 54 -1.95 -7.20 5.06
CA ALA A 54 -2.26 -7.34 6.47
C ALA A 54 -3.72 -6.97 6.75
N ALA A 55 -4.35 -6.28 5.78
CA ALA A 55 -5.74 -5.86 5.89
C ALA A 55 -6.64 -7.07 6.00
N THR A 56 -6.30 -8.14 5.27
CA THR A 56 -7.05 -9.39 5.29
C THR A 56 -6.43 -10.34 6.31
N GLY A 57 -5.22 -10.00 6.77
CA GLY A 57 -4.50 -10.80 7.74
C GLY A 57 -3.58 -11.82 7.06
N ASP A 58 -3.11 -11.47 5.86
CA ASP A 58 -2.27 -12.34 5.05
C ASP A 58 -0.84 -11.79 5.05
N GLY A 59 -0.51 -10.98 6.06
CA GLY A 59 0.77 -10.30 6.12
C GLY A 59 1.88 -11.18 6.70
N PRO A 60 3.13 -10.66 6.82
CA PRO A 60 4.20 -11.35 7.53
C PRO A 60 4.04 -11.25 9.04
N ASP A 61 4.84 -12.03 9.78
CA ASP A 61 4.77 -12.07 11.23
C ASP A 61 5.34 -10.77 11.82
N ILE A 62 6.53 -10.38 11.35
CA ILE A 62 7.21 -9.19 11.83
C ILE A 62 7.54 -8.31 10.61
N ILE A 63 7.44 -6.99 10.80
CA ILE A 63 7.80 -6.02 9.79
C ILE A 63 8.86 -5.07 10.34
N PHE A 64 9.80 -4.69 9.48
CA PHE A 64 10.88 -3.77 9.84
C PHE A 64 10.83 -2.54 8.95
N TRP A 65 10.60 -1.38 9.58
CA TRP A 65 10.64 -0.09 8.91
C TRP A 65 10.94 1.00 9.94
N ALA A 66 11.21 2.21 9.45
CA ALA A 66 11.29 3.39 10.29
C ALA A 66 9.92 3.65 10.91
N HIS A 67 9.91 4.34 12.06
CA HIS A 67 8.77 4.38 12.95
C HIS A 67 7.64 5.25 12.41
N ASP A 68 7.89 5.99 11.33
CA ASP A 68 6.93 6.96 10.82
C ASP A 68 5.72 6.27 10.20
N ARG A 69 5.94 5.08 9.63
CA ARG A 69 4.89 4.31 8.97
C ARG A 69 3.97 3.68 10.00
N PHE A 70 4.53 3.36 11.17
CA PHE A 70 3.92 2.46 12.14
C PHE A 70 2.62 3.02 12.72
N GLY A 71 2.52 4.36 12.78
CA GLY A 71 1.32 5.01 13.27
C GLY A 71 0.10 4.71 12.40
N GLY A 72 0.30 4.75 11.08
CA GLY A 72 -0.72 4.40 10.12
C GLY A 72 -1.12 2.94 10.22
N TYR A 73 -0.13 2.08 10.48
CA TYR A 73 -0.35 0.64 10.64
C TYR A 73 -1.18 0.41 11.91
N ALA A 74 -0.81 1.08 13.00
CA ALA A 74 -1.46 0.94 14.29
C ALA A 74 -2.91 1.41 14.20
N GLN A 75 -3.14 2.46 13.41
CA GLN A 75 -4.46 3.05 13.23
C GLN A 75 -5.36 2.08 12.48
N SER A 76 -4.77 1.32 11.55
CA SER A 76 -5.51 0.36 10.75
C SER A 76 -5.68 -0.96 11.50
N GLY A 77 -5.06 -1.04 12.68
CA GLY A 77 -5.14 -2.21 13.54
C GLY A 77 -4.40 -3.42 12.96
N LEU A 78 -3.30 -3.13 12.26
CA LEU A 78 -2.50 -4.16 11.61
C LEU A 78 -1.40 -4.62 12.57
N LEU A 79 -1.20 -3.85 13.65
CA LEU A 79 -0.15 -4.14 14.62
C LEU A 79 -0.78 -4.59 15.94
N ALA A 80 -0.14 -5.60 16.55
CA ALA A 80 -0.47 -6.03 17.90
C ALA A 80 0.26 -5.13 18.89
N GLU A 81 -0.41 -4.80 20.01
CA GLU A 81 0.19 -4.01 21.07
C GLU A 81 1.26 -4.85 21.75
N ILE A 82 2.52 -4.41 21.68
CA ILE A 82 3.62 -5.12 22.30
C ILE A 82 3.63 -4.80 23.79
N THR A 83 3.83 -5.84 24.60
CA THR A 83 3.86 -5.72 26.05
C THR A 83 5.21 -6.21 26.56
N PRO A 84 6.29 -5.41 26.48
CA PRO A 84 7.59 -5.80 27.01
C PRO A 84 7.63 -5.64 28.53
N ALA A 85 8.40 -6.50 29.20
CA ALA A 85 8.57 -6.45 30.64
C ALA A 85 9.26 -5.14 31.03
N ALA A 86 8.94 -4.64 32.22
CA ALA A 86 9.43 -3.35 32.71
C ALA A 86 10.95 -3.36 32.79
N ALA A 87 11.52 -4.54 33.07
CA ALA A 87 12.96 -4.70 33.20
C ALA A 87 13.62 -4.62 31.84
N PHE A 88 12.89 -5.05 30.80
CA PHE A 88 13.39 -5.05 29.44
C PHE A 88 13.36 -3.63 28.87
N GLN A 89 12.34 -2.86 29.26
CA GLN A 89 12.17 -1.50 28.80
C GLN A 89 13.38 -0.64 29.20
N ASP A 90 13.95 -0.96 30.37
CA ASP A 90 15.06 -0.19 30.93
C ASP A 90 16.36 -0.50 30.18
N LYS A 91 16.33 -1.54 29.33
CA LYS A 91 17.51 -1.98 28.61
C LYS A 91 17.69 -1.18 27.32
N LEU A 92 16.61 -0.55 26.86
CA LEU A 92 16.67 0.34 25.71
C LEU A 92 16.52 1.79 26.18
N TYR A 93 17.18 2.71 25.49
CA TYR A 93 17.11 4.13 25.79
C TYR A 93 15.65 4.59 25.75
N PRO A 94 15.17 5.34 26.79
CA PRO A 94 13.76 5.69 26.90
C PRO A 94 13.14 6.41 25.70
N PHE A 95 13.95 7.24 25.01
CA PHE A 95 13.46 8.08 23.94
C PHE A 95 13.03 7.26 22.73
N THR A 96 13.66 6.08 22.57
CA THR A 96 13.39 5.19 21.46
C THR A 96 12.02 4.54 21.64
N TRP A 97 11.59 4.39 22.90
CA TRP A 97 10.29 3.84 23.23
C TRP A 97 9.18 4.83 22.89
N ASP A 98 9.51 6.13 22.94
CA ASP A 98 8.56 7.20 22.70
C ASP A 98 8.22 7.27 21.22
N ALA A 99 9.19 6.88 20.38
CA ALA A 99 9.05 6.94 18.93
C ALA A 99 8.10 5.84 18.44
N VAL A 100 7.94 4.79 19.25
CA VAL A 100 7.13 3.63 18.88
C VAL A 100 5.88 3.57 19.75
N ARG A 101 5.54 4.70 20.37
CA ARG A 101 4.31 4.82 21.14
C ARG A 101 3.28 5.60 20.34
N TYR A 102 2.05 5.08 20.29
CA TYR A 102 0.96 5.71 19.55
C TYR A 102 -0.34 5.50 20.32
N ASN A 103 -1.00 6.62 20.67
CA ASN A 103 -2.19 6.65 21.50
C ASN A 103 -1.88 6.08 22.88
N GLY A 104 -0.65 6.31 23.35
CA GLY A 104 -0.20 5.90 24.66
C GLY A 104 0.03 4.39 24.77
N LYS A 105 0.25 3.74 23.62
CA LYS A 105 0.48 2.31 23.57
C LYS A 105 1.66 1.99 22.67
N LEU A 106 2.54 1.11 23.15
CA LEU A 106 3.72 0.68 22.40
C LEU A 106 3.27 -0.27 21.29
N ILE A 107 3.73 -0.01 20.06
CA ILE A 107 3.25 -0.69 18.88
C ILE A 107 4.41 -1.39 18.17
N ALA A 108 5.64 -1.14 18.62
CA ALA A 108 6.82 -1.73 18.00
C ALA A 108 8.00 -1.72 18.96
N TYR A 109 9.03 -2.50 18.61
CA TYR A 109 10.31 -2.47 19.30
C TYR A 109 11.27 -1.58 18.52
N PRO A 110 11.89 -0.57 19.17
CA PRO A 110 12.93 0.23 18.53
C PRO A 110 14.24 -0.56 18.44
N ILE A 111 14.88 -0.50 17.27
CA ILE A 111 16.11 -1.23 17.03
C ILE A 111 17.28 -0.24 17.01
N ALA A 112 17.22 0.74 16.09
CA ALA A 112 18.32 1.68 15.90
C ALA A 112 17.81 3.03 15.42
N VAL A 113 18.62 4.07 15.66
CA VAL A 113 18.33 5.44 15.28
C VAL A 113 19.18 5.77 14.04
N GLU A 114 18.50 6.21 12.97
CA GLU A 114 19.15 6.52 11.71
C GLU A 114 19.07 8.03 11.46
N ALA A 115 20.15 8.57 10.86
CA ALA A 115 20.21 9.96 10.43
C ALA A 115 21.17 10.07 9.25
N LEU A 116 20.80 10.92 8.28
CA LEU A 116 21.64 11.16 7.11
C LEU A 116 22.85 11.99 7.52
N SER A 117 23.99 11.68 6.89
CA SER A 117 25.23 12.41 7.13
C SER A 117 25.92 12.69 5.80
N LEU A 118 26.81 13.69 5.80
CA LEU A 118 27.65 13.97 4.65
C LEU A 118 28.81 12.97 4.64
N ILE A 119 28.90 12.20 3.55
CA ILE A 119 29.97 11.23 3.37
C ILE A 119 30.85 11.73 2.21
N TYR A 120 32.16 11.85 2.47
CA TYR A 120 33.07 12.48 1.53
C TYR A 120 34.31 11.62 1.33
N ASN A 121 34.86 11.68 0.11
CA ASN A 121 36.14 11.07 -0.22
C ASN A 121 37.26 11.95 0.34
N LYS A 122 38.08 11.35 1.22
CA LYS A 122 39.13 12.06 1.93
C LYS A 122 40.26 12.44 0.98
N ASP A 123 40.44 11.64 -0.07
CA ASP A 123 41.53 11.84 -1.03
C ASP A 123 41.19 12.99 -1.97
N LEU A 124 39.95 13.01 -2.47
CA LEU A 124 39.51 14.01 -3.42
C LEU A 124 39.26 15.35 -2.71
N LEU A 125 38.82 15.27 -1.45
CA LEU A 125 38.42 16.45 -0.70
C LEU A 125 38.83 16.28 0.76
N PRO A 126 39.98 16.87 1.18
CA PRO A 126 40.44 16.77 2.56
C PRO A 126 39.51 17.46 3.55
N ASN A 127 39.14 18.71 3.24
CA ASN A 127 38.25 19.49 4.07
C ASN A 127 36.91 19.67 3.35
N PRO A 128 35.83 18.97 3.79
CA PRO A 128 34.53 19.09 3.15
C PRO A 128 33.86 20.43 3.45
N PRO A 129 32.99 20.95 2.55
CA PRO A 129 32.34 22.25 2.75
C PRO A 129 31.42 22.28 3.96
N LYS A 130 31.45 23.40 4.67
CA LYS A 130 30.64 23.60 5.87
C LYS A 130 29.28 24.21 5.48
N THR A 131 29.18 24.70 4.25
CA THR A 131 27.96 25.32 3.76
C THR A 131 27.54 24.69 2.43
N TRP A 132 26.24 24.75 2.15
CA TRP A 132 25.67 24.33 0.89
C TRP A 132 26.08 25.29 -0.22
N GLU A 133 26.21 26.58 0.13
CA GLU A 133 26.34 27.67 -0.81
C GLU A 133 27.66 27.61 -1.56
N GLU A 134 28.65 26.90 -0.99
CA GLU A 134 29.99 26.86 -1.56
C GLU A 134 30.18 25.57 -2.36
N ILE A 135 29.11 24.79 -2.52
CA ILE A 135 29.16 23.53 -3.24
C ILE A 135 29.21 23.78 -4.74
N PRO A 136 28.39 24.71 -5.31
CA PRO A 136 28.43 24.99 -6.75
C PRO A 136 29.82 25.39 -7.26
N ALA A 137 30.55 26.15 -6.44
CA ALA A 137 31.90 26.58 -6.76
C ALA A 137 32.85 25.38 -6.72
N LEU A 138 32.61 24.46 -5.77
CA LEU A 138 33.45 23.30 -5.55
C LEU A 138 33.24 22.29 -6.69
N ASP A 139 32.00 22.20 -7.18
CA ASP A 139 31.67 21.32 -8.30
C ASP A 139 32.37 21.83 -9.56
N LYS A 140 32.33 23.16 -9.73
CA LYS A 140 32.93 23.86 -10.86
C LYS A 140 34.43 23.60 -10.90
N GLU A 141 35.05 23.59 -9.71
CA GLU A 141 36.48 23.36 -9.56
C GLU A 141 36.81 21.89 -9.84
N LEU A 142 35.87 21.00 -9.49
CA LEU A 142 36.08 19.56 -9.58
C LEU A 142 35.75 19.04 -10.98
N LYS A 143 34.99 19.84 -11.74
CA LYS A 143 34.65 19.50 -13.11
C LYS A 143 35.91 19.51 -13.98
N ALA A 144 36.93 20.25 -13.52
CA ALA A 144 38.18 20.40 -14.24
C ALA A 144 38.98 19.11 -14.17
N LYS A 145 38.77 18.32 -13.11
CA LYS A 145 39.48 17.06 -12.92
C LYS A 145 38.58 15.89 -13.34
N GLY A 146 37.47 16.22 -14.00
CA GLY A 146 36.55 15.22 -14.53
C GLY A 146 35.74 14.54 -13.43
N LYS A 147 35.57 15.25 -12.30
CA LYS A 147 34.86 14.73 -11.14
C LYS A 147 33.61 15.58 -10.91
N SER A 148 32.93 15.31 -9.79
CA SER A 148 31.77 16.08 -9.36
C SER A 148 31.80 16.24 -7.84
N ALA A 149 31.12 17.27 -7.34
CA ALA A 149 31.14 17.59 -5.92
C ALA A 149 30.23 16.64 -5.14
N LEU A 150 28.96 16.59 -5.52
CA LEU A 150 27.95 15.92 -4.72
C LEU A 150 26.98 15.15 -5.62
N MET A 151 26.72 13.89 -5.24
CA MET A 151 25.72 13.07 -5.89
C MET A 151 24.96 12.26 -4.82
N PHE A 152 23.66 12.54 -4.71
CA PHE A 152 22.80 11.83 -3.78
C PHE A 152 21.44 11.60 -4.43
N ASN A 153 20.62 10.76 -3.78
CA ASN A 153 19.32 10.34 -4.29
C ASN A 153 18.37 11.53 -4.31
N LEU A 154 17.84 11.82 -5.51
CA LEU A 154 16.94 12.95 -5.71
C LEU A 154 15.53 12.45 -6.00
N GLN A 155 15.31 11.14 -5.82
CA GLN A 155 14.03 10.52 -6.11
C GLN A 155 13.22 10.39 -4.82
N GLU A 156 13.90 9.98 -3.74
CA GLU A 156 13.27 9.87 -2.43
C GLU A 156 13.47 11.17 -1.66
N PRO A 157 12.38 11.75 -1.09
CA PRO A 157 12.47 13.03 -0.37
C PRO A 157 13.07 12.95 1.04
N TYR A 158 13.59 11.77 1.40
CA TYR A 158 14.27 11.57 2.67
C TYR A 158 15.61 12.29 2.65
N PHE A 159 16.18 12.42 1.45
CA PHE A 159 17.55 12.85 1.23
C PHE A 159 17.62 14.35 0.96
N THR A 160 16.50 14.94 0.53
CA THR A 160 16.46 16.35 0.17
C THR A 160 15.71 17.15 1.23
N TRP A 161 15.22 16.46 2.27
CA TRP A 161 14.47 17.10 3.34
C TRP A 161 15.39 17.97 4.20
N PRO A 162 16.62 17.52 4.55
CA PRO A 162 17.52 18.32 5.39
C PRO A 162 17.66 19.75 4.88
N LEU A 163 17.78 19.90 3.55
CA LEU A 163 17.97 21.18 2.89
C LEU A 163 16.70 22.02 2.96
N ILE A 164 15.55 21.35 2.83
CA ILE A 164 14.25 22.01 2.84
C ILE A 164 13.94 22.46 4.27
N ALA A 165 14.36 21.64 5.25
CA ALA A 165 14.06 21.89 6.65
C ALA A 165 15.08 22.85 7.26
N ALA A 166 16.21 23.03 6.56
CA ALA A 166 17.33 23.83 7.06
C ALA A 166 16.87 25.25 7.41
N ASP A 167 16.12 25.86 6.48
CA ASP A 167 15.72 27.26 6.62
C ASP A 167 14.36 27.36 7.32
N GLY A 168 13.86 26.23 7.82
CA GLY A 168 12.69 26.22 8.69
C GLY A 168 11.45 25.67 7.99
N GLY A 169 11.64 24.73 7.06
CA GLY A 169 10.55 23.99 6.47
C GLY A 169 10.15 22.82 7.35
N TYR A 170 8.86 22.71 7.66
CA TYR A 170 8.38 21.71 8.60
C TYR A 170 7.21 20.93 8.00
N ALA A 171 7.17 19.63 8.32
CA ALA A 171 6.09 18.75 7.89
C ALA A 171 4.79 19.17 8.57
N PHE A 172 4.69 18.89 9.88
CA PHE A 172 3.54 19.25 10.68
C PHE A 172 4.02 19.95 11.95
N LYS A 173 3.35 21.05 12.29
CA LYS A 173 3.72 21.87 13.44
C LYS A 173 3.46 21.11 14.74
N TYR A 174 4.45 21.12 15.62
CA TYR A 174 4.37 20.42 16.90
C TYR A 174 3.88 21.40 17.96
N ALA A 175 2.65 21.16 18.43
CA ALA A 175 1.99 22.04 19.39
C ALA A 175 2.31 21.59 20.82
N ALA A 176 1.28 21.45 21.64
CA ALA A 176 1.43 21.06 23.04
C ALA A 176 1.57 19.55 23.15
N GLY A 177 2.69 19.03 22.66
CA GLY A 177 3.00 17.61 22.68
C GLY A 177 2.10 16.81 21.73
N LYS A 178 1.60 17.50 20.69
CA LYS A 178 0.72 16.90 19.71
C LYS A 178 0.92 17.58 18.35
N TYR A 179 0.74 16.82 17.28
CA TYR A 179 0.97 17.30 15.93
C TYR A 179 -0.34 17.86 15.36
N ASP A 180 -0.26 19.09 14.83
CA ASP A 180 -1.36 19.75 14.16
C ASP A 180 -1.24 19.48 12.66
N ILE A 181 -2.23 18.77 12.11
CA ILE A 181 -2.16 18.31 10.72
C ILE A 181 -2.65 19.42 9.78
N LYS A 182 -3.30 20.45 10.35
CA LYS A 182 -3.82 21.56 9.58
C LYS A 182 -2.77 22.67 9.49
N ASP A 183 -1.64 22.48 10.20
CA ASP A 183 -0.57 23.45 10.23
C ASP A 183 0.64 22.90 9.49
N VAL A 184 0.55 22.90 8.15
CA VAL A 184 1.60 22.39 7.29
C VAL A 184 2.56 23.54 6.97
N GLY A 185 3.85 23.21 6.82
CA GLY A 185 4.87 24.18 6.49
C GLY A 185 5.79 23.71 5.36
N VAL A 186 5.19 23.41 4.21
CA VAL A 186 5.92 22.91 3.06
C VAL A 186 6.04 24.03 2.02
N ASP A 187 5.22 25.07 2.17
CA ASP A 187 5.19 26.18 1.23
C ASP A 187 5.68 27.47 1.88
N ASN A 188 6.26 27.35 3.09
CA ASN A 188 6.77 28.52 3.80
C ASN A 188 8.03 29.03 3.09
N ALA A 189 8.52 30.18 3.54
CA ALA A 189 9.65 30.87 2.91
C ALA A 189 10.91 30.01 3.00
N GLY A 190 11.04 29.28 4.12
CA GLY A 190 12.20 28.44 4.39
C GLY A 190 12.30 27.26 3.43
N ALA A 191 11.17 26.60 3.18
CA ALA A 191 11.09 25.46 2.30
C ALA A 191 11.33 25.89 0.85
N LYS A 192 10.76 27.05 0.49
CA LYS A 192 10.88 27.62 -0.84
C LYS A 192 12.34 27.92 -1.15
N ALA A 193 13.06 28.48 -0.16
CA ALA A 193 14.46 28.83 -0.30
C ALA A 193 15.31 27.59 -0.49
N GLY A 194 15.02 26.55 0.31
CA GLY A 194 15.80 25.31 0.32
C GLY A 194 15.66 24.54 -0.98
N LEU A 195 14.42 24.43 -1.48
CA LEU A 195 14.13 23.68 -2.69
C LEU A 195 14.67 24.44 -3.91
N THR A 196 14.62 25.78 -3.85
CA THR A 196 15.14 26.63 -4.90
C THR A 196 16.62 26.32 -5.12
N PHE A 197 17.38 26.30 -4.02
CA PHE A 197 18.81 26.06 -4.05
C PHE A 197 19.09 24.67 -4.65
N LEU A 198 18.20 23.72 -4.38
CA LEU A 198 18.31 22.37 -4.91
C LEU A 198 18.12 22.41 -6.43
N VAL A 199 17.11 23.18 -6.87
CA VAL A 199 16.77 23.28 -8.28
C VAL A 199 17.86 24.08 -9.01
N ASP A 200 18.39 25.10 -8.33
CA ASP A 200 19.46 25.94 -8.86
C ASP A 200 20.67 25.09 -9.23
N LEU A 201 21.01 24.15 -8.33
CA LEU A 201 22.14 23.25 -8.51
C LEU A 201 21.96 22.42 -9.78
N ILE A 202 20.72 21.99 -10.04
CA ILE A 202 20.42 21.12 -11.17
C ILE A 202 20.43 21.95 -12.47
N LYS A 203 19.97 23.20 -12.37
CA LYS A 203 19.93 24.11 -13.51
C LYS A 203 21.35 24.43 -13.98
N ASN A 204 22.22 24.76 -13.03
CA ASN A 204 23.60 25.14 -13.31
C ASN A 204 24.46 23.88 -13.48
N LYS A 205 23.79 22.74 -13.66
CA LYS A 205 24.39 21.46 -14.06
C LYS A 205 25.38 20.98 -13.01
N HIS A 206 25.09 21.28 -11.74
CA HIS A 206 25.91 20.77 -10.63
C HIS A 206 25.43 19.37 -10.25
N MET A 207 24.15 19.09 -10.50
CA MET A 207 23.56 17.79 -10.23
C MET A 207 22.58 17.43 -11.35
N ASN A 208 22.34 16.12 -11.51
CA ASN A 208 21.39 15.59 -12.48
C ASN A 208 20.13 15.15 -11.75
N ALA A 209 18.97 15.53 -12.30
CA ALA A 209 17.68 15.33 -11.66
C ALA A 209 17.26 13.86 -11.72
N ASP A 210 17.89 13.09 -12.61
CA ASP A 210 17.53 11.70 -12.84
C ASP A 210 18.38 10.78 -11.96
N THR A 211 19.12 11.37 -11.03
CA THR A 211 20.02 10.63 -10.15
C THR A 211 19.22 9.93 -9.06
N ASP A 212 19.39 8.61 -8.96
CA ASP A 212 18.74 7.80 -7.95
C ASP A 212 19.76 7.36 -6.89
N TYR A 213 19.34 6.44 -6.02
CA TYR A 213 20.18 5.94 -4.94
C TYR A 213 21.38 5.19 -5.51
N SER A 214 21.13 4.29 -6.46
CA SER A 214 22.15 3.40 -7.00
C SER A 214 23.14 4.17 -7.86
N ILE A 215 22.64 5.15 -8.62
CA ILE A 215 23.47 6.00 -9.48
C ILE A 215 24.48 6.74 -8.60
N ALA A 216 23.97 7.36 -7.52
CA ALA A 216 24.77 8.15 -6.60
C ALA A 216 25.73 7.27 -5.83
N GLU A 217 25.33 6.02 -5.57
CA GLU A 217 26.12 5.07 -4.80
C GLU A 217 27.28 4.57 -5.66
N ALA A 218 27.00 4.28 -6.93
CA ALA A 218 28.01 3.78 -7.87
C ALA A 218 29.09 4.84 -8.07
N ALA A 219 28.65 6.09 -8.21
CA ALA A 219 29.55 7.21 -8.49
C ALA A 219 30.56 7.38 -7.35
N PHE A 220 30.07 7.41 -6.12
CA PHE A 220 30.92 7.67 -4.96
C PHE A 220 31.87 6.49 -4.72
N ASN A 221 31.33 5.27 -4.80
CA ASN A 221 32.05 4.06 -4.44
C ASN A 221 33.12 3.75 -5.50
N LYS A 222 32.99 4.40 -6.67
CA LYS A 222 33.98 4.26 -7.73
C LYS A 222 34.91 5.48 -7.74
N GLY A 223 34.60 6.46 -6.87
CA GLY A 223 35.43 7.63 -6.70
C GLY A 223 35.28 8.63 -7.85
N GLU A 224 34.04 8.77 -8.34
CA GLU A 224 33.72 9.69 -9.41
C GLU A 224 33.21 11.01 -8.83
N THR A 225 32.60 10.92 -7.65
CA THR A 225 32.10 12.10 -6.95
C THR A 225 32.79 12.23 -5.60
N ALA A 226 32.84 13.47 -5.11
CA ALA A 226 33.58 13.83 -3.90
C ALA A 226 32.74 13.55 -2.66
N MET A 227 31.43 13.82 -2.75
CA MET A 227 30.55 13.76 -1.59
C MET A 227 29.26 13.02 -1.94
N THR A 228 28.59 12.53 -0.89
CA THR A 228 27.27 11.92 -0.97
C THR A 228 26.56 12.07 0.36
N ILE A 229 25.22 11.98 0.33
CA ILE A 229 24.41 12.00 1.54
C ILE A 229 23.70 10.65 1.65
N ASN A 230 24.03 9.90 2.72
CA ASN A 230 23.50 8.57 2.93
C ASN A 230 23.55 8.21 4.42
N GLY A 231 22.78 7.18 4.78
CA GLY A 231 22.70 6.69 6.15
C GLY A 231 23.77 5.65 6.45
N PRO A 232 23.82 5.11 7.69
CA PRO A 232 24.88 4.20 8.11
C PRO A 232 24.97 2.89 7.33
N TRP A 233 23.81 2.44 6.80
CA TRP A 233 23.70 1.18 6.09
C TRP A 233 24.64 1.14 4.88
N ALA A 234 24.96 2.32 4.33
CA ALA A 234 25.68 2.43 3.08
C ALA A 234 27.19 2.23 3.28
N TRP A 235 27.64 2.29 4.54
CA TRP A 235 29.05 2.34 4.85
C TRP A 235 29.77 1.06 4.42
N SER A 236 29.10 -0.09 4.58
CA SER A 236 29.71 -1.39 4.34
C SER A 236 30.00 -1.60 2.86
N ASN A 237 29.28 -0.87 1.99
CA ASN A 237 29.54 -0.88 0.56
C ASN A 237 30.78 -0.03 0.25
N ILE A 238 30.96 1.04 1.02
CA ILE A 238 32.06 1.96 0.81
C ILE A 238 33.35 1.35 1.36
N ASP A 239 33.20 0.51 2.39
CA ASP A 239 34.34 -0.15 3.04
C ASP A 239 35.08 -1.02 2.03
N THR A 240 34.31 -1.69 1.17
CA THR A 240 34.84 -2.65 0.21
C THR A 240 35.25 -1.94 -1.08
N SER A 241 34.96 -0.64 -1.16
CA SER A 241 35.14 0.14 -2.38
C SER A 241 36.57 0.67 -2.49
N ALA A 242 37.33 0.55 -1.38
CA ALA A 242 38.70 1.03 -1.29
C ALA A 242 38.77 2.54 -1.56
N VAL A 243 37.85 3.28 -0.92
CA VAL A 243 37.81 4.73 -0.99
C VAL A 243 37.89 5.26 0.44
N ASN A 244 38.91 6.09 0.71
CA ASN A 244 39.07 6.73 2.00
C ASN A 244 37.94 7.76 2.18
N TYR A 245 37.15 7.57 3.23
CA TYR A 245 35.95 8.38 3.43
C TYR A 245 35.78 8.74 4.90
N GLY A 246 35.13 9.89 5.13
CA GLY A 246 34.75 10.33 6.45
C GLY A 246 33.27 10.67 6.51
N VAL A 247 32.67 10.49 7.69
CA VAL A 247 31.28 10.85 7.94
C VAL A 247 31.28 12.13 8.77
N THR A 248 30.61 13.16 8.25
CA THR A 248 30.63 14.47 8.89
C THR A 248 29.23 15.10 8.87
N VAL A 249 29.11 16.23 9.57
CA VAL A 249 27.87 16.99 9.67
C VAL A 249 27.51 17.54 8.29
N LEU A 250 26.21 17.52 7.98
CA LEU A 250 25.68 18.00 6.71
C LEU A 250 25.94 19.50 6.60
N PRO A 251 26.28 20.01 5.39
CA PRO A 251 26.50 21.44 5.18
C PRO A 251 25.33 22.27 5.65
N THR A 252 25.63 23.49 6.13
CA THR A 252 24.62 24.41 6.60
C THR A 252 24.04 25.19 5.41
N PHE A 253 22.78 25.63 5.55
CA PHE A 253 22.14 26.44 4.54
C PHE A 253 21.64 27.74 5.16
N LYS A 254 22.10 28.87 4.60
CA LYS A 254 21.77 30.22 5.04
C LYS A 254 22.11 30.36 6.53
N GLY A 255 23.25 29.77 6.93
CA GLY A 255 23.76 29.88 8.28
C GLY A 255 22.98 29.02 9.27
N GLN A 256 22.13 28.14 8.75
CA GLN A 256 21.30 27.26 9.55
C GLN A 256 21.70 25.81 9.29
N PRO A 257 21.81 24.97 10.34
CA PRO A 257 22.21 23.56 10.16
C PRO A 257 21.14 22.79 9.40
N SER A 258 21.59 21.85 8.55
CA SER A 258 20.69 20.95 7.85
C SER A 258 20.02 20.03 8.87
N LYS A 259 18.69 19.94 8.77
CA LYS A 259 17.87 19.23 9.75
C LYS A 259 17.24 18.01 9.08
N PRO A 260 17.90 16.84 9.08
CA PRO A 260 17.33 15.62 8.52
C PRO A 260 16.26 15.03 9.44
N PHE A 261 15.29 14.34 8.83
CA PHE A 261 14.30 13.59 9.60
C PHE A 261 14.97 12.34 10.18
N VAL A 262 14.81 12.16 11.50
CA VAL A 262 15.44 11.07 12.22
C VAL A 262 14.48 9.89 12.27
N GLY A 263 14.95 8.74 11.78
CA GLY A 263 14.16 7.52 11.72
C GLY A 263 14.67 6.44 12.67
N VAL A 264 13.73 5.81 13.38
CA VAL A 264 14.05 4.71 14.29
C VAL A 264 13.58 3.42 13.63
N LEU A 265 14.54 2.56 13.26
CA LEU A 265 14.23 1.25 12.71
C LEU A 265 13.47 0.46 13.77
N SER A 266 12.26 0.03 13.43
CA SER A 266 11.35 -0.55 14.39
C SER A 266 10.79 -1.86 13.84
N ALA A 267 10.53 -2.80 14.76
CA ALA A 267 9.95 -4.09 14.42
C ALA A 267 8.57 -4.20 15.06
N GLY A 268 7.54 -4.32 14.22
CA GLY A 268 6.17 -4.49 14.68
C GLY A 268 5.68 -5.92 14.45
N ILE A 269 4.77 -6.36 15.32
CA ILE A 269 4.17 -7.68 15.22
C ILE A 269 2.80 -7.55 14.55
N ASN A 270 2.58 -8.38 13.52
CA ASN A 270 1.32 -8.41 12.79
C ASN A 270 0.21 -8.80 13.76
N ALA A 271 -0.92 -8.08 13.65
CA ALA A 271 -2.06 -8.30 14.53
C ALA A 271 -2.76 -9.61 14.17
N ALA A 272 -2.42 -10.16 13.00
CA ALA A 272 -3.05 -11.37 12.49
C ALA A 272 -2.15 -12.57 12.73
N SER A 273 -0.90 -12.32 13.14
CA SER A 273 0.09 -13.35 13.38
C SER A 273 -0.36 -14.27 14.52
N PRO A 274 -0.30 -15.61 14.34
CA PRO A 274 -0.56 -16.54 15.43
C PRO A 274 0.67 -16.79 16.30
N ASN A 275 1.80 -16.16 15.93
CA ASN A 275 3.08 -16.40 16.56
C ASN A 275 3.56 -15.14 17.26
N LYS A 276 2.61 -14.40 17.86
CA LYS A 276 2.90 -13.13 18.51
C LYS A 276 3.88 -13.33 19.66
N GLU A 277 3.70 -14.45 20.39
CA GLU A 277 4.49 -14.74 21.57
C GLU A 277 5.87 -15.27 21.17
N LEU A 278 5.95 -15.88 19.97
CA LEU A 278 7.21 -16.35 19.42
C LEU A 278 7.99 -15.16 18.87
N ALA A 279 7.27 -14.23 18.24
CA ALA A 279 7.86 -13.02 17.69
C ALA A 279 8.47 -12.18 18.81
N LYS A 280 7.72 -12.07 19.92
CA LYS A 280 8.16 -11.35 21.11
C LYS A 280 9.48 -11.92 21.60
N GLU A 281 9.58 -13.25 21.64
CA GLU A 281 10.74 -13.95 22.16
C GLU A 281 11.95 -13.70 21.26
N PHE A 282 11.72 -13.71 19.94
CA PHE A 282 12.77 -13.52 18.96
C PHE A 282 13.37 -12.12 19.10
N LEU A 283 12.49 -11.11 19.18
CA LEU A 283 12.92 -9.72 19.18
C LEU A 283 13.59 -9.37 20.51
N GLU A 284 13.00 -9.84 21.62
CA GLU A 284 13.42 -9.44 22.96
C GLU A 284 14.68 -10.19 23.38
N ASN A 285 14.78 -11.48 23.01
CA ASN A 285 15.78 -12.36 23.59
C ASN A 285 16.89 -12.68 22.59
N TYR A 286 16.68 -12.36 21.31
CA TYR A 286 17.63 -12.75 20.29
C TYR A 286 18.15 -11.53 19.51
N LEU A 287 17.23 -10.73 18.96
CA LEU A 287 17.64 -9.61 18.13
C LEU A 287 18.19 -8.49 19.01
N LEU A 288 17.41 -8.07 20.02
CA LEU A 288 17.80 -6.97 20.89
C LEU A 288 18.73 -7.48 21.99
N THR A 289 19.90 -7.96 21.56
CA THR A 289 21.00 -8.36 22.43
C THR A 289 22.30 -7.85 21.83
N ASP A 290 23.39 -7.92 22.61
CA ASP A 290 24.70 -7.49 22.16
C ASP A 290 25.10 -8.30 20.92
N GLU A 291 24.97 -9.63 21.02
CA GLU A 291 25.38 -10.55 19.99
C GLU A 291 24.40 -10.49 18.80
N GLY A 292 23.12 -10.25 19.11
CA GLY A 292 22.08 -10.20 18.11
C GLY A 292 22.22 -9.00 17.18
N LEU A 293 22.44 -7.82 17.79
CA LEU A 293 22.55 -6.57 17.04
C LEU A 293 23.88 -6.54 16.27
N GLU A 294 24.91 -7.16 16.84
CA GLU A 294 26.23 -7.20 16.23
C GLU A 294 26.17 -7.92 14.89
N ALA A 295 25.44 -9.05 14.87
CA ALA A 295 25.31 -9.89 13.69
C ALA A 295 24.69 -9.10 12.54
N VAL A 296 23.69 -8.28 12.85
CA VAL A 296 23.01 -7.45 11.88
C VAL A 296 23.93 -6.29 11.49
N ASN A 297 24.67 -5.77 12.48
CA ASN A 297 25.53 -4.61 12.32
C ASN A 297 26.69 -4.94 11.38
N LYS A 298 27.21 -6.16 11.51
CA LYS A 298 28.37 -6.61 10.75
C LYS A 298 28.05 -6.68 9.26
N ASP A 299 26.79 -7.02 8.94
CA ASP A 299 26.31 -7.06 7.57
C ASP A 299 26.18 -5.63 7.06
N LYS A 300 25.22 -4.88 7.63
CA LYS A 300 25.00 -3.48 7.31
C LYS A 300 24.84 -2.71 8.61
N PRO A 301 25.63 -1.62 8.85
CA PRO A 301 25.52 -0.83 10.07
C PRO A 301 24.09 -0.33 10.31
N LEU A 302 23.62 -0.51 11.55
CA LEU A 302 22.26 -0.16 11.95
C LEU A 302 22.18 1.33 12.27
N GLY A 303 23.33 1.91 12.59
CA GLY A 303 23.40 3.27 13.12
C GLY A 303 23.59 3.25 14.63
N ALA A 304 22.92 4.17 15.32
CA ALA A 304 22.94 4.21 16.78
C ALA A 304 21.79 3.36 17.32
N VAL A 305 22.14 2.22 17.93
CA VAL A 305 21.17 1.22 18.34
C VAL A 305 20.44 1.67 19.61
N ALA A 306 19.24 1.11 19.81
CA ALA A 306 18.39 1.44 20.94
C ALA A 306 18.90 0.75 22.21
N LEU A 307 19.52 -0.42 22.04
CA LEU A 307 20.06 -1.19 23.16
C LEU A 307 21.23 -0.43 23.76
N LYS A 308 21.13 -0.16 25.07
CA LYS A 308 22.05 0.70 25.80
C LYS A 308 23.45 0.10 25.82
N SER A 309 23.52 -1.21 26.09
CA SER A 309 24.79 -1.91 26.30
C SER A 309 25.66 -1.86 25.04
N TYR A 310 25.03 -2.07 23.88
CA TYR A 310 25.76 -2.17 22.62
C TYR A 310 26.04 -0.79 22.05
N GLU A 311 25.22 0.20 22.44
CA GLU A 311 25.37 1.56 21.94
C GLU A 311 26.61 2.21 22.54
N GLU A 312 26.95 1.81 23.77
CA GLU A 312 28.09 2.34 24.50
C GLU A 312 29.39 1.89 23.82
N GLU A 313 29.28 0.87 22.97
CA GLU A 313 30.41 0.37 22.19
C GLU A 313 30.46 1.08 20.84
N LEU A 314 29.28 1.30 20.25
CA LEU A 314 29.17 1.84 18.90
C LEU A 314 29.43 3.35 18.91
N ALA A 315 29.18 4.00 20.05
CA ALA A 315 29.29 5.45 20.16
C ALA A 315 30.75 5.89 20.11
N LYS A 316 31.67 4.92 20.25
CA LYS A 316 33.10 5.17 20.20
C LYS A 316 33.52 5.36 18.74
N ASP A 317 32.74 4.79 17.82
CA ASP A 317 32.97 4.93 16.39
C ASP A 317 32.62 6.36 15.98
N PRO A 318 33.58 7.14 15.44
CA PRO A 318 33.34 8.53 15.06
C PRO A 318 32.24 8.72 14.01
N ARG A 319 32.00 7.67 13.21
CA ARG A 319 30.98 7.69 12.17
C ARG A 319 29.61 7.77 12.81
N ILE A 320 29.45 7.06 13.94
CA ILE A 320 28.21 7.03 14.71
C ILE A 320 27.99 8.38 15.36
N ALA A 321 29.07 8.93 15.97
CA ALA A 321 29.04 10.24 16.60
C ALA A 321 28.65 11.30 15.58
N ALA A 322 29.11 11.13 14.34
CA ALA A 322 28.81 12.05 13.25
C ALA A 322 27.34 11.94 12.88
N THR A 323 26.82 10.71 12.85
CA THR A 323 25.42 10.44 12.56
C THR A 323 24.55 11.09 13.63
N MET A 324 24.95 10.94 14.89
CA MET A 324 24.18 11.42 16.02
C MET A 324 24.34 12.94 16.17
N GLU A 325 25.34 13.51 15.50
CA GLU A 325 25.51 14.94 15.44
C GLU A 325 24.43 15.54 14.54
N ASN A 326 24.22 14.89 13.39
CA ASN A 326 23.21 15.28 12.42
C ASN A 326 21.82 15.03 13.00
N ALA A 327 21.69 13.94 13.77
CA ALA A 327 20.44 13.54 14.38
C ALA A 327 19.96 14.61 15.37
N GLN A 328 20.91 15.19 16.11
CA GLN A 328 20.61 16.22 17.09
C GLN A 328 20.10 17.47 16.38
N LYS A 329 20.80 17.85 15.30
CA LYS A 329 20.46 19.02 14.51
C LYS A 329 19.13 18.80 13.80
N GLY A 330 18.81 17.54 13.51
CA GLY A 330 17.54 17.17 12.91
C GLY A 330 16.45 16.97 13.96
N GLU A 331 15.34 16.36 13.54
CA GLU A 331 14.21 16.10 14.42
C GLU A 331 13.69 14.69 14.18
N ILE A 332 13.26 14.03 15.27
CA ILE A 332 12.67 12.71 15.22
C ILE A 332 11.34 12.80 14.48
N MET A 333 11.12 11.86 13.56
CA MET A 333 9.94 11.86 12.70
C MET A 333 8.68 11.66 13.55
N PRO A 334 7.58 12.40 13.26
CA PRO A 334 6.27 12.05 13.80
C PRO A 334 5.83 10.69 13.27
N ASN A 335 5.05 9.96 14.07
CA ASN A 335 4.60 8.63 13.68
C ASN A 335 3.11 8.66 13.35
N ILE A 336 2.60 9.85 13.01
CA ILE A 336 1.19 10.05 12.72
C ILE A 336 0.85 9.40 11.37
N PRO A 337 -0.43 8.99 11.15
CA PRO A 337 -0.82 8.33 9.90
C PRO A 337 -0.60 9.16 8.63
N GLN A 338 -0.47 10.49 8.79
CA GLN A 338 -0.42 11.42 7.67
C GLN A 338 0.97 11.44 7.04
N MET A 339 1.93 10.77 7.68
CA MET A 339 3.32 10.76 7.22
C MET A 339 3.39 10.14 5.82
N SER A 340 2.47 9.22 5.53
CA SER A 340 2.36 8.61 4.22
C SER A 340 2.02 9.67 3.18
N ALA A 341 1.01 10.49 3.50
CA ALA A 341 0.55 11.56 2.64
C ALA A 341 1.65 12.59 2.44
N PHE A 342 2.30 12.97 3.55
CA PHE A 342 3.36 13.97 3.56
C PHE A 342 4.50 13.54 2.63
N TRP A 343 4.97 12.31 2.81
CA TRP A 343 6.16 11.81 2.12
C TRP A 343 5.92 11.74 0.61
N TYR A 344 4.68 11.45 0.22
CA TYR A 344 4.35 11.35 -1.20
C TYR A 344 4.10 12.73 -1.80
N ALA A 345 3.68 13.67 -0.94
CA ALA A 345 3.41 15.04 -1.36
C ALA A 345 4.72 15.78 -1.63
N VAL A 346 5.72 15.54 -0.78
CA VAL A 346 7.02 16.18 -0.88
C VAL A 346 7.82 15.48 -1.98
N ARG A 347 7.51 14.20 -2.22
CA ARG A 347 8.17 13.42 -3.27
C ARG A 347 7.82 14.01 -4.63
N THR A 348 6.52 14.26 -4.84
CA THR A 348 5.99 14.76 -6.10
C THR A 348 6.55 16.16 -6.37
N ALA A 349 6.56 17.01 -5.34
CA ALA A 349 6.95 18.40 -5.46
C ALA A 349 8.43 18.51 -5.79
N VAL A 350 9.25 17.65 -5.18
CA VAL A 350 10.70 17.67 -5.39
C VAL A 350 11.03 17.17 -6.79
N ILE A 351 10.33 16.13 -7.24
CA ILE A 351 10.56 15.52 -8.54
C ILE A 351 10.15 16.49 -9.64
N ASN A 352 8.98 17.13 -9.46
CA ASN A 352 8.42 18.04 -10.45
C ASN A 352 9.30 19.27 -10.60
N ALA A 353 9.84 19.77 -9.48
CA ALA A 353 10.68 20.96 -9.47
C ALA A 353 12.03 20.66 -10.13
N ALA A 354 12.58 19.47 -9.83
CA ALA A 354 13.88 19.06 -10.32
C ALA A 354 13.83 18.80 -11.82
N SER A 355 12.69 18.25 -12.28
CA SER A 355 12.49 17.93 -13.69
C SER A 355 12.12 19.19 -14.46
N GLY A 356 11.72 20.23 -13.73
CA GLY A 356 11.32 21.50 -14.34
C GLY A 356 9.88 21.45 -14.88
N ARG A 357 9.10 20.49 -14.37
CA ARG A 357 7.71 20.32 -14.76
C ARG A 357 6.87 21.42 -14.12
N GLN A 358 7.32 21.87 -12.94
CA GLN A 358 6.70 22.96 -12.22
C GLN A 358 7.77 23.84 -11.59
N THR A 359 7.40 25.08 -11.23
CA THR A 359 8.28 25.96 -10.48
C THR A 359 8.25 25.56 -9.01
N VAL A 360 9.22 26.06 -8.24
CA VAL A 360 9.36 25.75 -6.83
C VAL A 360 8.09 26.17 -6.09
N ASP A 361 7.56 27.37 -6.44
CA ASP A 361 6.39 27.92 -5.80
C ASP A 361 5.15 27.11 -6.15
N GLU A 362 5.11 26.61 -7.40
CA GLU A 362 3.97 25.87 -7.92
C GLU A 362 3.91 24.48 -7.28
N ALA A 363 5.08 23.84 -7.15
CA ALA A 363 5.20 22.48 -6.66
C ALA A 363 4.84 22.41 -5.18
N LEU A 364 5.28 23.43 -4.42
CA LEU A 364 5.11 23.45 -2.98
C LEU A 364 3.69 23.87 -2.61
N LYS A 365 3.01 24.57 -3.55
CA LYS A 365 1.64 24.98 -3.34
C LYS A 365 0.74 23.74 -3.37
N ASP A 366 1.04 22.81 -4.28
CA ASP A 366 0.31 21.56 -4.42
C ASP A 366 0.56 20.69 -3.19
N ALA A 367 1.83 20.65 -2.75
CA ALA A 367 2.28 19.78 -1.67
C ALA A 367 1.70 20.24 -0.32
N GLN A 368 1.30 21.52 -0.25
CA GLN A 368 0.80 22.11 0.98
C GLN A 368 -0.55 21.50 1.35
N THR A 369 -1.39 21.28 0.34
CA THR A 369 -2.74 20.78 0.54
C THR A 369 -2.76 19.25 0.46
N ASN A 370 -1.64 18.67 0.02
CA ASN A 370 -1.54 17.24 -0.21
C ASN A 370 -0.93 16.53 0.99
N ALA A 371 -0.33 17.31 1.89
CA ALA A 371 0.52 16.79 2.96
C ALA A 371 -0.30 15.97 3.96
N ALA A 372 -1.60 16.25 4.03
CA ALA A 372 -2.49 15.54 4.94
C ALA A 372 -3.53 14.73 4.16
N ALA A 373 -3.47 14.84 2.83
CA ALA A 373 -4.42 14.17 1.96
C ALA A 373 -4.08 12.68 1.86
N MET A 374 -4.81 11.87 2.63
CA MET A 374 -4.56 10.44 2.76
C MET A 374 -4.99 9.72 1.48
N GLY A 375 -6.14 10.11 0.93
CA GLY A 375 -6.76 9.40 -0.18
C GLY A 375 -6.27 9.88 -1.53
N VAL A 376 -6.67 11.10 -1.91
CA VAL A 376 -6.40 11.65 -3.22
C VAL A 376 -5.42 12.83 -3.09
N GLN A 377 -4.49 12.93 -4.04
CA GLN A 377 -3.55 14.03 -4.10
C GLN A 377 -3.61 14.68 -5.49
N VAL A 378 -3.65 16.01 -5.49
CA VAL A 378 -3.89 16.81 -6.68
C VAL A 378 -2.57 17.42 -7.15
N GLU A 379 -2.30 17.28 -8.45
CA GLU A 379 -1.15 17.91 -9.10
C GLU A 379 -1.66 18.83 -10.20
N THR A 380 -1.53 20.15 -9.97
CA THR A 380 -2.03 21.17 -10.87
C THR A 380 -1.22 21.14 -12.18
N ILE A 381 -1.94 21.07 -13.31
CA ILE A 381 -1.33 21.10 -14.62
C ILE A 381 -1.44 22.53 -15.18
N SER A 382 -2.58 23.16 -14.94
CA SER A 382 -2.82 24.55 -15.31
C SER A 382 -3.95 25.12 -14.45
N PRO A 383 -3.81 26.34 -13.89
CA PRO A 383 -4.76 26.86 -12.89
C PRO A 383 -6.15 27.17 -13.44
N GLY A 384 -7.10 27.36 -12.53
CA GLY A 384 -8.45 27.78 -12.87
C GLY A 384 -8.70 29.24 -12.49
N ASP A 385 -9.98 29.59 -12.27
CA ASP A 385 -10.36 30.95 -11.92
C ASP A 385 -10.13 31.19 -10.43
N GLY A 386 -10.14 30.10 -9.65
CA GLY A 386 -9.74 30.13 -8.26
C GLY A 386 -10.79 30.75 -7.33
N ARG A 387 -12.06 30.74 -7.78
CA ARG A 387 -13.16 31.24 -6.98
C ARG A 387 -14.45 30.51 -7.35
N THR A 388 -14.36 29.59 -8.31
CA THR A 388 -15.52 28.81 -8.74
C THR A 388 -15.28 27.33 -8.49
N PHE A 389 -15.52 26.92 -7.23
CA PHE A 389 -15.39 25.54 -6.81
C PHE A 389 -16.77 24.91 -6.77
N PRO A 390 -16.93 23.65 -7.27
CA PRO A 390 -18.23 22.99 -7.29
C PRO A 390 -18.72 22.60 -5.90
N LYS A 391 -20.05 22.65 -5.72
CA LYS A 391 -20.67 22.34 -4.44
C LYS A 391 -21.63 21.16 -4.59
N ARG A 392 -21.96 20.54 -3.46
CA ARG A 392 -22.85 19.40 -3.37
C ARG A 392 -24.16 19.71 -4.11
N GLY A 393 -24.48 18.87 -5.10
CA GLY A 393 -25.74 18.95 -5.82
C GLY A 393 -25.56 19.44 -7.27
N GLN A 394 -24.40 20.04 -7.55
CA GLN A 394 -24.12 20.61 -8.86
C GLN A 394 -23.55 19.54 -9.79
N THR A 395 -23.64 19.80 -11.09
CA THR A 395 -23.10 18.93 -12.13
C THR A 395 -21.77 19.50 -12.61
N CYS A 396 -20.80 18.61 -12.84
CA CYS A 396 -19.47 18.99 -13.31
C CYS A 396 -19.21 18.37 -14.67
N VAL A 397 -19.01 19.23 -15.67
CA VAL A 397 -18.64 18.81 -17.03
C VAL A 397 -17.12 18.81 -17.12
N VAL A 398 -16.54 17.62 -17.32
CA VAL A 398 -15.10 17.46 -17.28
C VAL A 398 -14.65 16.61 -18.47
N HIS A 399 -13.37 16.78 -18.84
CA HIS A 399 -12.66 15.83 -19.69
C HIS A 399 -11.60 15.14 -18.84
N TYR A 400 -11.41 13.83 -19.06
CA TYR A 400 -10.54 13.03 -18.22
C TYR A 400 -9.81 11.95 -19.02
N THR A 401 -8.75 11.41 -18.39
CA THR A 401 -8.03 10.23 -18.87
C THR A 401 -7.64 9.40 -17.64
N GLY A 402 -7.92 8.09 -17.70
CA GLY A 402 -7.62 7.18 -16.61
C GLY A 402 -6.39 6.33 -16.92
N MET A 403 -5.46 6.30 -15.96
CA MET A 403 -4.20 5.59 -16.11
C MET A 403 -3.86 4.85 -14.81
N LEU A 404 -3.10 3.75 -14.95
CA LEU A 404 -2.56 3.02 -13.82
C LEU A 404 -1.11 3.46 -13.60
N GLU A 405 -0.71 3.56 -12.34
CA GLU A 405 0.66 3.94 -12.00
C GLU A 405 1.59 2.72 -12.15
N ILE B 5 11.46 8.38 -28.26
CA ILE B 5 12.54 9.40 -28.14
C ILE B 5 12.07 10.70 -28.79
N GLU B 6 12.70 11.81 -28.39
CA GLU B 6 12.29 13.16 -28.75
C GLU B 6 12.98 13.59 -30.04
N GLU B 7 12.18 14.14 -30.97
CA GLU B 7 12.68 14.66 -32.24
C GLU B 7 13.24 16.06 -32.02
N GLY B 8 14.30 16.37 -32.76
CA GLY B 8 14.94 17.69 -32.71
C GLY B 8 16.13 17.72 -31.75
N LYS B 9 16.42 16.56 -31.14
CA LYS B 9 17.54 16.43 -30.21
C LYS B 9 18.19 15.06 -30.40
N LEU B 10 19.46 14.96 -30.01
CA LEU B 10 20.22 13.72 -30.09
C LEU B 10 20.68 13.31 -28.69
N VAL B 11 20.31 12.09 -28.30
CA VAL B 11 20.74 11.50 -27.04
C VAL B 11 21.84 10.49 -27.34
N ILE B 12 22.98 10.65 -26.66
CA ILE B 12 24.15 9.81 -26.87
C ILE B 12 24.44 9.02 -25.60
N TRP B 13 24.53 7.69 -25.76
CA TRP B 13 24.87 6.79 -24.69
C TRP B 13 26.26 6.21 -24.93
N ILE B 14 27.19 6.49 -24.00
CA ILE B 14 28.55 5.98 -24.05
C ILE B 14 28.93 5.49 -22.65
N ASN B 15 29.87 4.55 -22.59
CA ASN B 15 30.32 3.98 -21.32
C ASN B 15 31.04 5.05 -20.51
N GLY B 16 30.95 4.93 -19.18
CA GLY B 16 31.41 5.96 -18.25
C GLY B 16 32.93 6.10 -18.20
N ASP B 17 33.64 5.05 -18.65
CA ASP B 17 35.10 5.02 -18.58
C ASP B 17 35.70 5.74 -19.79
N LYS B 18 34.85 6.05 -20.78
CA LYS B 18 35.27 6.67 -22.02
C LYS B 18 35.33 8.19 -21.85
N GLY B 19 35.76 8.88 -22.91
CA GLY B 19 35.92 10.32 -22.92
C GLY B 19 34.67 11.04 -23.39
N TYR B 20 33.62 11.00 -22.56
CA TYR B 20 32.32 11.54 -22.90
C TYR B 20 32.31 13.07 -22.74
N ASN B 21 33.25 13.58 -21.93
CA ASN B 21 33.40 15.02 -21.72
C ASN B 21 33.68 15.70 -23.06
N GLY B 22 34.63 15.13 -23.82
CA GLY B 22 35.01 15.63 -25.13
C GLY B 22 33.92 15.40 -26.15
N LEU B 23 33.24 14.25 -26.03
CA LEU B 23 32.14 13.88 -26.93
C LEU B 23 30.99 14.86 -26.76
N ALA B 24 30.86 15.42 -25.56
CA ALA B 24 29.84 16.41 -25.25
C ALA B 24 30.19 17.74 -25.94
N GLU B 25 31.48 18.04 -26.02
CA GLU B 25 31.97 19.30 -26.56
C GLU B 25 31.89 19.29 -28.09
N VAL B 26 31.95 18.09 -28.67
CA VAL B 26 31.77 17.90 -30.10
C VAL B 26 30.31 18.21 -30.45
N GLY B 27 29.40 17.84 -29.54
CA GLY B 27 27.98 18.10 -29.68
C GLY B 27 27.63 19.57 -29.47
N LYS B 28 28.50 20.29 -28.74
CA LYS B 28 28.32 21.71 -28.48
C LYS B 28 28.72 22.50 -29.72
N LYS B 29 29.64 21.94 -30.52
CA LYS B 29 30.01 22.49 -31.81
C LYS B 29 28.88 22.23 -32.81
N PHE B 30 28.22 21.07 -32.65
CA PHE B 30 27.09 20.67 -33.48
C PHE B 30 25.88 21.55 -33.17
N GLU B 31 25.82 22.06 -31.94
CA GLU B 31 24.74 22.91 -31.48
C GLU B 31 24.97 24.34 -31.96
N LYS B 32 26.23 24.74 -32.03
CA LYS B 32 26.63 26.09 -32.40
C LYS B 32 26.48 26.28 -33.91
N ASP B 33 26.42 25.15 -34.64
CA ASP B 33 26.40 25.17 -36.09
C ASP B 33 24.99 24.88 -36.62
N THR B 34 24.48 23.67 -36.33
CA THR B 34 23.21 23.22 -36.87
C THR B 34 22.06 23.65 -35.97
N GLY B 35 22.36 23.92 -34.70
CA GLY B 35 21.38 24.44 -33.75
C GLY B 35 20.63 23.34 -33.02
N ILE B 36 21.24 22.14 -32.97
CA ILE B 36 20.62 20.98 -32.35
C ILE B 36 21.33 20.69 -31.03
N LYS B 37 20.56 20.67 -29.93
CA LYS B 37 21.08 20.36 -28.61
C LYS B 37 21.42 18.87 -28.54
N VAL B 38 22.57 18.57 -27.92
CA VAL B 38 23.07 17.21 -27.82
C VAL B 38 23.36 16.91 -26.35
N THR B 39 22.77 15.82 -25.85
CA THR B 39 23.00 15.35 -24.49
C THR B 39 23.73 14.01 -24.52
N VAL B 40 24.89 13.96 -23.88
CA VAL B 40 25.71 12.76 -23.83
C VAL B 40 25.60 12.16 -22.43
N GLU B 41 24.78 11.11 -22.33
CA GLU B 41 24.55 10.41 -21.07
C GLU B 41 25.44 9.17 -21.01
N HIS B 42 25.72 8.71 -19.78
CA HIS B 42 26.56 7.56 -19.56
C HIS B 42 25.95 6.64 -18.50
N PRO B 43 24.79 6.00 -18.77
CA PRO B 43 24.12 5.15 -17.78
C PRO B 43 24.86 3.83 -17.57
N ASP B 44 24.78 3.30 -16.35
CA ASP B 44 25.42 2.05 -15.98
C ASP B 44 24.69 0.88 -16.63
N LYS B 45 25.45 -0.19 -16.92
CA LYS B 45 24.96 -1.38 -17.59
C LYS B 45 24.32 -0.99 -18.92
N LEU B 46 25.00 -0.11 -19.66
CA LEU B 46 24.53 0.45 -20.91
C LEU B 46 24.22 -0.68 -21.91
N GLU B 47 25.11 -1.67 -21.96
CA GLU B 47 25.04 -2.75 -22.92
C GLU B 47 23.87 -3.68 -22.59
N GLU B 48 23.42 -3.63 -21.33
CA GLU B 48 22.32 -4.46 -20.86
C GLU B 48 21.02 -3.66 -20.90
N LYS B 49 21.12 -2.34 -20.71
CA LYS B 49 19.96 -1.46 -20.61
C LYS B 49 19.36 -1.18 -21.98
N PHE B 50 20.24 -1.03 -22.99
CA PHE B 50 19.85 -0.58 -24.31
C PHE B 50 18.85 -1.55 -24.97
N PRO B 51 19.15 -2.86 -25.06
CA PRO B 51 18.30 -3.79 -25.81
C PRO B 51 16.89 -3.95 -25.24
N GLN B 52 16.69 -3.52 -23.99
CA GLN B 52 15.41 -3.61 -23.31
C GLN B 52 14.54 -2.43 -23.71
N VAL B 53 15.17 -1.27 -23.98
CA VAL B 53 14.47 -0.04 -24.25
C VAL B 53 14.35 0.18 -25.75
N ALA B 54 14.79 -0.81 -26.53
CA ALA B 54 14.84 -0.69 -27.98
C ALA B 54 13.66 -1.43 -28.62
N ALA B 55 13.13 -2.42 -27.91
CA ALA B 55 11.92 -3.12 -28.32
C ALA B 55 10.70 -2.26 -27.99
N THR B 56 10.84 -1.41 -26.97
CA THR B 56 9.80 -0.50 -26.54
C THR B 56 9.67 0.64 -27.55
N GLY B 57 10.80 1.27 -27.87
CA GLY B 57 10.84 2.30 -28.91
C GLY B 57 11.44 3.62 -28.42
N ASP B 58 11.65 3.73 -27.10
CA ASP B 58 12.23 4.93 -26.51
C ASP B 58 13.57 4.58 -25.89
N GLY B 59 14.65 4.98 -26.57
CA GLY B 59 16.01 4.81 -26.07
C GLY B 59 16.89 5.99 -26.47
N PRO B 60 18.24 5.81 -26.52
CA PRO B 60 19.13 6.86 -27.02
C PRO B 60 19.09 6.91 -28.55
N ASP B 61 19.50 8.06 -29.11
CA ASP B 61 19.61 8.22 -30.55
C ASP B 61 20.84 7.46 -31.04
N ILE B 62 21.95 7.63 -30.31
CA ILE B 62 23.23 7.01 -30.65
C ILE B 62 23.75 6.24 -29.45
N ILE B 63 24.19 5.00 -29.69
CA ILE B 63 24.79 4.15 -28.68
C ILE B 63 26.27 3.92 -29.02
N PHE B 64 27.12 4.05 -28.00
CA PHE B 64 28.55 3.80 -28.14
C PHE B 64 28.95 2.58 -27.32
N TRP B 65 29.31 1.50 -28.02
CA TRP B 65 29.84 0.29 -27.40
C TRP B 65 30.69 -0.46 -28.42
N ALA B 66 31.37 -1.52 -27.95
CA ALA B 66 32.18 -2.38 -28.80
C ALA B 66 31.28 -3.20 -29.73
N HIS B 67 31.84 -3.65 -30.85
CA HIS B 67 31.09 -4.15 -32.00
C HIS B 67 30.45 -5.51 -31.71
N ASP B 68 30.91 -6.18 -30.64
CA ASP B 68 30.48 -7.55 -30.35
C ASP B 68 29.01 -7.59 -29.94
N ARG B 69 28.55 -6.52 -29.27
CA ARG B 69 27.19 -6.44 -28.77
C ARG B 69 26.23 -6.05 -29.90
N PHE B 70 26.78 -5.44 -30.96
CA PHE B 70 26.01 -4.77 -31.99
C PHE B 70 25.29 -5.77 -32.90
N GLY B 71 25.91 -6.92 -33.16
CA GLY B 71 25.33 -7.95 -34.01
C GLY B 71 24.06 -8.54 -33.40
N GLY B 72 24.02 -8.59 -32.06
CA GLY B 72 22.85 -9.03 -31.33
C GLY B 72 21.72 -8.01 -31.40
N TYR B 73 22.11 -6.73 -31.35
CA TYR B 73 21.15 -5.62 -31.43
C TYR B 73 20.58 -5.56 -32.85
N ALA B 74 21.43 -5.85 -33.84
CA ALA B 74 21.10 -5.73 -35.25
C ALA B 74 20.02 -6.73 -35.63
N GLN B 75 20.09 -7.94 -35.08
CA GLN B 75 19.14 -9.00 -35.38
C GLN B 75 17.80 -8.70 -34.70
N SER B 76 17.86 -7.99 -33.56
CA SER B 76 16.66 -7.55 -32.87
C SER B 76 16.06 -6.35 -33.59
N GLY B 77 16.76 -5.85 -34.61
CA GLY B 77 16.32 -4.73 -35.42
C GLY B 77 16.25 -3.43 -34.62
N LEU B 78 17.21 -3.25 -33.71
CA LEU B 78 17.24 -2.10 -32.82
C LEU B 78 18.14 -1.02 -33.41
N LEU B 79 18.91 -1.40 -34.44
CA LEU B 79 19.80 -0.50 -35.13
C LEU B 79 19.33 -0.35 -36.58
N ALA B 80 19.22 0.91 -37.03
CA ALA B 80 18.91 1.23 -38.41
C ALA B 80 20.18 1.08 -39.25
N GLU B 81 20.00 0.60 -40.49
CA GLU B 81 21.12 0.41 -41.41
C GLU B 81 21.66 1.77 -41.84
N ILE B 82 22.98 1.95 -41.68
CA ILE B 82 23.65 3.17 -42.07
C ILE B 82 24.16 3.01 -43.49
N THR B 83 23.91 4.03 -44.33
CA THR B 83 24.35 4.01 -45.72
C THR B 83 25.21 5.25 -46.00
N PRO B 84 26.49 5.24 -45.57
CA PRO B 84 27.39 6.37 -45.85
C PRO B 84 27.86 6.34 -47.30
N ALA B 85 28.23 7.51 -47.82
CA ALA B 85 28.76 7.65 -49.17
C ALA B 85 30.06 6.87 -49.30
N ALA B 86 30.38 6.46 -50.54
CA ALA B 86 31.57 5.68 -50.82
C ALA B 86 32.83 6.52 -50.61
N ALA B 87 32.66 7.85 -50.64
CA ALA B 87 33.75 8.79 -50.44
C ALA B 87 34.13 8.84 -48.95
N PHE B 88 33.13 8.64 -48.09
CA PHE B 88 33.34 8.68 -46.65
C PHE B 88 33.92 7.35 -46.15
N GLN B 89 33.52 6.25 -46.80
CA GLN B 89 33.91 4.91 -46.40
C GLN B 89 35.43 4.76 -46.49
N ASP B 90 36.04 5.43 -47.48
CA ASP B 90 37.46 5.30 -47.77
C ASP B 90 38.27 6.10 -46.76
N LYS B 91 37.59 6.84 -45.88
CA LYS B 91 38.24 7.65 -44.86
C LYS B 91 38.51 6.80 -43.62
N LEU B 92 37.88 5.62 -43.54
CA LEU B 92 38.12 4.67 -42.48
C LEU B 92 38.74 3.40 -43.05
N TYR B 93 39.52 2.69 -42.23
CA TYR B 93 40.18 1.47 -42.63
C TYR B 93 39.14 0.37 -42.89
N PRO B 94 39.27 -0.40 -43.99
CA PRO B 94 38.28 -1.42 -44.35
C PRO B 94 37.94 -2.46 -43.29
N PHE B 95 38.92 -2.77 -42.42
CA PHE B 95 38.77 -3.82 -41.43
C PHE B 95 37.85 -3.38 -40.30
N THR B 96 37.80 -2.06 -40.06
CA THR B 96 36.95 -1.49 -39.02
C THR B 96 35.49 -1.58 -39.46
N TRP B 97 35.28 -1.58 -40.79
CA TRP B 97 33.95 -1.76 -41.37
C TRP B 97 33.54 -3.22 -41.27
N ASP B 98 34.51 -4.13 -41.43
CA ASP B 98 34.28 -5.56 -41.41
C ASP B 98 33.67 -5.98 -40.08
N ALA B 99 34.03 -5.26 -39.01
CA ALA B 99 33.61 -5.57 -37.66
C ALA B 99 32.14 -5.18 -37.45
N VAL B 100 31.68 -4.18 -38.21
CA VAL B 100 30.33 -3.65 -38.04
C VAL B 100 29.47 -4.04 -39.25
N ARG B 101 29.53 -5.31 -39.63
CA ARG B 101 28.74 -5.82 -40.74
C ARG B 101 28.00 -7.09 -40.30
N TYR B 102 26.67 -6.99 -40.23
CA TYR B 102 25.81 -8.12 -39.89
C TYR B 102 24.86 -8.38 -41.07
N ASN B 103 24.91 -9.62 -41.58
CA ASN B 103 24.12 -10.06 -42.72
C ASN B 103 24.42 -9.18 -43.95
N GLY B 104 25.68 -8.74 -44.05
CA GLY B 104 26.14 -7.93 -45.17
C GLY B 104 25.56 -6.52 -45.16
N LYS B 105 25.23 -6.02 -43.96
CA LYS B 105 24.66 -4.70 -43.80
C LYS B 105 25.50 -3.91 -42.80
N LEU B 106 25.75 -2.63 -43.12
CA LEU B 106 26.44 -1.72 -42.21
C LEU B 106 25.46 -1.28 -41.13
N ILE B 107 25.80 -1.60 -39.87
CA ILE B 107 24.89 -1.43 -38.76
C ILE B 107 25.36 -0.29 -37.86
N ALA B 108 26.67 0.00 -37.89
CA ALA B 108 27.26 1.00 -37.01
C ALA B 108 28.49 1.62 -37.67
N TYR B 109 28.84 2.82 -37.21
CA TYR B 109 30.07 3.51 -37.62
C TYR B 109 31.20 3.13 -36.67
N PRO B 110 32.33 2.59 -37.18
CA PRO B 110 33.48 2.29 -36.33
C PRO B 110 34.25 3.56 -35.97
N ILE B 111 34.76 3.61 -34.74
CA ILE B 111 35.43 4.80 -34.21
C ILE B 111 36.90 4.49 -33.95
N ALA B 112 37.17 3.53 -33.06
CA ALA B 112 38.53 3.24 -32.64
C ALA B 112 38.67 1.77 -32.23
N VAL B 113 39.88 1.23 -32.45
CA VAL B 113 40.26 -0.12 -32.06
C VAL B 113 40.86 -0.07 -30.66
N GLU B 114 40.39 -0.98 -29.80
CA GLU B 114 40.84 -1.08 -28.42
C GLU B 114 41.49 -2.44 -28.19
N ALA B 115 42.55 -2.44 -27.38
CA ALA B 115 43.25 -3.66 -27.00
C ALA B 115 43.86 -3.50 -25.61
N LEU B 116 43.79 -4.57 -24.82
CA LEU B 116 44.38 -4.60 -23.49
C LEU B 116 45.89 -4.75 -23.61
N SER B 117 46.61 -3.83 -22.97
CA SER B 117 48.06 -3.88 -22.89
C SER B 117 48.47 -4.18 -21.45
N LEU B 118 49.78 -4.07 -21.17
CA LEU B 118 50.28 -4.17 -19.80
C LEU B 118 50.90 -2.83 -19.42
N ILE B 119 50.32 -2.19 -18.40
CA ILE B 119 50.79 -0.92 -17.90
C ILE B 119 51.57 -1.17 -16.60
N TYR B 120 52.80 -0.66 -16.55
CA TYR B 120 53.70 -0.95 -15.44
C TYR B 120 54.34 0.33 -14.91
N ASN B 121 54.59 0.34 -13.59
CA ASN B 121 55.24 1.43 -12.90
C ASN B 121 56.75 1.33 -13.13
N LYS B 122 57.32 2.35 -13.78
CA LYS B 122 58.72 2.33 -14.18
C LYS B 122 59.62 2.55 -12.98
N ASP B 123 59.07 3.15 -11.91
CA ASP B 123 59.82 3.46 -10.70
C ASP B 123 59.96 2.18 -9.86
N LEU B 124 58.88 1.39 -9.80
CA LEU B 124 58.83 0.20 -8.97
C LEU B 124 59.40 -0.99 -9.74
N LEU B 125 59.23 -0.98 -11.06
CA LEU B 125 59.65 -2.07 -11.91
C LEU B 125 60.31 -1.53 -13.17
N PRO B 126 61.65 -1.67 -13.31
CA PRO B 126 62.37 -1.15 -14.48
C PRO B 126 62.12 -1.97 -15.74
N ASN B 127 62.09 -3.30 -15.57
CA ASN B 127 61.83 -4.22 -16.67
C ASN B 127 60.51 -4.94 -16.41
N PRO B 128 59.48 -4.75 -17.27
CA PRO B 128 58.25 -5.52 -17.17
C PRO B 128 58.51 -6.98 -17.55
N PRO B 129 57.97 -7.95 -16.79
CA PRO B 129 58.20 -9.37 -17.08
C PRO B 129 57.63 -9.79 -18.43
N LYS B 130 58.32 -10.74 -19.09
CA LYS B 130 57.94 -11.22 -20.40
C LYS B 130 57.03 -12.44 -20.27
N THR B 131 57.14 -13.14 -19.14
CA THR B 131 56.35 -14.35 -18.91
C THR B 131 55.38 -14.12 -17.74
N TRP B 132 54.27 -14.88 -17.75
CA TRP B 132 53.31 -14.90 -16.67
C TRP B 132 53.90 -15.61 -15.46
N GLU B 133 54.82 -16.56 -15.73
CA GLU B 133 55.28 -17.54 -14.77
C GLU B 133 56.18 -16.89 -13.70
N GLU B 134 56.76 -15.74 -14.03
CA GLU B 134 57.78 -15.12 -13.19
C GLU B 134 57.16 -14.05 -12.28
N ILE B 135 55.82 -14.00 -12.25
CA ILE B 135 55.09 -12.99 -11.49
C ILE B 135 54.95 -13.41 -10.03
N PRO B 136 54.58 -14.68 -9.71
CA PRO B 136 54.49 -15.12 -8.32
C PRO B 136 55.74 -14.81 -7.50
N ALA B 137 56.91 -14.98 -8.14
CA ALA B 137 58.19 -14.70 -7.50
C ALA B 137 58.38 -13.20 -7.34
N LEU B 138 57.89 -12.43 -8.32
CA LEU B 138 58.04 -10.98 -8.36
C LEU B 138 57.19 -10.33 -7.28
N ASP B 139 55.99 -10.90 -7.06
CA ASP B 139 55.06 -10.39 -6.06
C ASP B 139 55.62 -10.64 -4.66
N LYS B 140 56.20 -11.82 -4.47
CA LYS B 140 56.80 -12.26 -3.22
C LYS B 140 57.90 -11.27 -2.82
N GLU B 141 58.65 -10.79 -3.81
CA GLU B 141 59.74 -9.84 -3.61
C GLU B 141 59.17 -8.47 -3.28
N LEU B 142 58.14 -8.06 -4.03
CA LEU B 142 57.56 -6.73 -3.91
C LEU B 142 56.73 -6.59 -2.64
N LYS B 143 56.31 -7.74 -2.09
CA LYS B 143 55.54 -7.77 -0.84
C LYS B 143 56.41 -7.33 0.33
N ALA B 144 57.67 -7.76 0.32
CA ALA B 144 58.63 -7.44 1.36
C ALA B 144 59.03 -5.97 1.30
N LYS B 145 58.95 -5.39 0.08
CA LYS B 145 59.33 -4.01 -0.15
C LYS B 145 58.12 -3.08 0.03
N GLY B 146 56.96 -3.69 0.34
CA GLY B 146 55.80 -2.96 0.82
C GLY B 146 54.72 -2.75 -0.24
N LYS B 147 54.84 -3.47 -1.37
CA LYS B 147 53.95 -3.26 -2.50
C LYS B 147 53.42 -4.61 -3.00
N SER B 148 52.81 -4.59 -4.19
CA SER B 148 52.38 -5.79 -4.89
C SER B 148 52.77 -5.70 -6.37
N ALA B 149 52.55 -6.78 -7.11
CA ALA B 149 53.02 -6.89 -8.48
C ALA B 149 51.93 -6.47 -9.48
N LEU B 150 50.80 -7.18 -9.46
CA LEU B 150 49.79 -7.03 -10.49
C LEU B 150 48.39 -7.04 -9.88
N MET B 151 47.57 -6.07 -10.29
CA MET B 151 46.18 -5.98 -9.90
C MET B 151 45.36 -5.51 -11.10
N PHE B 152 44.27 -6.23 -11.40
CA PHE B 152 43.36 -5.87 -12.48
C PHE B 152 41.96 -6.41 -12.20
N ASN B 153 40.99 -5.92 -12.97
CA ASN B 153 39.59 -6.28 -12.84
C ASN B 153 39.44 -7.79 -13.10
N LEU B 154 38.83 -8.48 -12.12
CA LEU B 154 38.62 -9.92 -12.22
C LEU B 154 37.12 -10.20 -12.37
N GLN B 155 36.30 -9.16 -12.17
CA GLN B 155 34.85 -9.28 -12.25
C GLN B 155 34.41 -9.29 -13.71
N GLU B 156 35.28 -8.79 -14.59
CA GLU B 156 35.01 -8.75 -16.02
C GLU B 156 35.91 -9.76 -16.74
N PRO B 157 35.33 -10.65 -17.57
CA PRO B 157 36.10 -11.68 -18.27
C PRO B 157 37.00 -11.15 -19.38
N TYR B 158 36.70 -9.93 -19.86
CA TYR B 158 37.45 -9.25 -20.91
C TYR B 158 38.92 -9.15 -20.51
N PHE B 159 39.16 -8.88 -19.22
CA PHE B 159 40.49 -8.59 -18.70
C PHE B 159 41.29 -9.87 -18.49
N THR B 160 40.60 -10.97 -18.20
CA THR B 160 41.27 -12.21 -17.84
C THR B 160 41.27 -13.19 -19.01
N TRP B 161 40.64 -12.78 -20.13
CA TRP B 161 40.52 -13.64 -21.30
C TRP B 161 41.88 -13.87 -21.96
N PRO B 162 42.74 -12.84 -22.14
CA PRO B 162 44.02 -13.01 -22.82
C PRO B 162 44.86 -14.18 -22.29
N LEU B 163 44.74 -14.44 -20.98
CA LEU B 163 45.49 -15.51 -20.32
C LEU B 163 44.82 -16.85 -20.59
N ILE B 164 43.48 -16.85 -20.65
CA ILE B 164 42.69 -18.04 -20.94
C ILE B 164 42.95 -18.45 -22.38
N ALA B 165 43.01 -17.44 -23.27
CA ALA B 165 43.15 -17.65 -24.70
C ALA B 165 44.60 -17.91 -25.08
N ALA B 166 45.52 -17.64 -24.15
CA ALA B 166 46.96 -17.70 -24.40
C ALA B 166 47.36 -19.08 -24.92
N ASP B 167 46.93 -20.12 -24.21
CA ASP B 167 47.37 -21.48 -24.50
C ASP B 167 46.42 -22.14 -25.50
N GLY B 168 45.43 -21.38 -25.98
CA GLY B 168 44.57 -21.82 -27.06
C GLY B 168 43.12 -22.00 -26.64
N GLY B 169 42.63 -21.06 -25.82
CA GLY B 169 41.23 -21.03 -25.43
C GLY B 169 40.44 -20.06 -26.32
N TYR B 170 39.56 -20.61 -27.16
CA TYR B 170 38.84 -19.81 -28.15
C TYR B 170 37.35 -19.79 -27.83
N ALA B 171 36.72 -18.65 -28.10
CA ALA B 171 35.29 -18.45 -27.87
C ALA B 171 34.50 -19.31 -28.86
N PHE B 172 34.41 -18.83 -30.10
CA PHE B 172 33.76 -19.54 -31.19
C PHE B 172 34.75 -19.70 -32.33
N LYS B 173 34.85 -20.94 -32.86
CA LYS B 173 35.82 -21.26 -33.89
C LYS B 173 35.38 -20.67 -35.23
N TYR B 174 36.36 -20.16 -35.97
CA TYR B 174 36.13 -19.58 -37.29
C TYR B 174 37.00 -20.28 -38.33
N GLY B 177 34.37 -19.63 -43.04
CA GLY B 177 33.38 -18.82 -43.75
C GLY B 177 32.44 -18.10 -42.80
N LYS B 178 32.08 -18.78 -41.70
CA LYS B 178 31.21 -18.23 -40.68
C LYS B 178 31.62 -18.78 -39.32
N TYR B 179 31.35 -18.01 -38.26
CA TYR B 179 31.64 -18.41 -36.90
C TYR B 179 30.71 -19.54 -36.47
N ASP B 180 31.27 -20.74 -36.34
CA ASP B 180 30.53 -21.92 -35.91
C ASP B 180 30.28 -21.82 -34.40
N ILE B 181 29.00 -21.87 -34.01
CA ILE B 181 28.59 -21.63 -32.63
C ILE B 181 28.56 -22.96 -31.87
N LYS B 182 28.84 -24.07 -32.57
CA LYS B 182 28.87 -25.38 -31.96
C LYS B 182 30.28 -25.67 -31.43
N ASP B 183 31.30 -25.13 -32.12
CA ASP B 183 32.68 -25.28 -31.72
C ASP B 183 33.03 -24.18 -30.72
N VAL B 184 33.02 -24.55 -29.43
CA VAL B 184 33.29 -23.64 -28.34
C VAL B 184 34.47 -24.20 -27.54
N GLY B 185 35.59 -23.47 -27.54
CA GLY B 185 36.80 -23.92 -26.88
C GLY B 185 37.04 -23.20 -25.57
N VAL B 186 36.19 -23.50 -24.58
CA VAL B 186 36.21 -22.82 -23.29
C VAL B 186 36.59 -23.82 -22.20
N ASP B 187 36.38 -25.11 -22.47
CA ASP B 187 36.67 -26.15 -21.49
C ASP B 187 37.78 -27.08 -22.00
N ASN B 188 38.57 -26.59 -22.97
CA ASN B 188 39.72 -27.33 -23.46
C ASN B 188 40.92 -27.10 -22.54
N ALA B 189 42.03 -27.79 -22.84
CA ALA B 189 43.23 -27.75 -22.02
C ALA B 189 43.82 -26.34 -21.99
N GLY B 190 43.82 -25.68 -23.16
CA GLY B 190 44.37 -24.34 -23.30
C GLY B 190 43.67 -23.33 -22.38
N ALA B 191 42.33 -23.41 -22.34
CA ALA B 191 41.51 -22.52 -21.55
C ALA B 191 41.63 -22.86 -20.07
N LYS B 192 41.70 -24.17 -19.77
CA LYS B 192 41.77 -24.67 -18.41
C LYS B 192 43.08 -24.25 -17.76
N ALA B 193 44.18 -24.37 -18.51
CA ALA B 193 45.51 -24.10 -18.00
C ALA B 193 45.65 -22.63 -17.60
N GLY B 194 45.19 -21.75 -18.49
CA GLY B 194 45.29 -20.30 -18.30
C GLY B 194 44.56 -19.84 -17.05
N LEU B 195 43.34 -20.36 -16.84
CA LEU B 195 42.50 -19.99 -15.72
C LEU B 195 43.08 -20.56 -14.43
N THR B 196 43.60 -21.80 -14.49
CA THR B 196 44.20 -22.46 -13.35
C THR B 196 45.29 -21.57 -12.76
N PHE B 197 46.11 -20.99 -13.63
CA PHE B 197 47.22 -20.13 -13.24
C PHE B 197 46.69 -18.86 -12.56
N LEU B 198 45.59 -18.32 -13.10
CA LEU B 198 44.95 -17.13 -12.56
C LEU B 198 44.42 -17.42 -11.15
N VAL B 199 43.88 -18.63 -10.98
CA VAL B 199 43.31 -19.08 -9.71
C VAL B 199 44.45 -19.30 -8.71
N ASP B 200 45.58 -19.83 -9.21
CA ASP B 200 46.74 -20.14 -8.38
C ASP B 200 47.30 -18.86 -7.79
N LEU B 201 47.25 -17.77 -8.54
CA LEU B 201 47.72 -16.47 -8.09
C LEU B 201 46.84 -15.96 -6.96
N ILE B 202 45.54 -16.28 -7.03
CA ILE B 202 44.58 -15.90 -6.01
C ILE B 202 44.75 -16.81 -4.79
N LYS B 203 45.07 -18.08 -5.05
CA LYS B 203 45.29 -19.07 -4.00
C LYS B 203 46.59 -18.75 -3.25
N ASN B 204 47.60 -18.27 -3.98
CA ASN B 204 48.91 -18.02 -3.43
C ASN B 204 49.04 -16.55 -3.00
N LYS B 205 47.90 -15.86 -2.94
CA LYS B 205 47.76 -14.53 -2.37
C LYS B 205 48.56 -13.50 -3.18
N HIS B 206 48.75 -13.77 -4.47
CA HIS B 206 49.40 -12.83 -5.36
C HIS B 206 48.37 -11.85 -5.92
N MET B 207 47.11 -12.29 -5.95
CA MET B 207 45.99 -11.47 -6.38
C MET B 207 44.80 -11.70 -5.45
N ASN B 208 43.81 -10.81 -5.54
CA ASN B 208 42.60 -10.88 -4.73
C ASN B 208 41.41 -11.12 -5.65
N ALA B 209 40.52 -12.05 -5.23
CA ALA B 209 39.42 -12.53 -6.05
C ALA B 209 38.37 -11.44 -6.25
N ASP B 210 38.19 -10.59 -5.23
CA ASP B 210 37.12 -9.60 -5.22
C ASP B 210 37.65 -8.23 -5.68
N THR B 211 38.86 -8.23 -6.27
CA THR B 211 39.45 -7.03 -6.86
C THR B 211 38.68 -6.67 -8.13
N ASP B 212 38.27 -5.42 -8.24
CA ASP B 212 37.54 -4.93 -9.40
C ASP B 212 38.35 -3.87 -10.13
N TYR B 213 37.73 -3.25 -11.15
CA TYR B 213 38.35 -2.25 -12.00
C TYR B 213 38.78 -1.04 -11.18
N SER B 214 37.85 -0.53 -10.36
CA SER B 214 38.04 0.71 -9.62
C SER B 214 39.15 0.54 -8.57
N ILE B 215 39.23 -0.65 -7.98
CA ILE B 215 40.22 -0.96 -6.96
C ILE B 215 41.61 -1.01 -7.60
N ALA B 216 41.69 -1.62 -8.79
CA ALA B 216 42.93 -1.82 -9.51
C ALA B 216 43.47 -0.49 -10.03
N GLU B 217 42.56 0.40 -10.44
CA GLU B 217 42.91 1.72 -10.95
C GLU B 217 43.50 2.57 -9.83
N ALA B 218 42.91 2.44 -8.63
CA ALA B 218 43.33 3.21 -7.47
C ALA B 218 44.70 2.73 -6.99
N ALA B 219 44.94 1.42 -7.10
CA ALA B 219 46.14 0.79 -6.58
C ALA B 219 47.37 1.18 -7.39
N PHE B 220 47.21 1.25 -8.72
CA PHE B 220 48.32 1.53 -9.60
C PHE B 220 48.63 3.02 -9.62
N ASN B 221 47.58 3.85 -9.55
CA ASN B 221 47.71 5.29 -9.67
C ASN B 221 48.19 5.88 -8.34
N LYS B 222 48.18 5.06 -7.28
CA LYS B 222 48.73 5.43 -5.99
C LYS B 222 50.11 4.81 -5.81
N GLY B 223 50.42 3.83 -6.66
CA GLY B 223 51.71 3.15 -6.63
C GLY B 223 51.79 2.12 -5.50
N GLU B 224 50.71 1.32 -5.36
CA GLU B 224 50.65 0.25 -4.39
C GLU B 224 50.85 -1.09 -5.10
N THR B 225 50.72 -1.05 -6.43
CA THR B 225 50.98 -2.20 -7.30
C THR B 225 51.89 -1.77 -8.45
N ALA B 226 52.66 -2.73 -8.97
CA ALA B 226 53.70 -2.47 -9.94
C ALA B 226 53.13 -2.48 -11.36
N MET B 227 52.06 -3.26 -11.56
CA MET B 227 51.49 -3.46 -12.90
C MET B 227 49.97 -3.47 -12.83
N THR B 228 49.35 -3.22 -13.99
CA THR B 228 47.91 -3.35 -14.20
C THR B 228 47.64 -3.68 -15.67
N ILE B 229 46.59 -4.48 -15.91
CA ILE B 229 46.17 -4.81 -17.27
C ILE B 229 44.92 -3.98 -17.58
N ASN B 230 45.07 -3.03 -18.51
CA ASN B 230 43.99 -2.11 -18.85
C ASN B 230 44.15 -1.64 -20.29
N GLY B 231 43.15 -0.89 -20.78
CA GLY B 231 43.11 -0.39 -22.13
C GLY B 231 43.46 1.10 -22.22
N PRO B 232 43.46 1.69 -23.44
CA PRO B 232 43.88 3.08 -23.64
C PRO B 232 43.13 4.15 -22.86
N TRP B 233 41.87 3.87 -22.51
CA TRP B 233 40.98 4.83 -21.87
C TRP B 233 41.50 5.26 -20.50
N ALA B 234 42.35 4.42 -19.90
CA ALA B 234 42.77 4.59 -18.51
C ALA B 234 43.99 5.49 -18.40
N TRP B 235 44.64 5.76 -19.54
CA TRP B 235 45.93 6.46 -19.57
C TRP B 235 45.82 7.86 -18.99
N SER B 236 44.68 8.53 -19.26
CA SER B 236 44.47 9.91 -18.85
C SER B 236 44.47 10.03 -17.33
N ASN B 237 44.00 8.98 -16.65
CA ASN B 237 43.91 8.95 -15.20
C ASN B 237 45.29 8.75 -14.58
N ILE B 238 46.14 7.98 -15.26
CA ILE B 238 47.49 7.68 -14.80
C ILE B 238 48.36 8.93 -15.02
N ASP B 239 48.06 9.68 -16.08
CA ASP B 239 48.78 10.90 -16.43
C ASP B 239 48.53 11.97 -15.36
N THR B 240 47.30 11.99 -14.81
CA THR B 240 46.89 12.96 -13.81
C THR B 240 47.65 12.74 -12.51
N SER B 241 47.84 11.45 -12.15
CA SER B 241 48.53 11.07 -10.94
C SER B 241 50.03 11.35 -11.05
N ALA B 242 50.49 11.54 -12.30
CA ALA B 242 51.87 11.82 -12.65
C ALA B 242 52.80 10.72 -12.14
N VAL B 243 52.35 9.47 -12.27
CA VAL B 243 53.15 8.29 -11.98
C VAL B 243 53.82 7.86 -13.28
N ASN B 244 55.13 7.60 -13.21
CA ASN B 244 55.90 7.16 -14.37
C ASN B 244 55.46 5.75 -14.76
N TYR B 245 55.05 5.59 -16.02
CA TYR B 245 54.48 4.34 -16.50
C TYR B 245 54.81 4.13 -17.97
N GLY B 246 54.72 2.86 -18.40
CA GLY B 246 54.91 2.47 -19.78
C GLY B 246 53.87 1.43 -20.22
N VAL B 247 53.69 1.30 -21.54
CA VAL B 247 52.74 0.37 -22.13
C VAL B 247 53.51 -0.63 -22.97
N THR B 248 53.23 -1.93 -22.77
CA THR B 248 53.99 -2.99 -23.39
C THR B 248 53.13 -4.24 -23.62
N VAL B 249 53.73 -5.25 -24.24
CA VAL B 249 53.12 -6.53 -24.55
C VAL B 249 52.74 -7.23 -23.26
N LEU B 250 51.62 -7.98 -23.30
CA LEU B 250 51.14 -8.77 -22.19
C LEU B 250 52.09 -9.94 -21.94
N PRO B 251 52.30 -10.34 -20.66
CA PRO B 251 53.14 -11.49 -20.33
C PRO B 251 52.74 -12.76 -21.10
N THR B 252 53.73 -13.60 -21.40
CA THR B 252 53.52 -14.81 -22.17
C THR B 252 53.25 -15.99 -21.24
N PHE B 253 52.20 -16.76 -21.57
CA PHE B 253 51.86 -17.94 -20.81
C PHE B 253 52.28 -19.18 -21.58
N LYS B 254 53.33 -19.86 -21.06
CA LYS B 254 53.84 -21.11 -21.60
C LYS B 254 54.47 -20.90 -22.97
N GLY B 255 55.20 -19.79 -23.12
CA GLY B 255 55.91 -19.47 -24.35
C GLY B 255 54.96 -19.05 -25.48
N GLN B 256 53.68 -18.89 -25.13
CA GLN B 256 52.65 -18.43 -26.05
C GLN B 256 52.33 -16.98 -25.74
N PRO B 257 52.07 -16.12 -26.75
CA PRO B 257 51.62 -14.76 -26.49
C PRO B 257 50.20 -14.74 -25.95
N SER B 258 49.94 -13.82 -25.01
CA SER B 258 48.59 -13.60 -24.51
C SER B 258 47.72 -13.07 -25.64
N LYS B 259 46.48 -13.59 -25.72
CA LYS B 259 45.59 -13.31 -26.84
C LYS B 259 44.36 -12.56 -26.35
N PRO B 260 44.43 -11.20 -26.22
CA PRO B 260 43.28 -10.42 -25.76
C PRO B 260 42.25 -10.21 -26.87
N PHE B 261 40.97 -10.21 -26.49
CA PHE B 261 39.90 -9.89 -27.42
C PHE B 261 39.94 -8.40 -27.74
N VAL B 262 39.85 -8.10 -29.04
CA VAL B 262 40.04 -6.75 -29.56
C VAL B 262 38.68 -6.14 -29.86
N GLY B 263 38.42 -4.97 -29.24
CA GLY B 263 37.16 -4.26 -29.42
C GLY B 263 37.29 -3.09 -30.37
N VAL B 264 36.27 -2.90 -31.20
CA VAL B 264 36.16 -1.74 -32.06
C VAL B 264 34.97 -0.90 -31.57
N LEU B 265 35.29 0.24 -30.95
CA LEU B 265 34.28 1.16 -30.45
C LEU B 265 33.41 1.62 -31.61
N SER B 266 32.11 1.32 -31.52
CA SER B 266 31.18 1.52 -32.62
C SER B 266 30.00 2.39 -32.18
N ALA B 267 29.51 3.21 -33.11
CA ALA B 267 28.36 4.08 -32.87
C ALA B 267 27.19 3.63 -33.74
N GLY B 268 26.10 3.25 -33.08
CA GLY B 268 24.91 2.75 -33.75
C GLY B 268 23.74 3.72 -33.66
N ILE B 269 22.94 3.77 -34.73
CA ILE B 269 21.77 4.63 -34.79
C ILE B 269 20.53 3.79 -34.48
N ASN B 270 19.78 4.24 -33.46
CA ASN B 270 18.56 3.58 -33.00
C ASN B 270 17.58 3.46 -34.15
N ALA B 271 17.00 2.26 -34.31
CA ALA B 271 16.08 1.97 -35.41
C ALA B 271 14.75 2.68 -35.19
N ALA B 272 14.40 2.90 -33.91
CA ALA B 272 13.19 3.63 -33.54
C ALA B 272 13.57 5.04 -33.12
N SER B 273 14.23 5.77 -34.03
CA SER B 273 14.66 7.13 -33.79
C SER B 273 14.23 8.02 -34.95
N PRO B 274 13.58 9.18 -34.67
CA PRO B 274 13.16 10.09 -35.73
C PRO B 274 14.32 10.90 -36.32
N ASN B 275 15.41 10.99 -35.56
CA ASN B 275 16.57 11.80 -35.93
C ASN B 275 17.65 10.89 -36.52
N LYS B 276 17.31 10.21 -37.62
CA LYS B 276 18.22 9.30 -38.28
C LYS B 276 19.20 10.08 -39.15
N GLU B 277 18.72 11.18 -39.74
CA GLU B 277 19.51 12.01 -40.64
C GLU B 277 20.39 12.95 -39.82
N LEU B 278 19.92 13.34 -38.64
CA LEU B 278 20.65 14.22 -37.74
C LEU B 278 21.83 13.49 -37.13
N ALA B 279 21.67 12.18 -36.91
CA ALA B 279 22.71 11.34 -36.35
C ALA B 279 23.86 11.19 -37.34
N LYS B 280 23.51 11.00 -38.62
CA LYS B 280 24.47 10.88 -39.70
C LYS B 280 25.40 12.10 -39.72
N GLU B 281 24.80 13.30 -39.65
CA GLU B 281 25.52 14.55 -39.78
C GLU B 281 26.50 14.72 -38.62
N PHE B 282 26.12 14.24 -37.43
CA PHE B 282 26.95 14.38 -36.25
C PHE B 282 28.13 13.42 -36.33
N LEU B 283 27.86 12.17 -36.70
CA LEU B 283 28.86 11.12 -36.68
C LEU B 283 29.87 11.31 -37.80
N GLU B 284 29.36 11.65 -39.00
CA GLU B 284 30.17 11.68 -40.21
C GLU B 284 30.95 12.99 -40.31
N ASN B 285 30.32 14.11 -39.93
CA ASN B 285 30.85 15.42 -40.25
C ASN B 285 31.40 16.11 -39.00
N TYR B 286 31.03 15.62 -37.81
CA TYR B 286 31.41 16.29 -36.58
C TYR B 286 32.27 15.39 -35.70
N LEU B 287 31.96 14.09 -35.68
CA LEU B 287 32.70 13.16 -34.83
C LEU B 287 33.89 12.58 -35.59
N LEU B 288 33.63 11.91 -36.71
CA LEU B 288 34.67 11.21 -37.46
C LEU B 288 35.47 12.19 -38.30
N THR B 289 36.08 13.17 -37.61
CA THR B 289 36.99 14.14 -38.18
C THR B 289 38.21 14.24 -37.28
N ASP B 290 39.32 14.77 -37.83
CA ASP B 290 40.56 14.94 -37.10
C ASP B 290 40.31 15.83 -35.88
N GLU B 291 39.50 16.88 -36.08
CA GLU B 291 39.19 17.86 -35.05
C GLU B 291 38.25 17.24 -34.02
N GLY B 292 37.33 16.41 -34.50
CA GLY B 292 36.31 15.79 -33.67
C GLY B 292 36.89 14.74 -32.72
N LEU B 293 37.76 13.87 -33.28
CA LEU B 293 38.34 12.77 -32.53
C LEU B 293 39.36 13.29 -31.51
N GLU B 294 40.05 14.38 -31.88
CA GLU B 294 41.07 14.98 -31.03
C GLU B 294 40.45 15.46 -29.72
N ALA B 295 39.21 15.97 -29.82
CA ALA B 295 38.47 16.47 -28.66
C ALA B 295 38.12 15.30 -27.73
N VAL B 296 37.77 14.16 -28.33
CA VAL B 296 37.37 12.97 -27.59
C VAL B 296 38.61 12.33 -26.97
N ASN B 297 39.72 12.36 -27.72
CA ASN B 297 40.95 11.68 -27.35
C ASN B 297 41.60 12.37 -26.15
N LYS B 298 41.41 13.70 -26.06
CA LYS B 298 42.07 14.51 -25.06
C LYS B 298 41.48 14.28 -23.67
N ASP B 299 40.22 13.81 -23.63
CA ASP B 299 39.59 13.43 -22.37
C ASP B 299 40.15 12.08 -21.94
N LYS B 300 39.64 11.01 -22.57
CA LYS B 300 40.14 9.66 -22.36
C LYS B 300 40.48 9.07 -23.73
N PRO B 301 41.76 8.65 -23.95
CA PRO B 301 42.19 8.15 -25.27
C PRO B 301 41.29 7.05 -25.84
N LEU B 302 41.12 7.09 -27.16
CA LEU B 302 40.25 6.19 -27.90
C LEU B 302 40.97 4.88 -28.17
N GLY B 303 42.29 4.97 -28.35
CA GLY B 303 43.12 3.87 -28.79
C GLY B 303 43.65 4.10 -30.20
N ALA B 304 43.49 3.11 -31.08
CA ALA B 304 43.85 3.24 -32.48
C ALA B 304 42.59 3.51 -33.29
N VAL B 305 42.44 4.76 -33.75
CA VAL B 305 41.23 5.23 -34.39
C VAL B 305 41.09 4.61 -35.79
N ALA B 306 39.88 4.69 -36.34
CA ALA B 306 39.55 4.11 -37.63
C ALA B 306 39.84 5.12 -38.75
N LEU B 307 39.67 6.41 -38.43
CA LEU B 307 39.90 7.49 -39.38
C LEU B 307 41.39 7.58 -39.69
N LYS B 308 41.73 7.34 -40.97
CA LYS B 308 43.10 7.19 -41.43
C LYS B 308 43.88 8.47 -41.20
N SER B 309 43.21 9.62 -41.39
CA SER B 309 43.86 10.93 -41.39
C SER B 309 44.36 11.29 -39.99
N TYR B 310 43.75 10.71 -38.96
CA TYR B 310 44.13 10.99 -37.58
C TYR B 310 44.91 9.81 -37.00
N GLU B 311 44.67 8.61 -37.53
CA GLU B 311 45.34 7.40 -37.10
C GLU B 311 46.84 7.51 -37.36
N GLU B 312 47.19 8.04 -38.54
CA GLU B 312 48.56 8.17 -38.98
C GLU B 312 49.30 9.20 -38.12
N GLU B 313 48.54 10.11 -37.51
CA GLU B 313 49.09 11.10 -36.60
C GLU B 313 49.30 10.48 -35.21
N LEU B 314 48.38 9.59 -34.82
CA LEU B 314 48.38 9.00 -33.49
C LEU B 314 49.39 7.86 -33.38
N ALA B 315 49.57 7.13 -34.49
CA ALA B 315 50.34 5.88 -34.50
C ALA B 315 51.79 6.12 -34.12
N LYS B 316 52.18 7.40 -34.01
CA LYS B 316 53.55 7.79 -33.70
C LYS B 316 53.81 7.65 -32.19
N ASP B 317 52.74 7.63 -31.41
CA ASP B 317 52.79 7.47 -29.96
C ASP B 317 53.15 6.03 -29.63
N PRO B 318 54.21 5.78 -28.83
CA PRO B 318 54.63 4.42 -28.49
C PRO B 318 53.58 3.59 -27.76
N ARG B 319 52.67 4.27 -27.05
CA ARG B 319 51.58 3.63 -26.31
C ARG B 319 50.61 3.01 -27.31
N ILE B 320 50.35 3.72 -28.41
CA ILE B 320 49.45 3.29 -29.47
C ILE B 320 50.05 2.08 -30.17
N ALA B 321 51.38 2.13 -30.39
CA ALA B 321 52.11 1.07 -31.05
C ALA B 321 52.08 -0.20 -30.20
N ALA B 322 52.19 -0.03 -28.88
CA ALA B 322 52.21 -1.14 -27.93
C ALA B 322 50.83 -1.78 -27.85
N THR B 323 49.78 -0.95 -27.93
CA THR B 323 48.40 -1.41 -27.90
C THR B 323 48.13 -2.25 -29.14
N MET B 324 48.67 -1.83 -30.27
CA MET B 324 48.44 -2.49 -31.56
C MET B 324 49.22 -3.79 -31.62
N GLU B 325 50.37 -3.84 -30.95
CA GLU B 325 51.22 -5.02 -30.89
C GLU B 325 50.46 -6.15 -30.18
N ASN B 326 49.70 -5.79 -29.15
CA ASN B 326 48.89 -6.74 -28.39
C ASN B 326 47.70 -7.20 -29.23
N ALA B 327 47.18 -6.29 -30.06
CA ALA B 327 46.03 -6.56 -30.90
C ALA B 327 46.39 -7.56 -32.01
N GLN B 328 47.69 -7.62 -32.34
CA GLN B 328 48.21 -8.48 -33.40
C GLN B 328 48.05 -9.94 -32.98
N LYS B 329 48.39 -10.24 -31.73
CA LYS B 329 48.43 -11.59 -31.21
C LYS B 329 47.02 -12.08 -30.90
N GLY B 330 46.15 -11.13 -30.55
CA GLY B 330 44.74 -11.42 -30.29
C GLY B 330 43.90 -11.30 -31.56
N GLU B 331 42.59 -11.54 -31.41
CA GLU B 331 41.65 -11.49 -32.52
C GLU B 331 40.60 -10.41 -32.23
N ILE B 332 40.02 -9.86 -33.30
CA ILE B 332 38.82 -9.03 -33.19
C ILE B 332 37.65 -9.93 -32.80
N MET B 333 36.78 -9.42 -31.93
CA MET B 333 35.65 -10.18 -31.41
C MET B 333 34.66 -10.44 -32.54
N PRO B 334 33.95 -11.59 -32.53
CA PRO B 334 32.79 -11.79 -33.40
C PRO B 334 31.69 -10.81 -33.00
N ASN B 335 30.81 -10.47 -33.95
CA ASN B 335 29.73 -9.54 -33.66
C ASN B 335 28.40 -10.28 -33.51
N ILE B 336 28.45 -11.61 -33.67
CA ILE B 336 27.28 -12.46 -33.63
C ILE B 336 26.57 -12.32 -32.28
N PRO B 337 25.23 -12.54 -32.21
CA PRO B 337 24.46 -12.34 -30.98
C PRO B 337 24.86 -13.21 -29.79
N GLN B 338 25.55 -14.32 -30.06
CA GLN B 338 25.92 -15.30 -29.05
C GLN B 338 27.04 -14.77 -28.16
N MET B 339 27.54 -13.57 -28.48
CA MET B 339 28.67 -12.98 -27.78
C MET B 339 28.26 -12.52 -26.38
N SER B 340 26.98 -12.15 -26.23
CA SER B 340 26.43 -11.76 -24.94
C SER B 340 26.27 -12.99 -24.06
N ALA B 341 25.97 -14.13 -24.69
CA ALA B 341 25.84 -15.40 -24.00
C ALA B 341 27.21 -15.93 -23.59
N PHE B 342 28.21 -15.74 -24.47
CA PHE B 342 29.57 -16.17 -24.24
C PHE B 342 30.17 -15.41 -23.07
N TRP B 343 30.10 -14.06 -23.13
CA TRP B 343 30.72 -13.19 -22.15
C TRP B 343 30.15 -13.45 -20.76
N TYR B 344 28.82 -13.66 -20.69
CA TYR B 344 28.13 -13.89 -19.43
C TYR B 344 28.58 -15.21 -18.83
N ALA B 345 28.75 -16.23 -19.68
CA ALA B 345 29.11 -17.58 -19.27
C ALA B 345 30.50 -17.59 -18.63
N VAL B 346 31.44 -16.87 -19.26
CA VAL B 346 32.83 -16.83 -18.82
C VAL B 346 32.92 -15.99 -17.55
N ARG B 347 32.11 -14.93 -17.47
CA ARG B 347 32.06 -14.07 -16.30
C ARG B 347 31.76 -14.90 -15.06
N THR B 348 30.84 -15.87 -15.20
CA THR B 348 30.44 -16.76 -14.12
C THR B 348 31.59 -17.71 -13.79
N ALA B 349 32.21 -18.27 -14.84
CA ALA B 349 33.26 -19.27 -14.71
C ALA B 349 34.49 -18.68 -14.02
N VAL B 350 34.83 -17.43 -14.38
CA VAL B 350 36.02 -16.77 -13.88
C VAL B 350 35.80 -16.36 -12.43
N ILE B 351 34.61 -15.82 -12.13
CA ILE B 351 34.28 -15.34 -10.80
C ILE B 351 34.21 -16.51 -9.82
N ASN B 352 33.64 -17.64 -10.28
CA ASN B 352 33.45 -18.81 -9.45
C ASN B 352 34.79 -19.49 -9.16
N ALA B 353 35.70 -19.46 -10.15
CA ALA B 353 37.02 -20.06 -10.01
C ALA B 353 37.89 -19.22 -9.07
N ALA B 354 37.65 -17.89 -9.09
CA ALA B 354 38.39 -16.95 -8.27
C ALA B 354 37.90 -17.04 -6.82
N SER B 355 36.59 -17.11 -6.64
CA SER B 355 35.96 -17.15 -5.32
C SER B 355 36.24 -18.49 -4.65
N GLY B 356 36.25 -19.56 -5.45
CA GLY B 356 36.51 -20.91 -4.97
C GLY B 356 35.23 -21.71 -4.77
N ARG B 357 34.14 -21.23 -5.39
CA ARG B 357 32.85 -21.90 -5.35
C ARG B 357 32.92 -23.18 -6.20
N GLN B 358 33.68 -23.10 -7.30
CA GLN B 358 33.83 -24.22 -8.22
C GLN B 358 35.31 -24.40 -8.55
N THR B 359 35.69 -25.66 -8.82
CA THR B 359 36.99 -25.98 -9.38
C THR B 359 36.99 -25.61 -10.86
N VAL B 360 38.18 -25.43 -11.43
CA VAL B 360 38.36 -24.93 -12.78
C VAL B 360 37.55 -25.78 -13.77
N ASP B 361 37.67 -27.10 -13.63
CA ASP B 361 37.03 -28.05 -14.53
C ASP B 361 35.51 -27.94 -14.43
N GLU B 362 35.01 -27.77 -13.21
CA GLU B 362 33.58 -27.65 -12.94
C GLU B 362 33.04 -26.36 -13.55
N ALA B 363 33.71 -25.24 -13.24
CA ALA B 363 33.25 -23.91 -13.61
C ALA B 363 33.22 -23.74 -15.12
N LEU B 364 34.15 -24.39 -15.81
CA LEU B 364 34.31 -24.22 -17.25
C LEU B 364 33.40 -25.17 -18.02
N LYS B 365 33.01 -26.28 -17.38
CA LYS B 365 32.10 -27.22 -18.02
C LYS B 365 30.68 -26.64 -18.03
N ASP B 366 30.43 -25.70 -17.11
CA ASP B 366 29.19 -24.94 -17.09
C ASP B 366 29.21 -23.93 -18.23
N ALA B 367 30.33 -23.19 -18.35
CA ALA B 367 30.48 -22.11 -19.30
C ALA B 367 30.63 -22.65 -20.72
N GLN B 368 30.83 -23.97 -20.84
CA GLN B 368 30.91 -24.63 -22.13
C GLN B 368 29.51 -24.70 -22.75
N THR B 369 28.52 -25.00 -21.90
CA THR B 369 27.13 -25.13 -22.33
C THR B 369 26.53 -23.73 -22.52
N ASN B 370 26.86 -22.82 -21.59
CA ASN B 370 26.16 -21.56 -21.43
C ASN B 370 26.59 -20.56 -22.49
N ALA B 371 27.76 -20.79 -23.10
CA ALA B 371 28.32 -19.89 -24.10
C ALA B 371 27.43 -19.85 -25.34
N ALA B 372 26.79 -20.99 -25.64
CA ALA B 372 25.93 -21.14 -26.80
C ALA B 372 24.53 -20.62 -26.48
N ALA B 373 23.93 -21.12 -25.40
CA ALA B 373 22.57 -20.80 -25.02
C ALA B 373 22.44 -19.35 -24.59
N MET B 374 21.51 -18.63 -25.22
CA MET B 374 21.31 -17.21 -24.99
C MET B 374 20.18 -17.01 -23.97
N GLY B 375 19.25 -17.96 -23.94
CA GLY B 375 18.02 -17.84 -23.16
C GLY B 375 18.24 -18.14 -21.68
N VAL B 376 18.85 -19.28 -21.38
CA VAL B 376 19.01 -19.74 -20.00
C VAL B 376 20.48 -20.05 -19.74
N GLN B 377 20.95 -19.66 -18.54
CA GLN B 377 22.29 -19.93 -18.06
C GLN B 377 22.20 -20.88 -16.87
N VAL B 378 23.02 -21.93 -16.88
CA VAL B 378 22.95 -22.99 -15.89
C VAL B 378 24.25 -23.04 -15.10
N GLU B 379 24.13 -23.00 -13.77
CA GLU B 379 25.27 -23.01 -12.85
C GLU B 379 25.08 -24.15 -11.85
N THR B 380 25.96 -25.16 -11.94
CA THR B 380 25.84 -26.41 -11.22
C THR B 380 26.21 -26.21 -9.75
N ILE B 381 25.64 -27.07 -8.89
CA ILE B 381 25.95 -27.12 -7.47
C ILE B 381 26.28 -28.57 -7.09
N SER B 382 25.42 -29.49 -7.51
CA SER B 382 25.60 -30.92 -7.27
C SER B 382 25.37 -31.70 -8.55
N PRO B 383 26.42 -32.33 -9.13
CA PRO B 383 26.27 -33.09 -10.38
C PRO B 383 25.49 -34.39 -10.20
N GLY B 384 24.72 -34.75 -11.23
CA GLY B 384 23.98 -36.01 -11.25
C GLY B 384 24.85 -37.14 -11.79
N ASP B 385 24.20 -38.24 -12.18
CA ASP B 385 24.89 -39.42 -12.69
C ASP B 385 25.50 -39.11 -14.05
N GLY B 386 24.70 -38.48 -14.93
CA GLY B 386 25.15 -38.10 -16.26
C GLY B 386 24.93 -39.21 -17.28
N ARG B 387 24.47 -40.36 -16.81
CA ARG B 387 24.21 -41.51 -17.66
C ARG B 387 22.88 -41.31 -18.39
N THR B 388 21.89 -40.76 -17.67
CA THR B 388 20.55 -40.54 -18.20
C THR B 388 20.08 -39.13 -17.89
N PHE B 389 19.49 -38.49 -18.91
CA PHE B 389 18.91 -37.16 -18.79
C PHE B 389 17.42 -37.24 -19.13
N PRO B 390 16.55 -36.40 -18.51
CA PRO B 390 15.12 -36.42 -18.79
C PRO B 390 14.78 -35.97 -20.22
N LYS B 391 13.79 -36.66 -20.81
CA LYS B 391 13.25 -36.31 -22.12
C LYS B 391 11.74 -36.17 -22.02
N ARG B 392 11.08 -36.17 -23.20
CA ARG B 392 9.63 -36.03 -23.29
C ARG B 392 8.95 -37.29 -22.75
N GLY B 393 7.81 -37.09 -22.09
CA GLY B 393 7.00 -38.19 -21.58
C GLY B 393 7.29 -38.50 -20.11
N GLN B 394 8.55 -38.30 -19.71
CA GLN B 394 8.98 -38.54 -18.34
C GLN B 394 8.51 -37.38 -17.47
N THR B 395 8.16 -37.70 -16.22
CA THR B 395 7.77 -36.69 -15.24
C THR B 395 8.99 -36.36 -14.37
N CYS B 396 9.53 -35.15 -14.58
CA CYS B 396 10.67 -34.67 -13.80
C CYS B 396 10.18 -34.23 -12.43
N VAL B 397 10.67 -34.91 -11.39
CA VAL B 397 10.33 -34.60 -10.01
C VAL B 397 11.43 -33.72 -9.44
N VAL B 398 11.08 -32.47 -9.11
CA VAL B 398 12.07 -31.47 -8.74
C VAL B 398 11.66 -30.75 -7.46
N HIS B 399 12.68 -30.21 -6.76
CA HIS B 399 12.51 -29.19 -5.74
C HIS B 399 13.21 -27.93 -6.21
N TYR B 400 12.53 -26.79 -6.10
CA TYR B 400 13.04 -25.53 -6.64
C TYR B 400 12.76 -24.37 -5.70
N THR B 401 13.46 -23.26 -5.94
CA THR B 401 13.21 -21.98 -5.29
C THR B 401 13.49 -20.88 -6.31
N GLY B 402 12.49 -20.00 -6.51
CA GLY B 402 12.57 -18.95 -7.50
C GLY B 402 12.76 -17.58 -6.86
N MET B 403 13.55 -16.72 -7.53
CA MET B 403 13.81 -15.38 -7.05
C MET B 403 14.11 -14.43 -8.22
N LEU B 404 13.99 -13.12 -7.94
CA LEU B 404 14.21 -12.08 -8.92
C LEU B 404 15.56 -11.42 -8.63
N GLU B 405 16.52 -11.62 -9.54
CA GLU B 405 17.87 -11.09 -9.40
C GLU B 405 17.82 -9.57 -9.19
N LYS C 4 -11.22 -13.48 23.17
CA LYS C 4 -11.43 -14.46 24.27
C LYS C 4 -12.66 -15.32 23.94
N ILE C 5 -12.86 -15.61 22.65
CA ILE C 5 -13.94 -16.46 22.19
C ILE C 5 -13.44 -17.90 22.16
N GLU C 6 -14.22 -18.79 22.80
CA GLU C 6 -13.82 -20.18 22.99
C GLU C 6 -14.17 -21.01 21.76
N GLU C 7 -13.31 -22.00 21.47
CA GLU C 7 -13.46 -22.88 20.33
C GLU C 7 -14.33 -24.07 20.71
N GLY C 8 -15.13 -24.56 19.75
CA GLY C 8 -15.92 -25.77 19.92
C GLY C 8 -17.26 -25.51 20.62
N LYS C 9 -17.54 -24.22 20.89
CA LYS C 9 -18.77 -23.81 21.55
C LYS C 9 -19.38 -22.63 20.79
N LEU C 10 -20.69 -22.47 20.89
CA LEU C 10 -21.40 -21.40 20.20
C LEU C 10 -22.16 -20.54 21.21
N VAL C 11 -21.92 -19.22 21.14
CA VAL C 11 -22.59 -18.23 21.97
C VAL C 11 -23.48 -17.39 21.07
N ILE C 12 -24.73 -17.21 21.48
CA ILE C 12 -25.73 -16.50 20.70
C ILE C 12 -26.34 -15.39 21.54
N TRP C 13 -26.43 -14.19 20.93
CA TRP C 13 -27.07 -13.03 21.55
C TRP C 13 -28.36 -12.71 20.78
N ILE C 14 -29.43 -12.46 21.55
CA ILE C 14 -30.74 -12.13 21.00
C ILE C 14 -31.50 -11.33 22.04
N ASN C 15 -32.37 -10.40 21.58
CA ASN C 15 -33.05 -9.47 22.46
C ASN C 15 -34.07 -10.22 23.33
N GLY C 16 -34.44 -9.60 24.46
CA GLY C 16 -35.34 -10.20 25.43
C GLY C 16 -36.77 -10.36 24.92
N ASP C 17 -37.17 -9.47 24.00
CA ASP C 17 -38.52 -9.48 23.45
C ASP C 17 -38.70 -10.65 22.50
N LYS C 18 -37.59 -11.10 21.88
CA LYS C 18 -37.60 -12.25 21.01
C LYS C 18 -37.51 -13.52 21.86
N GLY C 19 -37.92 -14.65 21.27
CA GLY C 19 -37.96 -15.93 21.97
C GLY C 19 -36.63 -16.66 21.91
N TYR C 20 -35.89 -16.62 23.03
CA TYR C 20 -34.57 -17.20 23.15
C TYR C 20 -34.66 -18.64 23.65
N ASN C 21 -35.77 -18.97 24.31
CA ASN C 21 -35.99 -20.30 24.87
C ASN C 21 -36.16 -21.31 23.74
N GLY C 22 -36.90 -20.91 22.70
CA GLY C 22 -37.09 -21.73 21.51
C GLY C 22 -35.77 -21.98 20.78
N LEU C 23 -34.92 -20.94 20.72
CA LEU C 23 -33.64 -20.97 20.07
C LEU C 23 -32.71 -21.95 20.80
N ALA C 24 -32.91 -22.06 22.13
CA ALA C 24 -32.12 -22.96 22.96
C ALA C 24 -32.46 -24.41 22.64
N GLU C 25 -33.74 -24.67 22.37
CA GLU C 25 -34.22 -25.99 21.98
C GLU C 25 -33.54 -26.43 20.69
N VAL C 26 -33.42 -25.49 19.75
CA VAL C 26 -32.79 -25.71 18.46
C VAL C 26 -31.30 -25.95 18.67
N GLY C 27 -30.72 -25.26 19.65
CA GLY C 27 -29.31 -25.38 19.98
C GLY C 27 -28.99 -26.72 20.64
N LYS C 28 -29.95 -27.24 21.42
CA LYS C 28 -29.80 -28.51 22.13
C LYS C 28 -29.85 -29.66 21.13
N LYS C 29 -30.65 -29.50 20.07
CA LYS C 29 -30.80 -30.50 19.03
C LYS C 29 -29.52 -30.59 18.22
N PHE C 30 -28.79 -29.46 18.12
CA PHE C 30 -27.52 -29.39 17.42
C PHE C 30 -26.41 -30.02 18.26
N GLU C 31 -26.61 -30.00 19.59
CA GLU C 31 -25.66 -30.56 20.54
C GLU C 31 -25.68 -32.08 20.44
N LYS C 32 -26.87 -32.65 20.21
CA LYS C 32 -27.07 -34.09 20.22
C LYS C 32 -26.35 -34.74 19.04
N ASP C 33 -26.12 -33.97 17.98
CA ASP C 33 -25.74 -34.52 16.69
C ASP C 33 -24.23 -34.52 16.51
N THR C 34 -23.54 -33.50 17.04
CA THR C 34 -22.10 -33.38 16.87
C THR C 34 -21.40 -33.11 18.20
N GLY C 35 -22.18 -32.77 19.23
CA GLY C 35 -21.66 -32.57 20.57
C GLY C 35 -21.12 -31.15 20.79
N ILE C 36 -21.85 -30.17 20.24
CA ILE C 36 -21.49 -28.76 20.38
C ILE C 36 -22.59 -28.06 21.16
N LYS C 37 -22.26 -27.64 22.39
CA LYS C 37 -23.20 -26.96 23.26
C LYS C 37 -23.44 -25.54 22.78
N VAL C 38 -24.66 -25.04 23.01
CA VAL C 38 -25.08 -23.73 22.57
C VAL C 38 -25.67 -22.96 23.74
N THR C 39 -25.02 -21.84 24.08
CA THR C 39 -25.49 -20.94 25.12
C THR C 39 -26.21 -19.76 24.46
N VAL C 40 -27.39 -19.43 25.00
CA VAL C 40 -28.20 -18.35 24.46
C VAL C 40 -28.37 -17.26 25.51
N GLU C 41 -27.48 -16.27 25.46
CA GLU C 41 -27.54 -15.12 26.36
C GLU C 41 -28.44 -14.06 25.73
N HIS C 42 -29.19 -13.34 26.58
CA HIS C 42 -30.07 -12.28 26.12
C HIS C 42 -29.83 -11.02 26.94
N PRO C 43 -28.64 -10.38 26.83
CA PRO C 43 -28.30 -9.23 27.68
C PRO C 43 -29.00 -7.95 27.22
N ASP C 44 -29.08 -6.98 28.14
CA ASP C 44 -29.68 -5.68 27.85
C ASP C 44 -28.71 -4.85 27.01
N LYS C 45 -29.27 -4.06 26.08
CA LYS C 45 -28.53 -3.13 25.24
C LYS C 45 -27.42 -3.86 24.48
N LEU C 46 -27.76 -5.04 23.93
CA LEU C 46 -26.79 -5.91 23.30
C LEU C 46 -26.38 -5.36 21.93
N GLU C 47 -27.23 -4.51 21.36
CA GLU C 47 -26.97 -3.89 20.07
C GLU C 47 -25.90 -2.80 20.23
N GLU C 48 -25.69 -2.37 21.49
CA GLU C 48 -24.66 -1.40 21.82
C GLU C 48 -23.47 -2.13 22.44
N LYS C 49 -23.73 -3.30 23.03
CA LYS C 49 -22.71 -4.07 23.71
C LYS C 49 -21.83 -4.80 22.69
N PHE C 50 -22.43 -5.22 21.57
CA PHE C 50 -21.72 -5.99 20.56
C PHE C 50 -20.53 -5.18 20.01
N PRO C 51 -20.74 -3.97 19.43
CA PRO C 51 -19.65 -3.23 18.77
C PRO C 51 -18.50 -2.86 19.70
N GLN C 52 -18.77 -2.85 21.01
CA GLN C 52 -17.77 -2.53 22.02
C GLN C 52 -16.87 -3.73 22.26
N VAL C 53 -17.48 -4.91 22.44
CA VAL C 53 -16.76 -6.11 22.80
C VAL C 53 -16.17 -6.76 21.54
N ALA C 54 -16.83 -6.53 20.39
CA ALA C 54 -16.44 -7.16 19.15
C ALA C 54 -15.14 -6.55 18.61
N ALA C 55 -14.87 -5.29 19.00
CA ALA C 55 -13.68 -4.57 18.58
C ALA C 55 -12.43 -5.20 19.20
N THR C 56 -12.57 -5.66 20.45
CA THR C 56 -11.47 -6.26 21.19
C THR C 56 -11.21 -7.68 20.66
N GLY C 57 -12.28 -8.35 20.20
CA GLY C 57 -12.17 -9.67 19.62
C GLY C 57 -12.83 -10.75 20.48
N ASP C 58 -13.58 -10.32 21.50
CA ASP C 58 -14.33 -11.21 22.36
C ASP C 58 -15.80 -10.80 22.35
N GLY C 59 -16.66 -11.71 21.88
CA GLY C 59 -18.09 -11.48 21.86
C GLY C 59 -18.86 -12.76 21.53
N PRO C 60 -20.18 -12.67 21.26
CA PRO C 60 -20.96 -13.84 20.84
C PRO C 60 -20.53 -14.28 19.44
N ASP C 61 -20.67 -15.58 19.18
CA ASP C 61 -20.36 -16.14 17.87
C ASP C 61 -21.41 -15.67 16.86
N ILE C 62 -22.66 -15.57 17.32
CA ILE C 62 -23.78 -15.13 16.50
C ILE C 62 -24.58 -14.08 17.27
N ILE C 63 -25.02 -13.03 16.56
CA ILE C 63 -25.82 -11.96 17.12
C ILE C 63 -27.14 -11.87 16.35
N PHE C 64 -28.24 -11.61 17.09
CA PHE C 64 -29.57 -11.52 16.51
C PHE C 64 -30.16 -10.14 16.79
N TRP C 65 -30.14 -9.29 15.75
CA TRP C 65 -30.83 -8.00 15.77
C TRP C 65 -31.44 -7.76 14.39
N ALA C 66 -32.19 -6.66 14.26
CA ALA C 66 -32.72 -6.23 12.98
C ALA C 66 -31.58 -5.78 12.08
N HIS C 67 -31.83 -5.83 10.76
CA HIS C 67 -30.81 -5.67 9.73
C HIS C 67 -30.19 -4.27 9.75
N ASP C 68 -30.88 -3.32 10.40
CA ASP C 68 -30.53 -1.91 10.32
C ASP C 68 -29.18 -1.64 10.99
N ARG C 69 -28.85 -2.46 12.01
CA ARG C 69 -27.64 -2.26 12.80
C ARG C 69 -26.46 -2.99 12.18
N PHE C 70 -26.75 -3.96 11.31
CA PHE C 70 -25.75 -4.88 10.80
C PHE C 70 -24.80 -4.20 9.83
N GLY C 71 -25.27 -3.12 9.19
CA GLY C 71 -24.45 -2.34 8.27
C GLY C 71 -23.36 -1.55 9.00
N GLY C 72 -23.68 -1.13 10.22
CA GLY C 72 -22.74 -0.41 11.07
C GLY C 72 -21.64 -1.34 11.59
N TYR C 73 -21.98 -2.62 11.78
CA TYR C 73 -21.03 -3.63 12.21
C TYR C 73 -20.13 -4.03 11.05
N ALA C 74 -20.71 -4.03 9.84
CA ALA C 74 -20.04 -4.47 8.63
C ALA C 74 -18.89 -3.54 8.28
N GLN C 75 -19.11 -2.23 8.47
CA GLN C 75 -18.10 -1.22 8.17
C GLN C 75 -16.96 -1.31 9.18
N SER C 76 -17.30 -1.74 10.41
CA SER C 76 -16.31 -1.94 11.45
C SER C 76 -15.65 -3.31 11.32
N GLY C 77 -16.21 -4.14 10.42
CA GLY C 77 -15.69 -5.46 10.12
C GLY C 77 -15.78 -6.41 11.31
N LEU C 78 -16.90 -6.33 12.04
CA LEU C 78 -17.14 -7.16 13.21
C LEU C 78 -17.88 -8.43 12.79
N LEU C 79 -18.38 -8.42 11.54
CA LEU C 79 -19.11 -9.55 10.99
C LEU C 79 -18.28 -10.22 9.90
N ALA C 80 -18.39 -11.56 9.84
CA ALA C 80 -17.75 -12.35 8.80
C ALA C 80 -18.66 -12.44 7.59
N GLU C 81 -18.04 -12.41 6.40
CA GLU C 81 -18.77 -12.48 5.14
C GLU C 81 -19.35 -13.88 4.98
N ILE C 82 -20.68 -13.94 4.82
CA ILE C 82 -21.37 -15.21 4.68
C ILE C 82 -21.61 -15.52 3.21
N THR C 83 -21.37 -16.78 2.83
CA THR C 83 -21.52 -17.22 1.46
C THR C 83 -22.29 -18.54 1.43
N PRO C 84 -23.63 -18.50 1.54
CA PRO C 84 -24.45 -19.72 1.48
C PRO C 84 -24.53 -20.28 0.06
N ALA C 85 -24.86 -21.57 -0.03
CA ALA C 85 -24.99 -22.24 -1.32
C ALA C 85 -26.32 -21.84 -1.98
N ALA C 86 -26.41 -22.08 -3.29
CA ALA C 86 -27.54 -21.68 -4.11
C ALA C 86 -28.82 -22.37 -3.65
N ALA C 87 -28.66 -23.59 -3.11
CA ALA C 87 -29.79 -24.39 -2.64
C ALA C 87 -30.43 -23.74 -1.41
N PHE C 88 -29.63 -23.00 -0.64
CA PHE C 88 -30.09 -22.35 0.57
C PHE C 88 -30.65 -20.96 0.24
N GLN C 89 -29.97 -20.26 -0.69
CA GLN C 89 -30.35 -18.92 -1.10
C GLN C 89 -31.75 -18.94 -1.71
N ASP C 90 -32.13 -20.10 -2.28
CA ASP C 90 -33.41 -20.27 -2.95
C ASP C 90 -34.53 -20.46 -1.94
N LYS C 91 -34.18 -21.03 -0.77
CA LYS C 91 -35.15 -21.35 0.26
C LYS C 91 -35.62 -20.09 0.98
N LEU C 92 -34.76 -19.06 1.01
CA LEU C 92 -35.11 -17.79 1.60
C LEU C 92 -35.48 -16.81 0.48
N TYR C 93 -36.49 -15.98 0.75
CA TYR C 93 -37.01 -15.01 -0.22
C TYR C 93 -35.89 -14.05 -0.63
N PRO C 94 -35.76 -13.72 -1.94
CA PRO C 94 -34.68 -12.87 -2.42
C PRO C 94 -34.60 -11.46 -1.84
N PHE C 95 -35.76 -10.93 -1.42
CA PHE C 95 -35.86 -9.55 -0.95
C PHE C 95 -35.24 -9.42 0.45
N THR C 96 -35.22 -10.53 1.19
CA THR C 96 -34.67 -10.56 2.53
C THR C 96 -33.15 -10.51 2.47
N TRP C 97 -32.58 -11.12 1.43
CA TRP C 97 -31.15 -11.16 1.20
C TRP C 97 -30.62 -9.75 0.94
N ASP C 98 -31.44 -8.94 0.26
CA ASP C 98 -31.05 -7.59 -0.12
C ASP C 98 -30.95 -6.70 1.11
N ALA C 99 -31.70 -7.05 2.16
CA ALA C 99 -31.74 -6.30 3.40
C ALA C 99 -30.50 -6.57 4.24
N VAL C 100 -29.94 -7.79 4.10
CA VAL C 100 -28.79 -8.21 4.86
C VAL C 100 -27.54 -8.15 3.99
N ARG C 101 -27.59 -7.30 2.95
CA ARG C 101 -26.49 -7.13 2.03
C ARG C 101 -25.86 -5.75 2.24
N TYR C 102 -24.53 -5.73 2.41
CA TYR C 102 -23.78 -4.50 2.56
C TYR C 102 -22.57 -4.53 1.63
N ASN C 103 -22.55 -3.60 0.67
CA ASN C 103 -21.50 -3.45 -0.32
C ASN C 103 -21.40 -4.73 -1.15
N GLY C 104 -22.55 -5.25 -1.59
CA GLY C 104 -22.61 -6.42 -2.46
C GLY C 104 -22.53 -7.73 -1.68
N LYS C 105 -21.65 -7.76 -0.67
CA LYS C 105 -21.39 -8.95 0.13
C LYS C 105 -22.51 -9.12 1.16
N LEU C 106 -22.99 -10.36 1.29
CA LEU C 106 -23.95 -10.72 2.32
C LEU C 106 -23.21 -10.81 3.67
N ILE C 107 -23.84 -10.28 4.72
CA ILE C 107 -23.19 -10.13 6.01
C ILE C 107 -23.97 -10.86 7.10
N ALA C 108 -25.20 -11.29 6.78
CA ALA C 108 -26.07 -11.91 7.76
C ALA C 108 -27.04 -12.89 7.10
N TYR C 109 -27.72 -13.68 7.94
CA TYR C 109 -28.78 -14.57 7.50
C TYR C 109 -30.13 -13.97 7.89
N PRO C 110 -31.06 -13.77 6.93
CA PRO C 110 -32.39 -13.27 7.25
C PRO C 110 -33.23 -14.36 7.91
N ILE C 111 -33.95 -13.98 8.98
CA ILE C 111 -34.73 -14.92 9.75
C ILE C 111 -36.21 -14.64 9.54
N ALA C 112 -36.64 -13.41 9.88
CA ALA C 112 -38.05 -13.03 9.80
C ALA C 112 -38.18 -11.53 9.53
N VAL C 113 -39.36 -11.16 9.01
CA VAL C 113 -39.69 -9.77 8.72
C VAL C 113 -40.66 -9.27 9.77
N GLU C 114 -40.26 -8.22 10.48
CA GLU C 114 -41.06 -7.62 11.53
C GLU C 114 -41.66 -6.30 11.04
N ALA C 115 -42.93 -6.07 11.40
CA ALA C 115 -43.61 -4.83 11.11
C ALA C 115 -44.62 -4.53 12.22
N LEU C 116 -44.66 -3.26 12.64
CA LEU C 116 -45.54 -2.83 13.72
C LEU C 116 -46.99 -2.85 13.25
N SER C 117 -47.85 -3.45 14.09
CA SER C 117 -49.27 -3.53 13.82
C SER C 117 -50.06 -2.94 14.99
N LEU C 118 -51.31 -2.58 14.71
CA LEU C 118 -52.22 -2.09 15.75
C LEU C 118 -53.03 -3.27 16.29
N ILE C 119 -52.94 -3.47 17.60
CA ILE C 119 -53.66 -4.54 18.28
C ILE C 119 -54.66 -3.90 19.25
N TYR C 120 -55.93 -4.29 19.12
CA TYR C 120 -57.01 -3.72 19.91
C TYR C 120 -57.84 -4.84 20.53
N ASN C 121 -58.55 -4.52 21.62
CA ASN C 121 -59.46 -5.43 22.27
C ASN C 121 -60.83 -5.32 21.59
N LYS C 122 -61.33 -6.46 21.10
CA LYS C 122 -62.61 -6.51 20.39
C LYS C 122 -63.77 -6.40 21.38
N ASP C 123 -63.53 -6.86 22.61
CA ASP C 123 -64.52 -6.81 23.69
C ASP C 123 -64.74 -5.36 24.11
N LEU C 124 -63.64 -4.60 24.20
CA LEU C 124 -63.67 -3.21 24.64
C LEU C 124 -64.13 -2.32 23.49
N LEU C 125 -63.76 -2.70 22.26
CA LEU C 125 -64.10 -1.93 21.07
C LEU C 125 -64.28 -2.86 19.89
N PRO C 126 -65.49 -2.89 19.27
CA PRO C 126 -65.75 -3.80 18.14
C PRO C 126 -64.97 -3.45 16.87
N ASN C 127 -64.95 -2.16 16.52
CA ASN C 127 -64.30 -1.70 15.31
C ASN C 127 -63.18 -0.73 15.64
N PRO C 128 -61.93 -1.00 15.19
CA PRO C 128 -60.80 -0.10 15.48
C PRO C 128 -60.93 1.21 14.71
N PRO C 129 -60.41 2.34 15.25
CA PRO C 129 -60.48 3.64 14.57
C PRO C 129 -59.70 3.64 13.26
N LYS C 130 -60.28 4.26 12.23
CA LYS C 130 -59.71 4.30 10.90
C LYS C 130 -58.55 5.29 10.86
N THR C 131 -58.68 6.41 11.58
CA THR C 131 -57.70 7.48 11.52
C THR C 131 -57.23 7.84 12.94
N TRP C 132 -56.13 8.60 13.00
CA TRP C 132 -55.55 9.06 14.25
C TRP C 132 -56.39 10.19 14.84
N GLU C 133 -57.03 10.97 13.96
CA GLU C 133 -57.74 12.19 14.34
C GLU C 133 -58.97 11.87 15.18
N GLU C 134 -59.45 10.62 15.08
CA GLU C 134 -60.68 10.22 15.76
C GLU C 134 -60.36 9.37 16.99
N ILE C 135 -59.07 9.20 17.29
CA ILE C 135 -58.63 8.42 18.44
C ILE C 135 -58.94 9.18 19.74
N PRO C 136 -58.74 10.52 19.81
CA PRO C 136 -59.11 11.28 21.02
C PRO C 136 -60.59 11.18 21.40
N ALA C 137 -61.45 11.10 20.38
CA ALA C 137 -62.89 10.98 20.58
C ALA C 137 -63.22 9.61 21.20
N LEU C 138 -62.49 8.59 20.75
CA LEU C 138 -62.65 7.22 21.23
C LEU C 138 -62.13 7.11 22.67
N ASP C 139 -61.12 7.94 22.99
CA ASP C 139 -60.48 7.91 24.30
C ASP C 139 -61.49 8.25 25.38
N LYS C 140 -62.32 9.27 25.12
CA LYS C 140 -63.31 9.75 26.08
C LYS C 140 -64.25 8.62 26.47
N GLU C 141 -64.66 7.82 25.47
CA GLU C 141 -65.59 6.73 25.65
C GLU C 141 -64.99 5.66 26.55
N LEU C 142 -63.68 5.40 26.38
CA LEU C 142 -62.98 4.34 27.08
C LEU C 142 -62.50 4.84 28.44
N LYS C 143 -62.43 6.17 28.60
CA LYS C 143 -62.08 6.79 29.87
C LYS C 143 -63.27 6.69 30.83
N ALA C 144 -64.48 6.87 30.27
CA ALA C 144 -65.72 6.87 31.04
C ALA C 144 -65.97 5.50 31.66
N LYS C 145 -65.66 4.44 30.91
CA LYS C 145 -65.82 3.08 31.38
C LYS C 145 -64.53 2.64 32.09
N SER C 148 -58.48 2.92 29.22
CA SER C 148 -57.70 3.85 28.35
C SER C 148 -57.79 3.39 26.89
N ALA C 149 -57.77 4.37 25.98
CA ALA C 149 -57.96 4.11 24.56
C ALA C 149 -56.74 3.40 23.97
N LEU C 150 -55.59 4.06 24.03
CA LEU C 150 -54.38 3.58 23.39
C LEU C 150 -53.18 3.80 24.33
N MET C 151 -52.39 2.73 24.51
CA MET C 151 -51.16 2.79 25.26
C MET C 151 -50.10 1.95 24.55
N PHE C 152 -48.98 2.61 24.20
CA PHE C 152 -47.86 1.95 23.54
C PHE C 152 -46.55 2.59 23.99
N ASN C 153 -45.44 1.89 23.74
CA ASN C 153 -44.10 2.31 24.13
C ASN C 153 -43.79 3.66 23.49
N LEU C 154 -43.55 4.67 24.34
CA LEU C 154 -43.24 6.02 23.88
C LEU C 154 -41.75 6.31 24.11
N GLN C 155 -41.05 5.34 24.72
CA GLN C 155 -39.64 5.50 25.05
C GLN C 155 -38.79 5.23 23.81
N GLU C 156 -39.22 4.26 23.00
CA GLU C 156 -38.52 3.89 21.78
C GLU C 156 -39.13 4.61 20.59
N PRO C 157 -38.30 5.23 19.71
CA PRO C 157 -38.80 5.95 18.54
C PRO C 157 -39.37 5.05 17.45
N TYR C 158 -38.99 3.77 17.50
CA TYR C 158 -39.41 2.76 16.53
C TYR C 158 -40.94 2.66 16.51
N PHE C 159 -41.55 2.75 17.70
CA PHE C 159 -42.98 2.58 17.87
C PHE C 159 -43.74 3.80 17.38
N THR C 160 -43.12 4.98 17.52
CA THR C 160 -43.77 6.24 17.21
C THR C 160 -43.44 6.70 15.79
N TRP C 161 -42.51 5.99 15.14
CA TRP C 161 -42.01 6.36 13.82
C TRP C 161 -43.13 6.33 12.77
N PRO C 162 -43.98 5.27 12.72
CA PRO C 162 -45.03 5.18 11.69
C PRO C 162 -45.89 6.42 11.51
N LEU C 163 -46.15 7.12 12.63
CA LEU C 163 -47.02 8.30 12.64
C LEU C 163 -46.29 9.49 12.03
N ILE C 164 -44.96 9.53 12.23
CA ILE C 164 -44.12 10.62 11.75
C ILE C 164 -43.89 10.42 10.25
N ALA C 165 -43.81 9.15 9.83
CA ALA C 165 -43.48 8.79 8.46
C ALA C 165 -44.72 8.78 7.58
N ALA C 166 -45.90 8.81 8.22
CA ALA C 166 -47.17 8.70 7.52
C ALA C 166 -47.39 9.91 6.62
N ASP C 167 -47.18 11.11 7.17
CA ASP C 167 -47.46 12.35 6.47
C ASP C 167 -46.36 12.66 5.47
N GLY C 168 -45.21 11.98 5.62
CA GLY C 168 -44.11 12.12 4.67
C GLY C 168 -42.79 12.42 5.39
N GLY C 169 -42.45 11.58 6.37
CA GLY C 169 -41.18 11.66 7.07
C GLY C 169 -40.26 10.52 6.65
N TYR C 170 -39.03 10.88 6.25
CA TYR C 170 -38.05 9.89 5.83
C TYR C 170 -36.76 10.09 6.63
N ALA C 171 -36.11 8.97 6.96
CA ALA C 171 -34.82 8.97 7.63
C ALA C 171 -33.78 9.59 6.70
N PHE C 172 -33.50 8.88 5.60
CA PHE C 172 -32.55 9.33 4.59
C PHE C 172 -33.16 9.12 3.21
N LYS C 173 -32.97 10.13 2.34
CA LYS C 173 -33.50 10.11 0.98
C LYS C 173 -32.78 9.03 0.17
N TYR C 174 -33.58 8.27 -0.59
CA TYR C 174 -33.08 7.16 -1.39
C TYR C 174 -33.20 7.51 -2.87
N ALA C 175 -32.07 7.45 -3.58
CA ALA C 175 -32.01 7.73 -5.01
C ALA C 175 -30.78 7.06 -5.60
N ALA C 176 -30.93 6.54 -6.83
CA ALA C 176 -29.85 5.89 -7.58
C ALA C 176 -29.26 4.72 -6.80
N GLY C 177 -30.11 4.04 -6.02
CA GLY C 177 -29.73 2.86 -5.25
C GLY C 177 -28.69 3.18 -4.19
N LYS C 178 -28.82 4.35 -3.55
CA LYS C 178 -27.95 4.78 -2.46
C LYS C 178 -28.65 5.85 -1.64
N TYR C 179 -28.27 5.95 -0.37
CA TYR C 179 -28.87 6.89 0.57
C TYR C 179 -27.99 8.13 0.70
N ASP C 180 -28.62 9.30 0.66
CA ASP C 180 -27.95 10.57 0.90
C ASP C 180 -28.05 10.89 2.38
N ILE C 181 -26.89 11.00 3.05
CA ILE C 181 -26.82 11.19 4.49
C ILE C 181 -27.02 12.67 4.82
N LYS C 182 -26.81 13.54 3.84
CA LYS C 182 -26.94 14.97 4.03
C LYS C 182 -28.39 15.40 3.82
N ASP C 183 -29.16 14.58 3.10
CA ASP C 183 -30.58 14.81 2.90
C ASP C 183 -31.37 14.09 3.99
N VAL C 184 -31.97 14.88 4.89
CA VAL C 184 -32.69 14.35 6.04
C VAL C 184 -34.12 14.88 6.01
N GLY C 185 -35.08 13.97 6.21
CA GLY C 185 -36.49 14.32 6.27
C GLY C 185 -37.06 14.15 7.68
N VAL C 186 -36.38 14.77 8.65
CA VAL C 186 -36.79 14.72 10.05
C VAL C 186 -37.47 16.05 10.40
N ASP C 187 -37.03 17.13 9.74
CA ASP C 187 -37.50 18.48 10.04
C ASP C 187 -38.57 18.92 9.04
N ASN C 188 -39.00 17.99 8.16
CA ASN C 188 -39.98 18.31 7.14
C ASN C 188 -41.34 18.55 7.78
N ALA C 189 -42.21 19.27 7.06
CA ALA C 189 -43.48 19.73 7.58
C ALA C 189 -44.40 18.55 7.92
N GLY C 190 -44.31 17.49 7.12
CA GLY C 190 -45.10 16.28 7.33
C GLY C 190 -44.70 15.56 8.62
N ALA C 191 -43.39 15.54 8.89
CA ALA C 191 -42.84 14.92 10.07
C ALA C 191 -43.18 15.76 11.31
N LYS C 192 -43.23 17.08 11.14
CA LYS C 192 -43.53 18.02 12.20
C LYS C 192 -44.99 17.85 12.63
N ALA C 193 -45.88 17.78 11.65
CA ALA C 193 -47.31 17.66 11.87
C ALA C 193 -47.63 16.35 12.58
N GLY C 194 -46.88 15.29 12.22
CA GLY C 194 -47.07 13.96 12.77
C GLY C 194 -46.71 13.89 14.26
N LEU C 195 -45.62 14.57 14.63
CA LEU C 195 -45.13 14.55 16.00
C LEU C 195 -45.98 15.47 16.87
N THR C 196 -46.38 16.62 16.31
CA THR C 196 -47.16 17.61 17.04
C THR C 196 -48.46 17.00 17.54
N PHE C 197 -49.06 16.13 16.72
CA PHE C 197 -50.31 15.47 17.03
C PHE C 197 -50.11 14.52 18.23
N LEU C 198 -48.96 13.84 18.25
CA LEU C 198 -48.63 12.88 19.29
C LEU C 198 -48.43 13.61 20.63
N VAL C 199 -47.88 14.82 20.57
CA VAL C 199 -47.61 15.64 21.74
C VAL C 199 -48.94 16.10 22.34
N ASP C 200 -49.92 16.39 21.47
CA ASP C 200 -51.24 16.83 21.88
C ASP C 200 -51.91 15.76 22.73
N LEU C 201 -51.72 14.49 22.35
CA LEU C 201 -52.36 13.35 23.00
C LEU C 201 -51.87 13.21 24.43
N ILE C 202 -50.58 13.52 24.66
CA ILE C 202 -49.99 13.45 25.98
C ILE C 202 -50.45 14.66 26.80
N LYS C 203 -50.58 15.81 26.13
CA LYS C 203 -50.94 17.06 26.78
C LYS C 203 -52.45 17.11 27.05
N ASN C 204 -53.23 16.30 26.34
CA ASN C 204 -54.67 16.22 26.54
C ASN C 204 -55.00 15.01 27.41
N LYS C 205 -53.96 14.34 27.92
CA LYS C 205 -54.08 13.25 28.88
C LYS C 205 -54.70 12.02 28.23
N HIS C 206 -54.46 11.84 26.93
CA HIS C 206 -54.88 10.63 26.25
C HIS C 206 -53.85 9.53 26.47
N MET C 207 -52.58 9.93 26.62
CA MET C 207 -51.48 9.01 26.86
C MET C 207 -50.52 9.62 27.89
N ASN C 208 -49.70 8.75 28.49
CA ASN C 208 -48.67 9.16 29.45
C ASN C 208 -47.32 9.13 28.75
N ALA C 209 -46.53 10.20 28.94
CA ALA C 209 -45.26 10.38 28.28
C ALA C 209 -44.23 9.36 28.75
N ASP C 210 -44.43 8.85 29.97
CA ASP C 210 -43.46 7.98 30.63
C ASP C 210 -43.82 6.52 30.43
N THR C 211 -44.76 6.24 29.54
CA THR C 211 -45.18 4.89 29.22
C THR C 211 -44.04 4.16 28.48
N ASP C 212 -43.73 2.94 28.95
CA ASP C 212 -42.75 2.10 28.27
C ASP C 212 -43.43 0.83 27.77
N TYR C 213 -42.64 -0.05 27.14
CA TYR C 213 -43.10 -1.28 26.54
C TYR C 213 -43.72 -2.19 27.60
N SER C 214 -43.01 -2.33 28.73
CA SER C 214 -43.39 -3.26 29.78
C SER C 214 -44.65 -2.79 30.50
N ILE C 215 -44.85 -1.47 30.55
CA ILE C 215 -46.03 -0.87 31.17
C ILE C 215 -47.21 -1.03 30.22
N ALA C 216 -46.97 -0.80 28.92
CA ALA C 216 -48.02 -0.79 27.91
C ALA C 216 -48.53 -2.21 27.64
N GLU C 217 -47.62 -3.19 27.75
CA GLU C 217 -47.97 -4.59 27.53
C GLU C 217 -48.89 -5.07 28.65
N ALA C 218 -48.56 -4.67 29.88
CA ALA C 218 -49.28 -5.08 31.08
C ALA C 218 -50.68 -4.47 31.09
N ALA C 219 -50.82 -3.27 30.49
CA ALA C 219 -52.09 -2.57 30.42
C ALA C 219 -53.01 -3.28 29.43
N PHE C 220 -52.42 -3.82 28.35
CA PHE C 220 -53.19 -4.51 27.32
C PHE C 220 -53.56 -5.91 27.79
N ASN C 221 -52.58 -6.62 28.37
CA ASN C 221 -52.76 -7.99 28.81
C ASN C 221 -53.84 -8.08 29.88
N LYS C 222 -53.87 -7.09 30.78
CA LYS C 222 -54.81 -7.08 31.89
C LYS C 222 -56.12 -6.41 31.47
N GLY C 223 -56.14 -5.89 30.23
CA GLY C 223 -57.35 -5.34 29.64
C GLY C 223 -57.65 -3.92 30.12
N GLU C 224 -56.66 -3.28 30.74
CA GLU C 224 -56.76 -1.91 31.21
C GLU C 224 -56.80 -0.98 29.99
N THR C 225 -55.94 -1.23 29.01
CA THR C 225 -55.91 -0.47 27.78
C THR C 225 -56.57 -1.28 26.66
N ALA C 226 -57.27 -0.57 25.77
CA ALA C 226 -58.00 -1.17 24.67
C ALA C 226 -57.04 -1.52 23.53
N MET C 227 -56.20 -0.56 23.16
CA MET C 227 -55.34 -0.69 22.00
C MET C 227 -53.87 -0.56 22.41
N THR C 228 -53.01 -1.33 21.72
CA THR C 228 -51.57 -1.24 21.86
C THR C 228 -50.91 -1.48 20.50
N ILE C 229 -49.77 -0.81 20.27
CA ILE C 229 -48.99 -0.98 19.05
C ILE C 229 -47.76 -1.82 19.39
N ASN C 230 -47.65 -2.99 18.74
CA ASN C 230 -46.59 -3.94 19.04
C ASN C 230 -46.39 -4.88 17.86
N GLY C 231 -45.27 -5.63 17.90
CA GLY C 231 -44.88 -6.54 16.84
C GLY C 231 -45.32 -7.97 17.11
N PRO C 232 -44.98 -8.93 16.21
CA PRO C 232 -45.41 -10.33 16.33
C PRO C 232 -44.97 -11.04 17.60
N TRP C 233 -43.86 -10.58 18.19
CA TRP C 233 -43.29 -11.18 19.39
C TRP C 233 -44.25 -11.07 20.56
N ALA C 234 -45.00 -9.94 20.61
CA ALA C 234 -45.86 -9.63 21.73
C ALA C 234 -47.06 -10.57 21.80
N TRP C 235 -47.41 -11.17 20.65
CA TRP C 235 -48.63 -11.94 20.49
C TRP C 235 -48.70 -13.10 21.50
N SER C 236 -47.55 -13.73 21.76
CA SER C 236 -47.50 -14.91 22.61
C SER C 236 -47.84 -14.56 24.06
N ASN C 237 -47.43 -13.36 24.49
CA ASN C 237 -47.72 -12.87 25.83
C ASN C 237 -49.18 -12.43 25.92
N ILE C 238 -49.77 -12.09 24.77
CA ILE C 238 -51.17 -11.69 24.69
C ILE C 238 -52.05 -12.94 24.81
N ASP C 239 -51.50 -14.08 24.38
CA ASP C 239 -52.20 -15.36 24.41
C ASP C 239 -52.40 -15.82 25.85
N THR C 240 -51.48 -15.39 26.74
CA THR C 240 -51.53 -15.73 28.16
C THR C 240 -52.82 -15.19 28.77
N SER C 241 -53.13 -13.93 28.47
CA SER C 241 -54.35 -13.28 28.92
C SER C 241 -55.55 -13.90 28.21
N ALA C 242 -55.36 -14.26 26.94
CA ALA C 242 -56.34 -14.91 26.08
C ALA C 242 -57.56 -14.02 25.88
N VAL C 243 -57.38 -12.71 26.01
CA VAL C 243 -58.41 -11.73 25.72
C VAL C 243 -58.47 -11.54 24.20
N ASN C 244 -59.67 -11.25 23.68
CA ASN C 244 -59.89 -11.08 22.26
C ASN C 244 -59.10 -9.88 21.75
N TYR C 245 -58.28 -10.12 20.72
CA TYR C 245 -57.40 -9.10 20.16
C TYR C 245 -57.31 -9.26 18.65
N GLY C 246 -57.46 -8.14 17.93
CA GLY C 246 -57.40 -8.13 16.47
C GLY C 246 -56.16 -7.38 15.98
N VAL C 247 -55.44 -8.00 15.05
CA VAL C 247 -54.28 -7.39 14.42
C VAL C 247 -54.75 -6.72 13.12
N THR C 248 -54.64 -5.39 13.07
CA THR C 248 -55.14 -4.62 11.95
C THR C 248 -54.10 -3.58 11.52
N VAL C 249 -54.38 -2.92 10.39
CA VAL C 249 -53.53 -1.87 9.84
C VAL C 249 -53.58 -0.66 10.77
N LEU C 250 -52.43 0.01 10.93
CA LEU C 250 -52.31 1.20 11.75
C LEU C 250 -53.21 2.29 11.18
N PRO C 251 -53.83 3.15 12.03
CA PRO C 251 -54.70 4.23 11.55
C PRO C 251 -53.97 5.17 10.58
N THR C 252 -54.70 5.62 9.56
CA THR C 252 -54.17 6.53 8.57
C THR C 252 -54.20 7.95 9.11
N PHE C 253 -53.09 8.68 8.97
CA PHE C 253 -53.00 10.04 9.49
C PHE C 253 -53.05 11.03 8.34
N LYS C 254 -54.02 11.96 8.42
CA LYS C 254 -54.25 13.02 7.44
C LYS C 254 -54.48 12.42 6.05
N GLY C 255 -55.20 11.28 6.02
CA GLY C 255 -55.56 10.62 4.78
C GLY C 255 -54.41 9.84 4.16
N GLN C 256 -53.34 9.66 4.94
CA GLN C 256 -52.15 8.96 4.49
C GLN C 256 -51.94 7.71 5.36
N PRO C 257 -51.80 6.51 4.75
CA PRO C 257 -51.63 5.27 5.52
C PRO C 257 -50.32 5.26 6.29
N SER C 258 -50.38 4.78 7.54
CA SER C 258 -49.22 4.76 8.42
C SER C 258 -48.12 3.89 7.84
N LYS C 259 -46.90 4.43 7.84
CA LYS C 259 -45.74 3.79 7.23
C LYS C 259 -44.72 3.46 8.32
N PRO C 260 -44.70 2.21 8.86
CA PRO C 260 -43.69 1.82 9.83
C PRO C 260 -42.36 1.45 9.17
N PHE C 261 -41.28 1.54 9.95
CA PHE C 261 -39.99 1.01 9.52
C PHE C 261 -40.01 -0.52 9.70
N VAL C 262 -39.74 -1.23 8.61
CA VAL C 262 -39.78 -2.68 8.58
C VAL C 262 -38.39 -3.23 8.88
N GLY C 263 -38.32 -4.10 9.89
CA GLY C 263 -37.06 -4.73 10.29
C GLY C 263 -37.03 -6.21 9.95
N VAL C 264 -35.89 -6.67 9.43
CA VAL C 264 -35.67 -8.07 9.15
C VAL C 264 -34.70 -8.62 10.19
N LEU C 265 -35.16 -9.63 10.95
CA LEU C 265 -34.33 -10.26 11.96
C LEU C 265 -33.19 -11.00 11.28
N SER C 266 -31.97 -10.72 11.74
CA SER C 266 -30.76 -11.16 11.07
C SER C 266 -29.83 -11.86 12.05
N ALA C 267 -29.07 -12.84 11.54
CA ALA C 267 -28.07 -13.55 12.33
C ALA C 267 -26.71 -13.38 11.66
N GLY C 268 -25.75 -12.80 12.41
CA GLY C 268 -24.43 -12.52 11.88
C GLY C 268 -23.34 -13.28 12.64
N ILE C 269 -22.48 -13.96 11.86
CA ILE C 269 -21.34 -14.68 12.41
C ILE C 269 -20.22 -13.69 12.69
N ASN C 270 -19.73 -13.69 13.94
CA ASN C 270 -18.67 -12.82 14.40
C ASN C 270 -17.39 -13.15 13.62
N ALA C 271 -16.63 -12.10 13.29
CA ALA C 271 -15.40 -12.22 12.51
C ALA C 271 -14.29 -12.81 13.36
N ALA C 272 -14.33 -12.53 14.67
CA ALA C 272 -13.31 -13.00 15.60
C ALA C 272 -13.64 -14.42 16.05
N SER C 273 -14.87 -14.87 15.75
CA SER C 273 -15.34 -16.20 16.12
C SER C 273 -14.52 -17.27 15.40
N PRO C 274 -13.92 -18.23 16.14
CA PRO C 274 -13.14 -19.31 15.51
C PRO C 274 -14.02 -20.34 14.81
N ASN C 275 -15.24 -20.54 15.34
CA ASN C 275 -16.16 -21.55 14.84
C ASN C 275 -17.17 -20.88 13.91
N LYS C 276 -16.69 -20.42 12.75
CA LYS C 276 -17.52 -19.81 11.73
C LYS C 276 -18.32 -20.90 11.02
N GLU C 277 -17.66 -22.02 10.74
CA GLU C 277 -18.23 -23.14 10.02
C GLU C 277 -19.31 -23.80 10.87
N LEU C 278 -19.06 -23.90 12.18
CA LEU C 278 -19.98 -24.52 13.12
C LEU C 278 -21.20 -23.63 13.32
N ALA C 279 -21.00 -22.31 13.26
CA ALA C 279 -22.07 -21.34 13.37
C ALA C 279 -22.92 -21.38 12.09
N LYS C 280 -22.24 -21.45 10.94
CA LYS C 280 -22.87 -21.51 9.63
C LYS C 280 -23.82 -22.71 9.57
N GLU C 281 -23.30 -23.89 9.96
CA GLU C 281 -24.02 -25.15 9.86
C GLU C 281 -25.25 -25.14 10.76
N PHE C 282 -25.14 -24.46 11.90
CA PHE C 282 -26.24 -24.36 12.85
C PHE C 282 -27.37 -23.52 12.27
N LEU C 283 -27.01 -22.37 11.67
CA LEU C 283 -27.97 -21.43 11.14
C LEU C 283 -28.62 -22.00 9.88
N GLU C 284 -27.81 -22.67 9.06
CA GLU C 284 -28.25 -23.17 7.77
C GLU C 284 -29.09 -24.44 7.93
N ASN C 285 -28.64 -25.35 8.81
CA ASN C 285 -29.17 -26.71 8.83
C ASN C 285 -30.15 -26.91 9.99
N TYR C 286 -30.31 -25.90 10.85
CA TYR C 286 -31.11 -26.09 12.05
C TYR C 286 -32.08 -24.92 12.26
N LEU C 287 -31.56 -23.69 12.29
CA LEU C 287 -32.38 -22.53 12.58
C LEU C 287 -33.32 -22.25 11.40
N LEU C 288 -32.75 -22.23 10.19
CA LEU C 288 -33.52 -21.91 9.00
C LEU C 288 -34.00 -23.19 8.33
N THR C 289 -34.85 -23.92 9.06
CA THR C 289 -35.55 -25.10 8.59
C THR C 289 -37.01 -25.00 9.00
N ASP C 290 -37.84 -25.93 8.52
CA ASP C 290 -39.27 -25.94 8.79
C ASP C 290 -39.53 -26.19 10.28
N GLU C 291 -38.76 -27.13 10.85
CA GLU C 291 -38.94 -27.56 12.23
C GLU C 291 -38.40 -26.49 13.18
N GLY C 292 -37.23 -25.94 12.83
CA GLY C 292 -36.50 -24.99 13.66
C GLY C 292 -37.29 -23.71 13.92
N LEU C 293 -37.92 -23.19 12.85
CA LEU C 293 -38.65 -21.93 12.91
C LEU C 293 -39.94 -22.10 13.71
N GLU C 294 -40.52 -23.30 13.65
CA GLU C 294 -41.77 -23.59 14.33
C GLU C 294 -41.57 -23.54 15.84
N ALA C 295 -40.41 -24.00 16.30
CA ALA C 295 -40.07 -24.04 17.71
C ALA C 295 -39.93 -22.62 18.27
N VAL C 296 -39.29 -21.74 17.49
CA VAL C 296 -39.01 -20.38 17.90
C VAL C 296 -40.30 -19.56 17.84
N ASN C 297 -41.15 -19.87 16.85
CA ASN C 297 -42.39 -19.13 16.62
C ASN C 297 -43.38 -19.38 17.75
N LYS C 298 -43.43 -20.63 18.25
CA LYS C 298 -44.39 -21.04 19.26
C LYS C 298 -44.06 -20.39 20.60
N ASP C 299 -42.76 -20.20 20.87
CA ASP C 299 -42.29 -19.55 22.07
C ASP C 299 -42.68 -18.07 22.03
N LYS C 300 -42.14 -17.36 21.05
CA LYS C 300 -42.45 -15.95 20.79
C LYS C 300 -42.39 -15.74 19.28
N PRO C 301 -43.53 -15.46 18.60
CA PRO C 301 -43.57 -15.39 17.13
C PRO C 301 -42.54 -14.42 16.53
N LEU C 302 -41.97 -14.84 15.40
CA LEU C 302 -40.94 -14.08 14.70
C LEU C 302 -41.61 -13.07 13.78
N GLY C 303 -42.67 -13.50 13.10
CA GLY C 303 -43.35 -12.72 12.08
C GLY C 303 -43.34 -13.44 10.73
N ALA C 304 -43.31 -12.66 9.64
CA ALA C 304 -43.19 -13.21 8.30
C ALA C 304 -41.75 -13.67 8.07
N VAL C 305 -41.55 -14.99 8.09
CA VAL C 305 -40.22 -15.59 8.08
C VAL C 305 -39.60 -15.49 6.69
N ALA C 306 -38.28 -15.63 6.63
CA ALA C 306 -37.52 -15.55 5.40
C ALA C 306 -37.65 -16.84 4.61
N LEU C 307 -37.86 -17.96 5.33
CA LEU C 307 -37.97 -19.28 4.71
C LEU C 307 -39.32 -19.38 4.00
N LYS C 308 -39.27 -19.85 2.75
CA LYS C 308 -40.44 -19.90 1.87
C LYS C 308 -41.41 -20.97 2.36
N SER C 309 -40.90 -22.20 2.51
CA SER C 309 -41.71 -23.37 2.81
C SER C 309 -42.55 -23.16 4.06
N TYR C 310 -41.97 -22.50 5.07
CA TYR C 310 -42.65 -22.29 6.35
C TYR C 310 -43.61 -21.10 6.26
N GLU C 311 -43.27 -20.13 5.40
CA GLU C 311 -44.05 -18.91 5.25
C GLU C 311 -45.39 -19.22 4.58
N GLU C 312 -45.40 -20.26 3.73
CA GLU C 312 -46.59 -20.70 3.02
C GLU C 312 -47.68 -21.07 4.01
N GLU C 313 -47.27 -21.55 5.19
CA GLU C 313 -48.18 -21.96 6.24
C GLU C 313 -48.58 -20.76 7.10
N LEU C 314 -47.62 -19.83 7.29
CA LEU C 314 -47.80 -18.69 8.17
C LEU C 314 -48.70 -17.64 7.54
N ALA C 315 -48.56 -17.45 6.21
CA ALA C 315 -49.20 -16.37 5.49
C ALA C 315 -50.72 -16.43 5.63
N LYS C 316 -51.24 -17.63 5.98
CA LYS C 316 -52.67 -17.87 6.09
C LYS C 316 -53.20 -17.26 7.40
N ASP C 317 -52.33 -17.18 8.40
CA ASP C 317 -52.64 -16.54 9.67
C ASP C 317 -52.95 -15.06 9.40
N PRO C 318 -54.16 -14.57 9.74
CA PRO C 318 -54.55 -13.19 9.44
C PRO C 318 -53.67 -12.15 10.10
N ARG C 319 -53.04 -12.51 11.23
CA ARG C 319 -52.15 -11.63 11.97
C ARG C 319 -50.90 -11.37 11.13
N ILE C 320 -50.40 -12.43 10.47
CA ILE C 320 -49.21 -12.37 9.64
C ILE C 320 -49.49 -11.51 8.41
N ALA C 321 -50.67 -11.71 7.81
CA ALA C 321 -51.07 -10.99 6.61
C ALA C 321 -51.37 -9.54 6.93
N ALA C 322 -51.86 -9.29 8.15
CA ALA C 322 -52.17 -7.94 8.62
C ALA C 322 -50.88 -7.21 8.97
N THR C 323 -49.86 -7.97 9.39
CA THR C 323 -48.53 -7.44 9.62
C THR C 323 -47.94 -7.00 8.29
N MET C 324 -48.15 -7.82 7.25
CA MET C 324 -47.63 -7.56 5.92
C MET C 324 -48.36 -6.39 5.28
N GLU C 325 -49.66 -6.26 5.58
CA GLU C 325 -50.46 -5.15 5.07
C GLU C 325 -49.90 -3.82 5.60
N ASN C 326 -49.40 -3.86 6.84
CA ASN C 326 -48.73 -2.71 7.44
C ASN C 326 -47.32 -2.58 6.86
N ALA C 327 -46.68 -3.72 6.59
CA ALA C 327 -45.29 -3.76 6.17
C ALA C 327 -45.10 -3.05 4.83
N GLN C 328 -45.97 -3.37 3.86
CA GLN C 328 -45.85 -2.83 2.51
C GLN C 328 -46.40 -1.41 2.44
N LYS C 329 -47.03 -0.96 3.54
CA LYS C 329 -47.43 0.43 3.65
C LYS C 329 -46.24 1.25 4.17
N GLY C 330 -45.21 0.55 4.66
CA GLY C 330 -43.99 1.17 5.12
C GLY C 330 -42.79 0.82 4.24
N GLU C 331 -41.59 1.04 4.78
CA GLU C 331 -40.34 0.81 4.06
C GLU C 331 -39.44 -0.09 4.90
N ILE C 332 -38.73 -1.00 4.21
CA ILE C 332 -37.67 -1.79 4.83
C ILE C 332 -36.55 -0.84 5.24
N MET C 333 -36.11 -0.98 6.50
CA MET C 333 -35.13 -0.09 7.11
C MET C 333 -33.84 -0.07 6.31
N PRO C 334 -33.14 1.08 6.24
CA PRO C 334 -31.78 1.12 5.69
C PRO C 334 -30.82 0.38 6.61
N ASN C 335 -29.79 -0.24 6.02
CA ASN C 335 -28.80 -0.98 6.79
C ASN C 335 -27.47 -0.23 6.75
N ILE C 336 -27.52 1.09 6.55
CA ILE C 336 -26.33 1.92 6.51
C ILE C 336 -25.88 2.22 7.94
N PRO C 337 -24.63 2.70 8.16
CA PRO C 337 -24.09 2.87 9.51
C PRO C 337 -24.72 4.01 10.32
N GLN C 338 -25.34 4.96 9.62
CA GLN C 338 -25.86 6.17 10.25
C GLN C 338 -27.19 5.90 10.95
N MET C 339 -27.72 4.68 10.78
CA MET C 339 -28.99 4.29 11.37
C MET C 339 -28.90 4.30 12.88
N SER C 340 -27.70 4.01 13.40
CA SER C 340 -27.41 4.07 14.82
C SER C 340 -27.59 5.50 15.32
N ALA C 341 -27.12 6.45 14.52
CA ALA C 341 -27.18 7.87 14.84
C ALA C 341 -28.61 8.38 14.70
N PHE C 342 -29.26 7.99 13.60
CA PHE C 342 -30.63 8.41 13.29
C PHE C 342 -31.55 8.04 14.44
N TRP C 343 -31.49 6.77 14.87
CA TRP C 343 -32.37 6.22 15.89
C TRP C 343 -32.21 6.97 17.20
N TYR C 344 -30.95 7.32 17.54
CA TYR C 344 -30.67 8.01 18.79
C TYR C 344 -31.11 9.47 18.71
N ALA C 345 -31.08 10.04 17.50
CA ALA C 345 -31.44 11.43 17.28
C ALA C 345 -32.94 11.63 17.48
N VAL C 346 -33.73 10.65 17.00
CA VAL C 346 -35.18 10.73 17.03
C VAL C 346 -35.69 10.39 18.43
N ARG C 347 -35.08 9.36 19.04
CA ARG C 347 -35.41 8.96 20.41
C ARG C 347 -35.46 10.18 21.31
N THR C 348 -34.44 11.03 21.19
CA THR C 348 -34.27 12.23 22.00
C THR C 348 -35.34 13.27 21.63
N ALA C 349 -35.66 13.34 20.33
CA ALA C 349 -36.59 14.33 19.82
C ALA C 349 -38.02 14.02 20.25
N VAL C 350 -38.36 12.72 20.26
CA VAL C 350 -39.70 12.26 20.62
C VAL C 350 -39.93 12.49 22.11
N ILE C 351 -38.90 12.18 22.93
CA ILE C 351 -38.99 12.23 24.38
C ILE C 351 -39.07 13.67 24.85
N ASN C 352 -38.28 14.55 24.23
CA ASN C 352 -38.20 15.95 24.63
C ASN C 352 -39.47 16.69 24.23
N ALA C 353 -40.26 16.10 23.33
CA ALA C 353 -41.54 16.64 22.92
C ALA C 353 -42.63 16.12 23.85
N ALA C 354 -42.48 14.85 24.27
CA ALA C 354 -43.44 14.16 25.13
C ALA C 354 -43.49 14.83 26.50
N SER C 355 -42.31 15.10 27.07
CA SER C 355 -42.18 15.73 28.37
C SER C 355 -42.36 17.23 28.25
N GLY C 356 -42.28 17.74 27.02
CA GLY C 356 -42.48 19.15 26.72
C GLY C 356 -41.29 20.00 27.14
N ARG C 357 -40.09 19.41 27.06
CA ARG C 357 -38.84 20.09 27.36
C ARG C 357 -38.59 21.17 26.30
N GLN C 358 -38.94 20.84 25.05
CA GLN C 358 -38.86 21.76 23.93
C GLN C 358 -40.17 21.71 23.15
N THR C 359 -40.28 22.59 22.14
CA THR C 359 -41.36 22.51 21.17
C THR C 359 -41.06 21.37 20.20
N VAL C 360 -41.97 21.15 19.24
CA VAL C 360 -41.78 20.13 18.22
C VAL C 360 -40.80 20.66 17.18
N ASP C 361 -40.95 21.94 16.83
CA ASP C 361 -40.12 22.60 15.83
C ASP C 361 -38.67 22.64 16.30
N GLU C 362 -38.47 22.85 17.61
CA GLU C 362 -37.15 22.94 18.21
C GLU C 362 -36.50 21.57 18.26
N ALA C 363 -37.27 20.56 18.67
CA ALA C 363 -36.76 19.22 18.96
C ALA C 363 -36.37 18.50 17.68
N LEU C 364 -37.11 18.75 16.59
CA LEU C 364 -36.85 18.10 15.32
C LEU C 364 -35.72 18.81 14.59
N LYS C 365 -35.50 20.09 14.92
CA LYS C 365 -34.38 20.85 14.41
C LYS C 365 -33.09 20.28 14.98
N ASP C 366 -33.16 19.81 16.24
CA ASP C 366 -32.05 19.16 16.91
C ASP C 366 -31.72 17.86 16.18
N ALA C 367 -32.75 17.06 15.90
CA ALA C 367 -32.60 15.74 15.33
C ALA C 367 -32.24 15.82 13.85
N GLN C 368 -32.50 16.99 13.23
CA GLN C 368 -32.19 17.22 11.84
C GLN C 368 -30.68 17.18 11.63
N THR C 369 -29.94 17.81 12.54
CA THR C 369 -28.49 17.91 12.46
C THR C 369 -27.86 16.63 12.96
N ASN C 370 -28.53 15.97 13.92
CA ASN C 370 -27.95 14.89 14.69
C ASN C 370 -28.22 13.53 14.03
N ALA C 371 -28.92 13.55 12.89
CA ALA C 371 -29.33 12.33 12.22
C ALA C 371 -28.13 11.55 11.69
N ALA C 372 -27.08 12.28 11.30
CA ALA C 372 -25.88 11.70 10.73
C ALA C 372 -24.70 11.83 11.69
N ALA C 373 -24.85 12.72 12.68
CA ALA C 373 -23.80 12.97 13.65
C ALA C 373 -23.68 11.78 14.60
N MET C 374 -22.78 10.87 14.26
CA MET C 374 -22.63 9.60 14.97
C MET C 374 -21.86 9.84 16.27
N GLY C 375 -20.85 10.72 16.20
CA GLY C 375 -19.94 10.95 17.32
C GLY C 375 -20.61 11.67 18.49
N VAL C 376 -21.04 12.91 18.24
CA VAL C 376 -21.61 13.76 19.27
C VAL C 376 -23.00 14.23 18.84
N GLN C 377 -23.92 14.25 19.82
CA GLN C 377 -25.29 14.70 19.61
C GLN C 377 -25.53 15.95 20.47
N VAL C 378 -26.22 16.94 19.89
CA VAL C 378 -26.38 18.24 20.53
C VAL C 378 -27.86 18.45 20.88
N GLU C 379 -28.12 18.79 22.15
CA GLU C 379 -29.43 19.19 22.62
C GLU C 379 -29.39 20.68 22.94
N THR C 380 -30.30 21.45 22.32
CA THR C 380 -30.34 22.89 22.50
C THR C 380 -31.24 23.24 23.68
N ILE C 381 -30.75 24.11 24.56
CA ILE C 381 -31.50 24.59 25.71
C ILE C 381 -31.78 26.08 25.53
N SER C 382 -30.70 26.86 25.39
CA SER C 382 -30.79 28.30 25.17
C SER C 382 -30.27 28.63 23.78
N PRO C 383 -30.98 29.47 22.99
CA PRO C 383 -30.55 29.81 21.63
C PRO C 383 -29.36 30.75 21.62
N GLY C 384 -28.42 30.50 20.69
CA GLY C 384 -27.26 31.35 20.51
C GLY C 384 -27.60 32.57 19.66
N ASP C 385 -26.57 33.33 19.29
CA ASP C 385 -26.74 34.54 18.50
C ASP C 385 -27.00 34.16 17.05
N GLY C 386 -26.28 33.14 16.56
CA GLY C 386 -26.42 32.67 15.20
C GLY C 386 -25.40 33.31 14.26
N ARG C 387 -24.79 34.40 14.72
CA ARG C 387 -23.78 35.14 13.97
C ARG C 387 -22.39 34.83 14.55
N PHE C 389 -19.79 31.83 15.31
CA PHE C 389 -19.25 30.45 15.50
C PHE C 389 -17.73 30.51 15.63
N PRO C 390 -17.14 29.79 16.61
CA PRO C 390 -15.69 29.81 16.81
C PRO C 390 -14.90 29.13 15.69
N LYS C 391 -13.90 29.84 15.16
CA LYS C 391 -13.02 29.30 14.14
C LYS C 391 -11.84 28.60 14.80
N ARG C 392 -11.10 27.82 14.01
CA ARG C 392 -9.97 27.05 14.51
C ARG C 392 -8.86 28.00 14.95
N GLY C 393 -8.55 27.97 16.25
CA GLY C 393 -7.52 28.81 16.83
C GLY C 393 -8.08 29.74 17.91
N GLN C 394 -9.41 29.91 17.91
CA GLN C 394 -10.08 30.79 18.85
C GLN C 394 -10.22 30.10 20.20
N THR C 395 -10.41 30.89 21.25
CA THR C 395 -10.61 30.40 22.61
C THR C 395 -12.11 30.42 22.94
N CYS C 396 -12.57 29.34 23.57
CA CYS C 396 -13.96 29.21 23.98
C CYS C 396 -14.04 29.22 25.51
N VAL C 397 -14.84 30.15 26.05
CA VAL C 397 -15.09 30.27 27.47
C VAL C 397 -16.44 29.61 27.75
N VAL C 398 -16.44 28.60 28.63
CA VAL C 398 -17.59 27.73 28.80
C VAL C 398 -17.80 27.38 30.28
N HIS C 399 -19.06 27.07 30.61
CA HIS C 399 -19.43 26.41 31.85
C HIS C 399 -20.07 25.07 31.51
N TYR C 400 -19.62 24.00 32.18
CA TYR C 400 -20.03 22.64 31.82
C TYR C 400 -20.38 21.82 33.06
N THR C 401 -21.10 20.72 32.83
CA THR C 401 -21.39 19.71 33.84
C THR C 401 -21.25 18.33 33.19
N GLY C 402 -20.45 17.47 33.83
CA GLY C 402 -20.13 16.16 33.29
C GLY C 402 -20.90 15.04 33.99
N MET C 403 -21.57 14.20 33.19
CA MET C 403 -22.35 13.08 33.69
C MET C 403 -22.28 11.92 32.69
N LEU C 404 -22.63 10.72 33.17
CA LEU C 404 -22.48 9.48 32.42
C LEU C 404 -23.83 9.00 31.91
N GLU C 405 -23.81 7.99 31.03
CA GLU C 405 -25.02 7.32 30.57
C GLU C 405 -25.08 5.92 31.21
N GLY D 2 1.77 5.48 -17.38
CA GLY D 2 1.13 4.15 -17.17
C GLY D 2 0.08 3.83 -18.24
N LYS D 3 -0.59 2.69 -18.06
CA LYS D 3 -1.55 2.19 -19.03
C LYS D 3 -2.85 2.98 -18.94
N LYS D 4 -3.25 3.59 -20.07
CA LYS D 4 -4.52 4.28 -20.20
C LYS D 4 -5.62 3.24 -20.34
N PHE D 5 -6.68 3.38 -19.52
CA PHE D 5 -7.78 2.43 -19.54
C PHE D 5 -9.06 3.08 -20.06
N ASP D 6 -9.18 4.40 -19.90
CA ASP D 6 -10.37 5.14 -20.31
C ASP D 6 -10.01 6.60 -20.50
N SER D 7 -10.60 7.22 -21.53
CA SER D 7 -10.45 8.65 -21.78
C SER D 7 -11.72 9.20 -22.42
N SER D 8 -12.16 10.35 -21.93
CA SER D 8 -13.34 11.04 -22.44
C SER D 8 -12.96 11.84 -23.69
N ARG D 9 -11.67 12.13 -23.84
CA ARG D 9 -11.13 12.87 -24.98
C ARG D 9 -11.13 11.96 -26.20
N ASP D 10 -11.03 10.65 -25.97
CA ASP D 10 -11.02 9.65 -27.03
C ASP D 10 -12.43 9.44 -27.56
N ARG D 11 -13.43 9.92 -26.80
CA ARG D 11 -14.83 9.86 -27.19
C ARG D 11 -15.23 11.16 -27.90
N ASN D 12 -14.59 12.27 -27.51
CA ASN D 12 -14.84 13.60 -28.03
C ASN D 12 -15.98 14.26 -27.25
N LYS D 13 -16.72 13.46 -26.49
CA LYS D 13 -17.86 13.93 -25.70
C LYS D 13 -17.43 14.06 -24.24
N PRO D 14 -17.70 15.23 -23.61
CA PRO D 14 -17.34 15.44 -22.20
C PRO D 14 -18.18 14.60 -21.26
N PHE D 15 -17.61 14.28 -20.09
CA PHE D 15 -18.30 13.49 -19.07
C PHE D 15 -18.92 14.42 -18.04
N LYS D 16 -20.15 14.07 -17.61
CA LYS D 16 -20.87 14.83 -16.60
C LYS D 16 -21.21 13.90 -15.43
N PHE D 17 -21.23 14.47 -14.22
CA PHE D 17 -21.64 13.76 -13.02
C PHE D 17 -22.07 14.78 -11.96
N MET D 18 -22.90 14.33 -11.01
CA MET D 18 -23.34 15.17 -9.90
C MET D 18 -22.43 14.94 -8.70
N LEU D 19 -21.97 16.04 -8.10
CA LEU D 19 -21.01 16.01 -7.02
C LEU D 19 -21.73 15.84 -5.68
N GLY D 20 -21.06 15.15 -4.75
CA GLY D 20 -21.55 14.94 -3.39
C GLY D 20 -22.85 14.14 -3.36
N LYS D 21 -22.97 13.18 -4.29
CA LYS D 21 -24.16 12.37 -4.41
C LYS D 21 -23.78 10.91 -4.57
N GLN D 22 -22.49 10.62 -4.33
CA GLN D 22 -21.92 9.28 -4.27
C GLN D 22 -21.99 8.60 -5.65
N GLU D 23 -21.95 9.41 -6.71
CA GLU D 23 -22.05 8.91 -8.06
C GLU D 23 -20.71 8.34 -8.52
N VAL D 24 -19.62 8.97 -8.06
CA VAL D 24 -18.27 8.61 -8.48
C VAL D 24 -17.46 8.16 -7.26
N ILE D 25 -16.26 7.66 -7.53
CA ILE D 25 -15.33 7.19 -6.51
C ILE D 25 -14.93 8.36 -5.61
N ARG D 26 -14.42 8.02 -4.42
CA ARG D 26 -14.13 8.98 -3.37
C ARG D 26 -12.98 9.90 -3.78
N GLY D 27 -12.05 9.37 -4.58
CA GLY D 27 -10.93 10.14 -5.10
C GLY D 27 -11.37 11.34 -5.93
N TRP D 28 -12.42 11.12 -6.75
CA TRP D 28 -13.03 12.17 -7.55
C TRP D 28 -13.84 13.11 -6.66
N GLU D 29 -14.62 12.50 -5.75
CA GLU D 29 -15.60 13.22 -4.93
C GLU D 29 -14.92 14.34 -4.15
N GLU D 30 -13.66 14.13 -3.78
CA GLU D 30 -12.92 15.08 -2.94
C GLU D 30 -11.84 15.78 -3.77
N GLY D 31 -11.36 15.10 -4.82
CA GLY D 31 -10.34 15.63 -5.69
C GLY D 31 -10.87 16.72 -6.62
N VAL D 32 -12.13 16.56 -7.06
CA VAL D 32 -12.76 17.49 -7.98
C VAL D 32 -13.41 18.62 -7.18
N ALA D 33 -13.78 18.33 -5.93
CA ALA D 33 -14.43 19.30 -5.05
C ALA D 33 -13.46 20.42 -4.68
N GLN D 34 -12.16 20.17 -4.86
CA GLN D 34 -11.12 21.14 -4.55
C GLN D 34 -10.49 21.66 -5.84
N MET D 35 -11.26 21.61 -6.94
CA MET D 35 -10.81 22.11 -8.23
C MET D 35 -11.67 23.29 -8.66
N SER D 36 -11.03 24.29 -9.29
CA SER D 36 -11.71 25.45 -9.83
C SER D 36 -12.02 25.24 -11.31
N VAL D 37 -12.93 26.05 -11.86
CA VAL D 37 -13.38 25.94 -13.23
C VAL D 37 -12.25 26.38 -14.16
N GLY D 38 -11.97 25.54 -15.17
CA GLY D 38 -10.93 25.81 -16.15
C GLY D 38 -9.61 25.12 -15.80
N GLN D 39 -9.49 24.73 -14.53
CA GLN D 39 -8.29 24.08 -14.00
C GLN D 39 -8.16 22.67 -14.58
N ARG D 40 -6.93 22.33 -14.97
CA ARG D 40 -6.57 20.96 -15.30
C ARG D 40 -5.63 20.45 -14.21
N ALA D 41 -5.97 19.28 -13.65
CA ALA D 41 -5.24 18.73 -12.52
C ALA D 41 -5.01 17.24 -12.72
N LYS D 42 -4.04 16.69 -11.97
CA LYS D 42 -3.70 15.28 -12.03
C LYS D 42 -4.00 14.64 -10.67
N LEU D 43 -5.07 13.85 -10.62
CA LEU D 43 -5.55 13.21 -9.41
C LEU D 43 -4.90 11.84 -9.27
N THR D 44 -4.15 11.66 -8.18
CA THR D 44 -3.62 10.35 -7.81
C THR D 44 -4.45 9.78 -6.67
N ILE D 45 -5.18 8.71 -6.96
CA ILE D 45 -6.19 8.18 -6.05
C ILE D 45 -5.71 6.84 -5.50
N SER D 46 -5.69 6.74 -4.16
CA SER D 46 -5.32 5.52 -3.47
C SER D 46 -6.43 4.47 -3.63
N PRO D 47 -6.10 3.16 -3.64
CA PRO D 47 -7.11 2.10 -3.76
C PRO D 47 -8.31 2.26 -2.84
N ASP D 48 -8.07 2.73 -1.61
CA ASP D 48 -9.11 2.87 -0.60
C ASP D 48 -10.12 3.93 -1.03
N TYR D 49 -9.71 4.80 -1.95
CA TYR D 49 -10.56 5.87 -2.46
C TYR D 49 -10.97 5.55 -3.90
N ALA D 50 -10.62 4.34 -4.35
CA ALA D 50 -10.86 3.91 -5.72
C ALA D 50 -11.69 2.61 -5.72
N TYR D 51 -11.06 1.52 -6.16
CA TYR D 51 -11.77 0.27 -6.40
C TYR D 51 -11.32 -0.82 -5.43
N GLY D 52 -10.45 -0.45 -4.49
CA GLY D 52 -10.08 -1.29 -3.37
C GLY D 52 -9.41 -2.60 -3.81
N ALA D 53 -9.67 -3.66 -3.03
CA ALA D 53 -9.00 -4.95 -3.19
C ALA D 53 -9.70 -5.78 -4.27
N THR D 54 -11.01 -5.56 -4.42
CA THR D 54 -11.80 -6.29 -5.41
C THR D 54 -11.42 -5.80 -6.82
N GLY D 55 -11.25 -4.48 -6.94
CA GLY D 55 -10.96 -3.84 -8.22
C GLY D 55 -12.19 -3.83 -9.13
N HIS D 56 -11.95 -3.73 -10.43
CA HIS D 56 -12.99 -3.87 -11.44
C HIS D 56 -12.51 -4.82 -12.54
N PRO D 57 -12.93 -6.11 -12.51
CA PRO D 57 -12.35 -7.14 -13.37
C PRO D 57 -12.45 -6.81 -14.86
N GLY D 58 -11.32 -6.98 -15.56
CA GLY D 58 -11.24 -6.72 -16.99
C GLY D 58 -10.63 -5.36 -17.29
N ILE D 59 -10.77 -4.42 -16.35
CA ILE D 59 -10.27 -3.06 -16.53
C ILE D 59 -9.23 -2.77 -15.45
N ILE D 60 -9.64 -2.86 -14.17
CA ILE D 60 -8.86 -2.38 -13.06
C ILE D 60 -8.45 -3.56 -12.17
N PRO D 61 -7.14 -3.85 -12.05
CA PRO D 61 -6.64 -4.86 -11.11
C PRO D 61 -6.85 -4.48 -9.64
N PRO D 62 -6.76 -5.44 -8.69
CA PRO D 62 -6.82 -5.13 -7.26
C PRO D 62 -5.66 -4.26 -6.77
N HIS D 63 -5.97 -3.41 -5.78
CA HIS D 63 -5.01 -2.52 -5.12
C HIS D 63 -4.40 -1.55 -6.13
N ALA D 64 -5.16 -1.22 -7.19
CA ALA D 64 -4.67 -0.35 -8.25
C ALA D 64 -4.82 1.11 -7.83
N THR D 65 -3.68 1.82 -7.83
CA THR D 65 -3.65 3.26 -7.65
C THR D 65 -3.90 3.91 -9.01
N LEU D 66 -4.91 4.79 -9.05
CA LEU D 66 -5.39 5.36 -10.31
C LEU D 66 -4.86 6.78 -10.48
N VAL D 67 -4.56 7.13 -11.74
CA VAL D 67 -4.08 8.45 -12.11
C VAL D 67 -5.05 9.03 -13.15
N PHE D 68 -5.63 10.18 -12.82
CA PHE D 68 -6.63 10.82 -13.67
C PHE D 68 -6.19 12.22 -14.06
N ASP D 69 -6.10 12.45 -15.38
CA ASP D 69 -5.81 13.76 -15.94
C ASP D 69 -7.13 14.43 -16.32
N VAL D 70 -7.62 15.29 -15.42
CA VAL D 70 -8.96 15.84 -15.53
C VAL D 70 -8.91 17.35 -15.70
N GLU D 71 -9.71 17.88 -16.64
CA GLU D 71 -9.94 19.30 -16.76
C GLU D 71 -11.41 19.59 -16.50
N LEU D 72 -11.68 20.43 -15.49
CA LEU D 72 -13.02 20.88 -15.18
C LEU D 72 -13.40 21.98 -16.15
N LEU D 73 -14.34 21.67 -17.06
CA LEU D 73 -14.71 22.58 -18.13
C LEU D 73 -15.69 23.64 -17.60
N LYS D 74 -16.88 23.19 -17.19
CA LYS D 74 -17.91 24.11 -16.68
C LYS D 74 -18.82 23.38 -15.69
N LEU D 75 -19.54 24.18 -14.91
CA LEU D 75 -20.55 23.69 -13.97
C LEU D 75 -21.93 23.88 -14.58
N GLU D 76 -22.87 23.00 -14.20
CA GLU D 76 -24.24 23.05 -14.68
C GLU D 76 -25.20 22.77 -13.52
N ASP E 1 20.48 -11.20 -1.87
CA ASP E 1 20.58 -10.45 -3.16
C ASP E 1 19.26 -10.57 -3.92
N GLY E 2 18.78 -11.81 -4.09
CA GLY E 2 17.57 -12.09 -4.84
C GLY E 2 16.33 -12.12 -3.96
N LYS E 3 15.20 -11.68 -4.53
CA LYS E 3 13.92 -11.64 -3.84
C LYS E 3 13.13 -12.90 -4.17
N LYS E 4 13.02 -13.79 -3.18
CA LYS E 4 12.27 -15.04 -3.29
C LYS E 4 10.79 -14.72 -3.45
N PHE E 5 10.13 -15.46 -4.34
CA PHE E 5 8.70 -15.27 -4.59
C PHE E 5 7.94 -16.58 -4.34
N ASP E 6 8.60 -17.71 -4.57
CA ASP E 6 7.99 -19.02 -4.45
C ASP E 6 9.06 -20.08 -4.18
N SER E 7 8.69 -21.11 -3.43
CA SER E 7 9.57 -22.23 -3.13
C SER E 7 8.74 -23.50 -2.93
N SER E 8 9.18 -24.60 -3.56
CA SER E 8 8.53 -25.88 -3.42
C SER E 8 9.02 -26.57 -2.15
N ARG E 9 10.20 -26.16 -1.66
CA ARG E 9 10.78 -26.68 -0.44
C ARG E 9 9.97 -26.23 0.77
N ASP E 10 9.30 -25.08 0.62
CA ASP E 10 8.45 -24.52 1.67
C ASP E 10 7.17 -25.34 1.81
N ARG E 11 6.68 -25.87 0.68
CA ARG E 11 5.48 -26.68 0.65
C ARG E 11 5.80 -28.12 1.04
N ASN E 12 7.09 -28.49 0.88
CA ASN E 12 7.64 -29.76 1.32
C ASN E 12 7.22 -30.90 0.39
N LYS E 13 6.39 -30.57 -0.61
CA LYS E 13 6.01 -31.54 -1.63
C LYS E 13 6.72 -31.18 -2.94
N PRO E 14 7.43 -32.14 -3.57
CA PRO E 14 8.14 -31.89 -4.83
C PRO E 14 7.17 -31.52 -5.95
N PHE E 15 7.59 -30.57 -6.79
CA PHE E 15 6.82 -30.14 -7.96
C PHE E 15 7.08 -31.13 -9.10
N LYS E 16 5.99 -31.58 -9.74
CA LYS E 16 6.07 -32.53 -10.83
C LYS E 16 5.56 -31.86 -12.11
N PHE E 17 6.23 -32.14 -13.23
CA PHE E 17 5.82 -31.65 -14.54
C PHE E 17 6.35 -32.59 -15.62
N MET E 18 5.73 -32.52 -16.80
CA MET E 18 6.14 -33.32 -17.94
C MET E 18 6.92 -32.44 -18.92
N LEU E 19 8.10 -32.92 -19.32
CA LEU E 19 8.98 -32.20 -20.22
C LEU E 19 8.51 -32.41 -21.66
N GLY E 20 8.67 -31.37 -22.49
CA GLY E 20 8.36 -31.44 -23.91
C GLY E 20 6.97 -30.91 -24.24
N LYS E 21 6.06 -30.96 -23.24
CA LYS E 21 4.66 -30.65 -23.43
C LYS E 21 4.43 -29.14 -23.42
N GLN E 22 5.45 -28.39 -22.99
CA GLN E 22 5.41 -26.94 -22.89
C GLN E 22 4.47 -26.54 -21.74
N GLU E 23 4.55 -27.31 -20.65
CA GLU E 23 3.77 -27.05 -19.45
C GLU E 23 4.41 -25.91 -18.66
N VAL E 24 5.74 -25.80 -18.78
CA VAL E 24 6.53 -24.82 -18.04
C VAL E 24 7.15 -23.83 -19.02
N ILE E 25 7.76 -22.78 -18.47
CA ILE E 25 8.40 -21.72 -19.25
C ILE E 25 9.58 -22.30 -20.03
N ARG E 26 10.08 -21.52 -21.00
CA ARG E 26 11.07 -21.98 -21.95
C ARG E 26 12.42 -22.18 -21.27
N GLY E 27 12.71 -21.34 -20.28
CA GLY E 27 13.94 -21.42 -19.51
C GLY E 27 14.05 -22.74 -18.74
N TRP E 28 12.89 -23.24 -18.28
CA TRP E 28 12.79 -24.51 -17.58
C TRP E 28 12.82 -25.67 -18.57
N GLU E 29 12.18 -25.48 -19.72
CA GLU E 29 12.03 -26.50 -20.74
C GLU E 29 13.39 -26.85 -21.34
N GLU E 30 14.28 -25.85 -21.41
CA GLU E 30 15.59 -26.03 -22.00
C GLU E 30 16.64 -26.17 -20.89
N GLY E 31 16.23 -25.90 -19.65
CA GLY E 31 17.14 -25.90 -18.51
C GLY E 31 17.21 -27.27 -17.83
N VAL E 32 16.04 -27.80 -17.46
CA VAL E 32 15.93 -29.07 -16.76
C VAL E 32 16.28 -30.21 -17.71
N ALA E 33 16.15 -29.94 -19.01
CA ALA E 33 16.48 -30.91 -20.06
C ALA E 33 17.98 -31.19 -20.06
N GLN E 34 18.76 -30.24 -19.55
CA GLN E 34 20.21 -30.33 -19.53
C GLN E 34 20.68 -31.03 -18.25
N MET E 35 19.81 -31.05 -17.24
CA MET E 35 20.18 -31.50 -15.90
C MET E 35 20.13 -33.02 -15.82
N SER E 36 21.11 -33.60 -15.12
CA SER E 36 21.18 -35.03 -14.86
C SER E 36 20.37 -35.35 -13.59
N VAL E 37 20.05 -36.64 -13.43
CA VAL E 37 19.23 -37.10 -12.32
C VAL E 37 20.03 -37.00 -11.03
N GLY E 38 19.55 -36.15 -10.11
CA GLY E 38 20.22 -35.91 -8.85
C GLY E 38 21.09 -34.66 -8.88
N GLN E 39 20.88 -33.83 -9.91
CA GLN E 39 21.64 -32.59 -10.09
C GLN E 39 20.90 -31.44 -9.42
N ARG E 40 21.66 -30.48 -8.88
CA ARG E 40 21.14 -29.21 -8.41
C ARG E 40 21.87 -28.08 -9.12
N ALA E 41 21.11 -27.20 -9.77
CA ALA E 41 21.69 -26.16 -10.62
C ALA E 41 21.00 -24.82 -10.36
N LYS E 42 21.61 -23.76 -10.88
CA LYS E 42 21.08 -22.40 -10.81
C LYS E 42 20.68 -21.96 -12.23
N LEU E 43 19.37 -21.82 -12.45
CA LEU E 43 18.84 -21.49 -13.75
C LEU E 43 18.50 -20.00 -13.81
N THR E 44 19.36 -19.25 -14.52
CA THR E 44 19.14 -17.83 -14.75
C THR E 44 18.43 -17.67 -16.10
N ILE E 45 17.20 -17.16 -16.05
CA ILE E 45 16.32 -17.13 -17.20
C ILE E 45 15.98 -15.69 -17.56
N SER E 46 16.16 -15.34 -18.84
CA SER E 46 15.92 -14.01 -19.37
C SER E 46 14.42 -13.80 -19.59
N PRO E 47 13.93 -12.54 -19.61
CA PRO E 47 12.50 -12.25 -19.79
C PRO E 47 11.85 -12.94 -20.99
N ASP E 48 12.63 -13.11 -22.07
CA ASP E 48 12.14 -13.70 -23.31
C ASP E 48 11.83 -15.18 -23.09
N TYR E 49 12.64 -15.83 -22.24
CA TYR E 49 12.53 -17.26 -21.98
C TYR E 49 11.71 -17.51 -20.72
N ALA E 50 11.32 -16.42 -20.03
CA ALA E 50 10.48 -16.49 -18.84
C ALA E 50 9.14 -15.82 -19.14
N TYR E 51 8.62 -15.09 -18.15
CA TYR E 51 7.44 -14.27 -18.33
C TYR E 51 7.88 -12.92 -18.91
N GLY E 52 7.33 -12.58 -20.08
CA GLY E 52 7.82 -11.47 -20.90
C GLY E 52 7.46 -10.11 -20.33
N ALA E 53 6.97 -9.23 -21.20
CA ALA E 53 6.64 -7.86 -20.85
C ALA E 53 5.41 -7.83 -19.95
N THR E 54 4.50 -8.79 -20.16
CA THR E 54 3.29 -8.90 -19.37
C THR E 54 3.63 -9.44 -17.99
N GLY E 55 4.59 -10.39 -17.94
CA GLY E 55 5.04 -10.99 -16.70
C GLY E 55 3.94 -11.79 -16.03
N HIS E 56 3.71 -11.50 -14.75
CA HIS E 56 2.55 -12.04 -14.02
C HIS E 56 2.16 -11.07 -12.90
N PRO E 57 0.96 -10.46 -12.97
CA PRO E 57 0.55 -9.43 -12.01
C PRO E 57 0.55 -9.93 -10.57
N GLY E 58 1.28 -9.22 -9.71
CA GLY E 58 1.32 -9.50 -8.29
C GLY E 58 2.50 -10.37 -7.88
N ILE E 59 3.01 -11.16 -8.83
CA ILE E 59 4.08 -12.11 -8.55
C ILE E 59 5.37 -11.66 -9.24
N ILE E 60 5.36 -11.65 -10.57
CA ILE E 60 6.54 -11.38 -11.38
C ILE E 60 6.40 -10.02 -12.06
N PRO E 61 7.28 -9.04 -11.75
CA PRO E 61 7.26 -7.73 -12.42
C PRO E 61 7.56 -7.86 -13.91
N PRO E 62 7.14 -6.89 -14.76
CA PRO E 62 7.50 -6.87 -16.17
C PRO E 62 9.01 -6.78 -16.41
N HIS E 63 9.47 -7.47 -17.45
CA HIS E 63 10.86 -7.48 -17.88
C HIS E 63 11.78 -7.92 -16.74
N ALA E 64 11.43 -9.05 -16.11
CA ALA E 64 12.15 -9.54 -14.94
C ALA E 64 12.94 -10.80 -15.29
N THR E 65 14.23 -10.78 -14.93
CA THR E 65 15.09 -11.94 -15.06
C THR E 65 14.92 -12.83 -13.82
N LEU E 66 14.59 -14.10 -14.05
CA LEU E 66 14.31 -15.03 -12.98
C LEU E 66 15.55 -15.87 -12.68
N VAL E 67 15.69 -16.25 -11.41
CA VAL E 67 16.75 -17.15 -10.96
C VAL E 67 16.11 -18.29 -10.17
N PHE E 68 16.36 -19.52 -10.62
CA PHE E 68 15.76 -20.71 -10.01
C PHE E 68 16.85 -21.62 -9.44
N ASP E 69 16.67 -21.98 -8.16
CA ASP E 69 17.53 -22.94 -7.48
C ASP E 69 16.84 -24.29 -7.49
N VAL E 70 16.96 -24.99 -8.62
CA VAL E 70 16.20 -26.21 -8.88
C VAL E 70 17.11 -27.43 -8.71
N GLU E 71 16.50 -28.55 -8.29
CA GLU E 71 17.19 -29.81 -8.05
C GLU E 71 16.32 -30.95 -8.56
N LEU E 72 16.85 -31.70 -9.54
CA LEU E 72 16.15 -32.84 -10.12
C LEU E 72 16.33 -34.04 -9.20
N LEU E 73 15.24 -34.41 -8.51
CA LEU E 73 15.28 -35.46 -7.50
C LEU E 73 15.26 -36.83 -8.18
N LYS E 74 14.19 -37.11 -8.93
CA LYS E 74 14.09 -38.35 -9.70
C LYS E 74 13.16 -38.14 -10.90
N LEU E 75 13.04 -39.18 -11.72
CA LEU E 75 12.17 -39.18 -12.90
C LEU E 75 11.13 -40.30 -12.75
N GLU E 76 10.09 -40.24 -13.60
CA GLU E 76 9.10 -41.29 -13.72
C GLU E 76 8.39 -41.16 -15.07
N ASP F 1 -30.74 10.52 33.91
CA ASP F 1 -29.97 10.91 35.13
C ASP F 1 -28.70 10.08 35.20
N GLY F 2 -27.56 10.75 35.04
CA GLY F 2 -26.25 10.12 35.11
C GLY F 2 -25.38 10.72 36.21
N LYS F 3 -24.43 9.92 36.71
CA LYS F 3 -23.56 10.31 37.81
C LYS F 3 -22.60 11.40 37.34
N LYS F 4 -22.57 12.50 38.10
CA LYS F 4 -21.77 13.67 37.78
C LYS F 4 -20.34 13.47 38.30
N PHE F 5 -19.35 13.79 37.45
CA PHE F 5 -17.95 13.58 37.78
C PHE F 5 -17.20 14.91 37.90
N ASP F 6 -17.68 15.92 37.16
CA ASP F 6 -17.02 17.22 37.14
C ASP F 6 -18.02 18.30 36.72
N SER F 7 -17.81 19.51 37.25
CA SER F 7 -18.56 20.70 36.88
C SER F 7 -17.77 21.96 37.25
N SER F 8 -17.76 22.93 36.33
CA SER F 8 -17.11 24.21 36.57
C SER F 8 -18.04 25.12 37.37
N ARG F 9 -19.30 24.69 37.53
CA ARG F 9 -20.29 25.39 38.34
C ARG F 9 -20.05 25.07 39.82
N ASP F 10 -19.12 24.14 40.08
CA ASP F 10 -18.75 23.75 41.42
C ASP F 10 -17.35 24.31 41.74
N ARG F 11 -16.89 25.24 40.90
CA ARG F 11 -15.59 25.88 41.06
C ARG F 11 -15.73 27.39 40.87
N ASN F 12 -16.65 27.77 39.98
CA ASN F 12 -17.07 29.16 39.78
C ASN F 12 -16.13 29.87 38.79
N LYS F 13 -15.10 29.16 38.33
CA LYS F 13 -14.16 29.70 37.35
C LYS F 13 -14.52 29.16 35.97
N PRO F 14 -14.86 30.03 35.00
CA PRO F 14 -15.19 29.60 33.64
C PRO F 14 -13.99 28.95 32.95
N PHE F 15 -14.15 27.67 32.58
CA PHE F 15 -13.11 26.88 31.95
C PHE F 15 -12.88 27.38 30.52
N LYS F 16 -11.61 27.39 30.11
CA LYS F 16 -11.20 27.87 28.80
C LYS F 16 -10.43 26.78 28.07
N PHE F 17 -10.49 26.82 26.73
CA PHE F 17 -9.71 25.95 25.86
C PHE F 17 -9.66 26.55 24.46
N MET F 18 -8.62 26.19 23.69
CA MET F 18 -8.50 26.61 22.31
C MET F 18 -9.10 25.54 21.41
N LEU F 19 -9.98 25.96 20.49
CA LEU F 19 -10.68 25.07 19.60
C LEU F 19 -9.78 24.71 18.42
N GLY F 20 -9.84 23.45 18.00
CA GLY F 20 -9.19 22.99 16.78
C GLY F 20 -7.69 22.78 16.94
N LYS F 21 -7.23 22.65 18.19
CA LYS F 21 -5.83 22.37 18.48
C LYS F 21 -5.71 21.10 19.31
N GLN F 22 -6.82 20.35 19.38
CA GLN F 22 -6.88 19.01 19.96
C GLN F 22 -6.57 19.06 21.46
N GLU F 23 -7.05 20.12 22.13
CA GLU F 23 -6.85 20.31 23.56
C GLU F 23 -7.86 19.47 24.34
N VAL F 24 -9.03 19.25 23.73
CA VAL F 24 -10.13 18.55 24.37
C VAL F 24 -10.54 17.36 23.50
N ILE F 25 -11.42 16.51 24.05
CA ILE F 25 -11.93 15.33 23.36
C ILE F 25 -12.66 15.78 22.10
N ARG F 26 -12.70 14.88 21.10
CA ARG F 26 -13.23 15.18 19.78
C ARG F 26 -14.71 15.54 19.86
N GLY F 27 -15.41 14.97 20.83
CA GLY F 27 -16.81 15.27 21.09
C GLY F 27 -17.03 16.76 21.35
N TRP F 28 -16.15 17.34 22.17
CA TRP F 28 -16.15 18.78 22.46
C TRP F 28 -15.72 19.56 21.22
N GLU F 29 -14.77 19.00 20.47
CA GLU F 29 -14.11 19.68 19.37
C GLU F 29 -15.09 19.90 18.21
N GLU F 30 -16.03 18.97 18.04
CA GLU F 30 -17.00 19.04 16.97
C GLU F 30 -18.32 19.60 17.48
N GLY F 31 -18.61 19.33 18.76
CA GLY F 31 -19.87 19.73 19.38
C GLY F 31 -19.96 21.25 19.59
N VAL F 32 -18.92 21.82 20.19
CA VAL F 32 -18.87 23.22 20.54
C VAL F 32 -18.59 24.06 19.30
N ALA F 33 -18.02 23.41 18.26
CA ALA F 33 -17.66 24.08 17.03
C ALA F 33 -18.89 24.56 16.28
N GLN F 34 -19.99 23.82 16.40
CA GLN F 34 -21.24 24.14 15.72
C GLN F 34 -22.20 24.83 16.69
N MET F 35 -21.65 25.49 17.71
CA MET F 35 -22.43 26.26 18.66
C MET F 35 -22.23 27.75 18.39
N SER F 36 -23.34 28.50 18.40
CA SER F 36 -23.32 29.95 18.35
C SER F 36 -23.02 30.50 19.73
N VAL F 37 -22.54 31.75 19.79
CA VAL F 37 -22.10 32.38 21.02
C VAL F 37 -23.32 32.69 21.88
N GLY F 38 -23.23 32.32 23.16
CA GLY F 38 -24.29 32.59 24.13
C GLY F 38 -25.22 31.38 24.32
N GLN F 39 -25.07 30.38 23.45
CA GLN F 39 -25.92 29.20 23.43
C GLN F 39 -25.56 28.28 24.59
N ARG F 40 -26.54 27.51 25.06
CA ARG F 40 -26.33 26.42 25.99
C ARG F 40 -26.79 25.13 25.32
N ALA F 41 -25.96 24.09 25.40
CA ALA F 41 -26.22 22.82 24.74
C ALA F 41 -26.02 21.66 25.72
N LYS F 42 -26.40 20.46 25.27
CA LYS F 42 -26.22 19.22 26.01
C LYS F 42 -25.61 18.18 25.08
N LEU F 43 -24.29 17.99 25.21
CA LEU F 43 -23.52 17.15 24.31
C LEU F 43 -23.52 15.70 24.81
N THR F 44 -23.91 14.78 23.92
CA THR F 44 -23.81 13.35 24.18
C THR F 44 -22.73 12.76 23.30
N ILE F 45 -21.65 12.27 23.93
CA ILE F 45 -20.43 11.91 23.23
C ILE F 45 -20.22 10.40 23.29
N SER F 46 -19.97 9.81 22.11
CA SER F 46 -19.65 8.40 21.94
C SER F 46 -18.28 8.10 22.52
N PRO F 47 -18.06 6.90 23.13
CA PRO F 47 -16.74 6.53 23.68
C PRO F 47 -15.57 6.73 22.72
N ASP F 48 -15.81 6.56 21.42
CA ASP F 48 -14.78 6.69 20.40
C ASP F 48 -14.35 8.16 20.28
N TYR F 49 -15.30 9.07 20.54
CA TYR F 49 -15.07 10.51 20.40
C TYR F 49 -14.59 11.09 21.73
N ALA F 50 -14.78 10.33 22.81
CA ALA F 50 -14.31 10.71 24.13
C ALA F 50 -13.13 9.84 24.52
N TYR F 51 -13.22 9.22 25.70
CA TYR F 51 -12.21 8.28 26.19
C TYR F 51 -12.70 6.86 25.89
N GLY F 52 -11.93 6.15 25.05
CA GLY F 52 -12.35 4.89 24.46
C GLY F 52 -12.28 3.73 25.44
N ALA F 53 -11.70 2.61 24.97
CA ALA F 53 -11.59 1.39 25.75
C ALA F 53 -10.74 1.62 26.99
N THR F 54 -9.69 2.43 26.83
CA THR F 54 -8.77 2.77 27.91
C THR F 54 -9.50 3.56 28.98
N GLY F 55 -10.27 4.57 28.55
CA GLY F 55 -11.02 5.43 29.46
C GLY F 55 -10.09 6.33 30.28
N HIS F 56 -10.54 6.69 31.48
CA HIS F 56 -9.75 7.50 32.39
C HIS F 56 -9.86 6.93 33.80
N PRO F 57 -8.79 6.26 34.32
CA PRO F 57 -8.87 5.52 35.57
C PRO F 57 -9.33 6.34 36.78
N GLY F 58 -10.41 5.88 37.40
CA GLY F 58 -10.91 6.46 38.64
C GLY F 58 -12.06 7.45 38.41
N ILE F 59 -12.13 8.03 37.21
CA ILE F 59 -13.14 9.04 36.92
C ILE F 59 -14.16 8.46 35.93
N ILE F 60 -13.67 7.97 34.79
CA ILE F 60 -14.53 7.50 33.71
C ILE F 60 -14.33 6.00 33.53
N PRO F 61 -15.41 5.19 33.55
CA PRO F 61 -15.32 3.75 33.25
C PRO F 61 -15.06 3.51 31.76
N PRO F 62 -14.46 2.36 31.38
CA PRO F 62 -14.26 2.02 29.97
C PRO F 62 -15.55 1.92 29.18
N HIS F 63 -15.50 2.37 27.92
CA HIS F 63 -16.61 2.31 26.97
C HIS F 63 -17.81 3.08 27.51
N ALA F 64 -17.56 4.28 28.05
CA ALA F 64 -18.61 5.08 28.66
C ALA F 64 -19.02 6.20 27.72
N THR F 65 -20.34 6.38 27.57
CA THR F 65 -20.92 7.50 26.85
C THR F 65 -21.05 8.67 27.82
N LEU F 66 -20.56 9.84 27.40
CA LEU F 66 -20.50 11.01 28.27
C LEU F 66 -21.57 12.01 27.86
N VAL F 67 -22.12 12.71 28.86
CA VAL F 67 -23.09 13.77 28.66
C VAL F 67 -22.52 15.04 29.31
N PHE F 68 -22.43 16.11 28.49
CA PHE F 68 -21.87 17.38 28.95
C PHE F 68 -22.92 18.48 28.80
N ASP F 69 -23.05 19.29 29.87
CA ASP F 69 -24.00 20.39 29.90
C ASP F 69 -23.25 21.70 29.73
N VAL F 70 -22.83 21.97 28.49
CA VAL F 70 -21.91 23.07 28.18
C VAL F 70 -22.70 24.32 27.80
N GLU F 71 -22.18 25.47 28.22
CA GLU F 71 -22.77 26.77 27.91
C GLU F 71 -21.66 27.71 27.43
N LEU F 72 -21.64 27.97 26.13
CA LEU F 72 -20.62 28.83 25.51
C LEU F 72 -20.89 30.27 25.92
N LEU F 73 -19.95 30.85 26.69
CA LEU F 73 -20.11 32.19 27.23
C LEU F 73 -19.63 33.22 26.23
N LYS F 74 -18.33 33.19 25.89
CA LYS F 74 -17.76 34.15 24.95
C LYS F 74 -16.53 33.58 24.25
N LEU F 75 -16.18 34.22 23.13
CA LEU F 75 -15.02 33.88 22.32
C LEU F 75 -13.89 34.87 22.62
N GLU F 76 -12.65 34.41 22.39
CA GLU F 76 -11.47 35.24 22.61
C GLU F 76 -10.45 34.96 21.49
N SER G 2 -50.93 4.10 -17.87
CA SER G 2 -50.52 5.36 -17.17
C SER G 2 -49.05 5.28 -16.75
N ILE G 3 -48.52 4.05 -16.70
CA ILE G 3 -47.12 3.80 -16.39
C ILE G 3 -46.30 3.96 -17.68
N LEU G 4 -45.29 4.84 -17.62
CA LEU G 4 -44.63 5.33 -18.82
C LEU G 4 -43.32 4.57 -19.07
N TRP G 5 -42.86 4.65 -20.33
CA TRP G 5 -41.67 3.97 -20.82
C TRP G 5 -40.41 4.57 -20.22
N HIS G 6 -40.41 5.90 -20.07
CA HIS G 6 -39.24 6.61 -19.57
C HIS G 6 -39.09 6.40 -18.07
N GLU G 7 -40.23 6.15 -17.39
CA GLU G 7 -40.24 5.84 -15.97
C GLU G 7 -39.54 4.51 -15.73
N MET G 8 -39.83 3.54 -16.61
CA MET G 8 -39.39 2.16 -16.44
C MET G 8 -37.92 2.02 -16.83
N TRP G 9 -37.49 2.80 -17.83
CA TRP G 9 -36.10 2.78 -18.27
C TRP G 9 -35.21 3.51 -17.27
N HIS G 10 -35.77 4.54 -16.61
CA HIS G 10 -35.05 5.32 -15.62
C HIS G 10 -34.74 4.46 -14.40
N GLU G 11 -35.75 3.70 -13.94
CA GLU G 11 -35.62 2.84 -12.78
C GLU G 11 -34.76 1.62 -13.12
N GLY G 12 -34.92 1.12 -14.35
CA GLY G 12 -34.23 -0.08 -14.82
C GLY G 12 -32.72 0.11 -14.87
N LEU G 13 -32.28 1.26 -15.37
CA LEU G 13 -30.88 1.59 -15.50
C LEU G 13 -30.30 1.94 -14.12
N GLU G 14 -31.14 2.57 -13.28
CA GLU G 14 -30.80 2.92 -11.91
C GLU G 14 -30.52 1.65 -11.11
N GLU G 15 -31.08 0.54 -11.58
CA GLU G 15 -31.02 -0.74 -10.89
C GLU G 15 -29.89 -1.59 -11.47
N ALA G 16 -29.75 -1.56 -12.80
CA ALA G 16 -28.79 -2.38 -13.52
C ALA G 16 -27.37 -1.88 -13.28
N SER G 17 -27.21 -0.55 -13.21
CA SER G 17 -25.92 0.06 -12.95
C SER G 17 -25.46 -0.24 -11.53
N ARG G 18 -26.42 -0.26 -10.60
CA ARG G 18 -26.14 -0.53 -9.20
C ARG G 18 -25.73 -1.99 -9.03
N LEU G 19 -26.27 -2.86 -9.88
CA LEU G 19 -26.03 -4.29 -9.79
C LEU G 19 -24.65 -4.63 -10.35
N TYR G 20 -24.24 -3.91 -11.40
CA TYR G 20 -22.98 -4.21 -12.06
C TYR G 20 -21.83 -3.46 -11.39
N PHE G 21 -22.03 -2.17 -11.11
CA PHE G 21 -20.95 -1.31 -10.65
C PHE G 21 -20.84 -1.34 -9.12
N GLY G 22 -21.89 -1.85 -8.46
CA GLY G 22 -21.95 -1.83 -7.01
C GLY G 22 -21.96 -3.23 -6.39
N GLU G 23 -22.41 -4.22 -7.17
CA GLU G 23 -22.56 -5.58 -6.66
C GLU G 23 -21.78 -6.56 -7.54
N ARG G 24 -21.20 -6.04 -8.62
CA ARG G 24 -20.39 -6.83 -9.56
C ARG G 24 -21.20 -8.03 -10.03
N ASN G 25 -22.44 -7.78 -10.46
CA ASN G 25 -23.38 -8.82 -10.83
C ASN G 25 -23.83 -8.58 -12.27
N VAL G 26 -23.07 -9.13 -13.23
CA VAL G 26 -23.33 -8.97 -14.65
C VAL G 26 -24.57 -9.77 -15.03
N LYS G 27 -24.72 -10.95 -14.40
CA LYS G 27 -25.82 -11.86 -14.69
C LYS G 27 -27.13 -11.25 -14.21
N GLY G 28 -27.09 -10.63 -13.03
CA GLY G 28 -28.27 -9.99 -12.44
C GLY G 28 -28.65 -8.71 -13.18
N MET G 29 -27.65 -8.09 -13.82
CA MET G 29 -27.83 -6.87 -14.61
C MET G 29 -28.62 -7.19 -15.86
N PHE G 30 -28.35 -8.34 -16.48
CA PHE G 30 -29.00 -8.74 -17.72
C PHE G 30 -30.43 -9.20 -17.44
N GLU G 31 -30.72 -9.54 -16.18
CA GLU G 31 -32.04 -10.02 -15.78
C GLU G 31 -33.03 -8.86 -15.72
N VAL G 32 -32.51 -7.64 -15.50
CA VAL G 32 -33.34 -6.46 -15.35
C VAL G 32 -33.39 -5.69 -16.68
N LEU G 33 -32.38 -5.91 -17.53
CA LEU G 33 -32.26 -5.18 -18.79
C LEU G 33 -32.99 -5.91 -19.91
N GLU G 34 -32.93 -7.24 -19.91
CA GLU G 34 -33.50 -8.09 -20.95
C GLU G 34 -34.97 -7.77 -21.19
N PRO G 35 -35.83 -7.71 -20.15
CA PRO G 35 -37.27 -7.48 -20.34
C PRO G 35 -37.61 -6.10 -20.91
N LEU G 36 -36.74 -5.12 -20.65
CA LEU G 36 -36.95 -3.74 -21.08
C LEU G 36 -36.71 -3.63 -22.59
N HIS G 37 -35.79 -4.46 -23.11
CA HIS G 37 -35.48 -4.47 -24.52
C HIS G 37 -36.56 -5.21 -25.30
N ALA G 38 -37.07 -6.30 -24.72
CA ALA G 38 -38.14 -7.09 -25.31
C ALA G 38 -39.43 -6.27 -25.34
N MET G 39 -39.48 -5.25 -24.48
CA MET G 39 -40.61 -4.33 -24.36
C MET G 39 -40.62 -3.38 -25.56
N MET G 40 -39.42 -2.95 -25.97
CA MET G 40 -39.25 -2.12 -27.16
C MET G 40 -39.54 -2.97 -28.40
N GLU G 41 -39.16 -4.24 -28.31
CA GLU G 41 -39.27 -5.21 -29.39
C GLU G 41 -40.73 -5.37 -29.80
N ARG G 42 -41.63 -5.19 -28.84
CA ARG G 42 -43.07 -5.33 -29.07
C ARG G 42 -43.59 -4.11 -29.81
N GLY G 43 -42.95 -2.95 -29.58
CA GLY G 43 -43.28 -1.73 -30.30
C GLY G 43 -44.16 -0.80 -29.48
N PRO G 44 -44.13 0.53 -29.75
CA PRO G 44 -44.92 1.51 -29.00
C PRO G 44 -46.39 1.49 -29.40
N GLN G 45 -47.27 1.77 -28.43
CA GLN G 45 -48.71 1.67 -28.64
C GLN G 45 -49.41 2.96 -28.22
N THR G 46 -48.68 3.85 -27.53
CA THR G 46 -49.20 5.14 -27.14
C THR G 46 -48.36 6.26 -27.77
N LEU G 47 -48.86 7.49 -27.65
CA LEU G 47 -48.18 8.68 -28.17
C LEU G 47 -46.83 8.83 -27.47
N LYS G 48 -46.85 8.71 -26.13
CA LYS G 48 -45.67 8.87 -25.30
C LYS G 48 -44.63 7.80 -25.63
N GLU G 49 -45.11 6.57 -25.86
CA GLU G 49 -44.26 5.44 -26.14
C GLU G 49 -43.55 5.63 -27.50
N THR G 50 -44.30 6.19 -28.46
CA THR G 50 -43.81 6.41 -29.82
C THR G 50 -42.76 7.49 -29.83
N SER G 51 -43.00 8.57 -29.06
CA SER G 51 -42.07 9.67 -28.95
C SER G 51 -40.77 9.21 -28.28
N PHE G 52 -40.92 8.36 -27.26
CA PHE G 52 -39.79 7.81 -26.54
C PHE G 52 -38.92 6.98 -27.49
N ASN G 53 -39.58 6.12 -28.28
CA ASN G 53 -38.90 5.20 -29.18
C ASN G 53 -38.12 5.96 -30.24
N GLN G 54 -38.69 7.10 -30.69
CA GLN G 54 -38.07 7.92 -31.71
C GLN G 54 -36.74 8.47 -31.20
N ALA G 55 -36.72 8.84 -29.91
CA ALA G 55 -35.59 9.53 -29.31
C ALA G 55 -34.46 8.54 -28.99
N TYR G 56 -34.80 7.43 -28.35
CA TYR G 56 -33.80 6.58 -27.70
C TYR G 56 -33.80 5.18 -28.29
N GLY G 57 -34.73 4.89 -29.21
CA GLY G 57 -34.93 3.56 -29.74
C GLY G 57 -33.65 2.95 -30.32
N ARG G 58 -32.97 3.71 -31.18
CA ARG G 58 -31.78 3.25 -31.87
C ARG G 58 -30.62 3.09 -30.89
N ASP G 59 -30.52 4.03 -29.94
CA ASP G 59 -29.46 4.05 -28.94
C ASP G 59 -29.58 2.82 -28.03
N LEU G 60 -30.81 2.52 -27.61
CA LEU G 60 -31.07 1.39 -26.74
C LEU G 60 -30.88 0.08 -27.50
N MET G 61 -31.23 0.08 -28.79
CA MET G 61 -31.10 -1.08 -29.63
C MET G 61 -29.62 -1.40 -29.85
N GLU G 62 -28.81 -0.36 -30.04
CA GLU G 62 -27.38 -0.49 -30.26
C GLU G 62 -26.70 -0.98 -28.99
N ALA G 63 -27.19 -0.49 -27.84
CA ALA G 63 -26.63 -0.83 -26.54
C ALA G 63 -26.75 -2.32 -26.27
N GLN G 64 -27.87 -2.91 -26.71
CA GLN G 64 -28.12 -4.34 -26.51
C GLN G 64 -27.19 -5.16 -27.40
N GLU G 65 -26.86 -4.62 -28.58
CA GLU G 65 -25.99 -5.30 -29.53
C GLU G 65 -24.57 -5.37 -28.96
N TRP G 66 -24.20 -4.36 -28.17
CA TRP G 66 -22.91 -4.32 -27.48
C TRP G 66 -22.91 -5.33 -26.33
N CYS G 67 -24.06 -5.49 -25.67
CA CYS G 67 -24.22 -6.44 -24.58
C CYS G 67 -24.08 -7.86 -25.09
N ARG G 68 -24.64 -8.11 -26.28
CA ARG G 68 -24.58 -9.40 -26.95
C ARG G 68 -23.14 -9.68 -27.36
N LYS G 69 -22.45 -8.65 -27.87
CA LYS G 69 -21.06 -8.75 -28.28
C LYS G 69 -20.19 -9.14 -27.08
N TYR G 70 -20.54 -8.62 -25.89
CA TYR G 70 -19.80 -8.87 -24.68
C TYR G 70 -19.95 -10.34 -24.26
N MET G 71 -21.15 -10.89 -24.45
CA MET G 71 -21.45 -12.26 -24.05
C MET G 71 -20.57 -13.24 -24.83
N LYS G 72 -20.30 -12.91 -26.09
CA LYS G 72 -19.52 -13.76 -26.98
C LYS G 72 -18.02 -13.53 -26.77
N SER G 73 -17.60 -12.26 -26.81
CA SER G 73 -16.20 -11.89 -26.74
C SER G 73 -15.66 -12.08 -25.31
N GLY G 74 -16.41 -11.59 -24.33
CA GLY G 74 -16.00 -11.63 -22.94
C GLY G 74 -15.18 -10.42 -22.55
N ASN G 75 -15.00 -9.50 -23.51
CA ASN G 75 -14.23 -8.27 -23.30
C ASN G 75 -15.15 -7.20 -22.73
N VAL G 76 -14.75 -6.67 -21.56
CA VAL G 76 -15.54 -5.73 -20.80
C VAL G 76 -15.57 -4.37 -21.50
N LYS G 77 -14.85 -4.25 -22.62
CA LYS G 77 -14.82 -3.03 -23.41
C LYS G 77 -16.16 -2.82 -24.10
N ASP G 78 -16.74 -3.91 -24.60
CA ASP G 78 -18.01 -3.89 -25.32
C ASP G 78 -19.13 -3.54 -24.35
N LEU G 79 -19.01 -4.04 -23.11
CA LEU G 79 -19.99 -3.81 -22.06
C LEU G 79 -19.97 -2.34 -21.65
N LEU G 80 -18.77 -1.73 -21.68
CA LEU G 80 -18.59 -0.33 -21.34
C LEU G 80 -19.19 0.54 -22.45
N GLN G 81 -19.09 0.07 -23.69
CA GLN G 81 -19.60 0.77 -24.85
C GLN G 81 -21.13 0.80 -24.79
N ALA G 82 -21.72 -0.27 -24.25
CA ALA G 82 -23.15 -0.38 -24.05
C ALA G 82 -23.59 0.66 -23.01
N TRP G 83 -22.84 0.77 -21.92
CA TRP G 83 -23.17 1.64 -20.81
C TRP G 83 -22.99 3.10 -21.18
N ASP G 84 -22.19 3.36 -22.22
CA ASP G 84 -21.99 4.70 -22.76
C ASP G 84 -23.28 5.16 -23.43
N LEU G 85 -23.95 4.22 -24.12
CA LEU G 85 -25.21 4.48 -24.80
C LEU G 85 -26.34 4.54 -23.79
N TYR G 86 -26.29 3.67 -22.78
CA TYR G 86 -27.30 3.62 -21.74
C TYR G 86 -27.28 4.90 -20.91
N TYR G 87 -26.08 5.44 -20.68
CA TYR G 87 -25.90 6.62 -19.84
C TYR G 87 -26.40 7.85 -20.58
N HIS G 88 -26.29 7.83 -21.92
CA HIS G 88 -26.69 8.95 -22.74
C HIS G 88 -28.21 9.13 -22.69
N VAL G 89 -28.95 8.03 -22.72
CA VAL G 89 -30.40 8.08 -22.73
C VAL G 89 -30.91 8.39 -21.32
N PHE G 90 -30.16 7.95 -20.31
CA PHE G 90 -30.55 8.12 -18.92
C PHE G 90 -30.52 9.59 -18.55
N ARG G 91 -29.53 10.31 -19.06
CA ARG G 91 -29.32 11.72 -18.75
C ARG G 91 -30.43 12.56 -19.37
N ARG G 92 -30.98 12.10 -20.50
CA ARG G 92 -32.00 12.84 -21.22
C ARG G 92 -33.36 12.64 -20.57
N ILE G 93 -33.59 11.45 -19.99
CA ILE G 93 -34.90 11.12 -19.42
C ILE G 93 -34.99 11.61 -17.98
N SER G 94 -33.84 12.00 -17.41
CA SER G 94 -33.78 12.49 -16.04
C SER G 94 -34.17 13.97 -15.98
N SER H 2 -19.43 -34.33 -22.36
CA SER H 2 -19.02 -35.21 -21.24
C SER H 2 -19.80 -34.85 -19.98
N ILE H 3 -20.60 -35.80 -19.50
CA ILE H 3 -21.45 -35.60 -18.33
C ILE H 3 -20.71 -36.08 -17.08
N LEU H 4 -19.61 -36.82 -17.29
CA LEU H 4 -18.84 -37.39 -16.19
C LEU H 4 -18.08 -36.29 -15.46
N TRP H 5 -18.05 -36.40 -14.12
CA TRP H 5 -17.50 -35.40 -13.22
C TRP H 5 -15.98 -35.31 -13.38
N HIS H 6 -15.32 -36.47 -13.43
CA HIS H 6 -13.87 -36.55 -13.52
C HIS H 6 -13.39 -36.02 -14.87
N GLU H 7 -14.28 -36.07 -15.87
CA GLU H 7 -13.98 -35.58 -17.21
C GLU H 7 -14.23 -34.07 -17.26
N MET H 8 -15.33 -33.63 -16.65
CA MET H 8 -15.75 -32.24 -16.62
C MET H 8 -14.70 -31.39 -15.91
N TRP H 9 -14.15 -31.93 -14.82
CA TRP H 9 -13.16 -31.24 -14.02
C TRP H 9 -11.81 -31.18 -14.75
N HIS H 10 -11.46 -32.27 -15.45
CA HIS H 10 -10.19 -32.37 -16.14
C HIS H 10 -10.09 -31.30 -17.23
N GLU H 11 -11.14 -31.16 -18.03
CA GLU H 11 -11.16 -30.22 -19.13
C GLU H 11 -11.43 -28.80 -18.60
N GLY H 12 -12.06 -28.73 -17.42
CA GLY H 12 -12.39 -27.47 -16.78
C GLY H 12 -11.16 -26.80 -16.17
N LEU H 13 -10.35 -27.60 -15.46
CA LEU H 13 -9.15 -27.11 -14.79
C LEU H 13 -8.06 -26.78 -15.81
N GLU H 14 -8.04 -27.55 -16.91
CA GLU H 14 -7.09 -27.35 -17.99
C GLU H 14 -7.41 -26.05 -18.72
N GLU H 15 -8.71 -25.75 -18.84
CA GLU H 15 -9.20 -24.55 -19.50
C GLU H 15 -8.94 -23.33 -18.62
N ALA H 16 -9.26 -23.48 -17.32
CA ALA H 16 -9.15 -22.39 -16.35
C ALA H 16 -7.69 -21.97 -16.18
N SER H 17 -6.78 -22.95 -16.31
CA SER H 17 -5.35 -22.70 -16.17
C SER H 17 -4.82 -21.96 -17.39
N ARG H 18 -5.40 -22.25 -18.56
CA ARG H 18 -4.96 -21.64 -19.81
C ARG H 18 -5.36 -20.17 -19.83
N LEU H 19 -6.50 -19.86 -19.20
CA LEU H 19 -7.02 -18.50 -19.20
C LEU H 19 -6.18 -17.61 -18.28
N TYR H 20 -6.03 -18.03 -17.03
CA TYR H 20 -5.38 -17.21 -16.01
C TYR H 20 -3.87 -17.19 -16.21
N PHE H 21 -3.27 -18.37 -16.42
CA PHE H 21 -1.82 -18.47 -16.48
C PHE H 21 -1.29 -18.05 -17.86
N GLY H 22 -2.10 -18.32 -18.90
CA GLY H 22 -1.69 -18.04 -20.27
C GLY H 22 -1.98 -16.61 -20.69
N GLU H 23 -3.21 -16.15 -20.39
CA GLU H 23 -3.72 -14.90 -20.95
C GLU H 23 -3.97 -13.88 -19.84
N ARG H 24 -3.54 -14.22 -18.62
CA ARG H 24 -3.61 -13.35 -17.44
C ARG H 24 -5.05 -12.88 -17.22
N ASN H 25 -5.99 -13.81 -17.33
CA ASN H 25 -7.41 -13.52 -17.22
C ASN H 25 -7.99 -14.24 -16.01
N VAL H 26 -8.13 -13.50 -14.91
CA VAL H 26 -8.65 -14.03 -13.65
C VAL H 26 -10.16 -14.17 -13.76
N LYS H 27 -10.78 -13.20 -14.43
CA LYS H 27 -12.23 -13.13 -14.60
C LYS H 27 -12.73 -14.36 -15.36
N GLY H 28 -12.09 -14.64 -16.50
CA GLY H 28 -12.46 -15.76 -17.36
C GLY H 28 -12.24 -17.10 -16.69
N MET H 29 -11.24 -17.15 -15.79
CA MET H 29 -10.91 -18.35 -15.03
C MET H 29 -12.07 -18.69 -14.10
N PHE H 30 -12.56 -17.67 -13.36
CA PHE H 30 -13.62 -17.87 -12.39
C PHE H 30 -14.92 -18.27 -13.07
N GLU H 31 -15.11 -17.78 -14.31
CA GLU H 31 -16.35 -17.96 -15.04
C GLU H 31 -16.54 -19.42 -15.45
N VAL H 32 -15.42 -20.12 -15.69
CA VAL H 32 -15.45 -21.51 -16.13
C VAL H 32 -15.32 -22.43 -14.92
N LEU H 33 -14.97 -21.85 -13.77
CA LEU H 33 -14.64 -22.61 -12.57
C LEU H 33 -15.84 -22.63 -11.61
N GLU H 34 -16.63 -21.56 -11.64
CA GLU H 34 -17.75 -21.37 -10.73
C GLU H 34 -18.84 -22.42 -10.96
N PRO H 35 -19.21 -22.75 -12.22
CA PRO H 35 -20.26 -23.73 -12.48
C PRO H 35 -19.91 -25.13 -11.99
N LEU H 36 -18.61 -25.46 -12.01
CA LEU H 36 -18.13 -26.76 -11.59
C LEU H 36 -18.23 -26.91 -10.07
N HIS H 37 -17.97 -25.80 -9.35
CA HIS H 37 -18.07 -25.78 -7.90
C HIS H 37 -19.52 -25.88 -7.46
N ALA H 38 -20.40 -25.16 -8.18
CA ALA H 38 -21.83 -25.13 -7.88
C ALA H 38 -22.45 -26.49 -8.16
N MET H 39 -21.85 -27.24 -9.09
CA MET H 39 -22.24 -28.58 -9.45
C MET H 39 -21.95 -29.53 -8.27
N MET H 40 -20.83 -29.27 -7.58
CA MET H 40 -20.40 -30.06 -6.45
C MET H 40 -21.31 -29.81 -5.25
N GLU H 41 -21.85 -28.59 -5.17
CA GLU H 41 -22.67 -28.14 -4.05
C GLU H 41 -23.98 -28.92 -4.03
N ARG H 42 -24.50 -29.26 -5.22
CA ARG H 42 -25.74 -29.99 -5.38
C ARG H 42 -25.61 -31.36 -4.71
N GLY H 43 -24.43 -31.96 -4.82
CA GLY H 43 -24.14 -33.24 -4.21
C GLY H 43 -24.07 -34.36 -5.24
N PRO H 44 -23.43 -35.51 -4.90
CA PRO H 44 -23.37 -36.67 -5.79
C PRO H 44 -24.74 -37.34 -5.89
N GLN H 45 -25.12 -37.70 -7.12
CA GLN H 45 -26.42 -38.31 -7.38
C GLN H 45 -26.22 -39.72 -7.95
N THR H 46 -24.99 -40.03 -8.34
CA THR H 46 -24.64 -41.36 -8.84
C THR H 46 -23.52 -41.96 -7.99
N LEU H 47 -23.17 -43.22 -8.29
CA LEU H 47 -22.10 -43.93 -7.63
C LEU H 47 -20.76 -43.30 -7.98
N LYS H 48 -20.58 -43.00 -9.28
CA LYS H 48 -19.35 -42.43 -9.81
C LYS H 48 -19.11 -41.05 -9.18
N GLU H 49 -20.18 -40.26 -9.06
CA GLU H 49 -20.12 -38.92 -8.50
C GLU H 49 -19.75 -38.99 -7.03
N THR H 50 -20.24 -40.03 -6.34
CA THR H 50 -20.05 -40.20 -4.91
C THR H 50 -18.57 -40.44 -4.60
N SER H 51 -17.94 -41.32 -5.39
CA SER H 51 -16.57 -41.73 -5.16
C SER H 51 -15.59 -40.63 -5.57
N PHE H 52 -15.98 -39.82 -6.56
CA PHE H 52 -15.21 -38.65 -6.95
C PHE H 52 -15.21 -37.64 -5.80
N ASN H 53 -16.40 -37.46 -5.19
CA ASN H 53 -16.61 -36.49 -4.13
C ASN H 53 -15.84 -36.90 -2.87
N GLN H 54 -15.56 -38.20 -2.76
CA GLN H 54 -14.83 -38.73 -1.61
C GLN H 54 -13.34 -38.43 -1.78
N ALA H 55 -12.87 -38.45 -3.03
CA ALA H 55 -11.45 -38.38 -3.32
C ALA H 55 -10.98 -36.93 -3.44
N TYR H 56 -11.83 -36.07 -4.01
CA TYR H 56 -11.42 -34.72 -4.38
C TYR H 56 -12.40 -33.68 -3.82
N GLY H 57 -13.27 -34.12 -2.91
CA GLY H 57 -14.35 -33.27 -2.41
C GLY H 57 -13.85 -32.16 -1.50
N ARG H 58 -13.04 -32.53 -0.51
CA ARG H 58 -12.56 -31.61 0.52
C ARG H 58 -11.56 -30.63 -0.09
N ASP H 59 -10.82 -31.09 -1.10
CA ASP H 59 -9.74 -30.31 -1.71
C ASP H 59 -10.32 -29.26 -2.65
N LEU H 60 -11.29 -29.66 -3.49
CA LEU H 60 -11.91 -28.77 -4.45
C LEU H 60 -12.72 -27.70 -3.73
N MET H 61 -13.38 -28.09 -2.64
CA MET H 61 -14.12 -27.15 -1.80
C MET H 61 -13.16 -26.10 -1.24
N GLU H 62 -11.99 -26.58 -0.79
CA GLU H 62 -10.99 -25.75 -0.13
C GLU H 62 -10.39 -24.77 -1.14
N ALA H 63 -10.26 -25.21 -2.39
CA ALA H 63 -9.70 -24.41 -3.46
C ALA H 63 -10.60 -23.21 -3.77
N GLN H 64 -11.91 -23.42 -3.67
CA GLN H 64 -12.89 -22.37 -3.91
C GLN H 64 -12.93 -21.41 -2.73
N GLU H 65 -12.67 -21.95 -1.53
CA GLU H 65 -12.61 -21.16 -0.30
C GLU H 65 -11.43 -20.19 -0.39
N TRP H 66 -10.36 -20.62 -1.05
CA TRP H 66 -9.18 -19.81 -1.27
C TRP H 66 -9.46 -18.75 -2.33
N CYS H 67 -10.29 -19.10 -3.32
CA CYS H 67 -10.70 -18.20 -4.37
C CYS H 67 -11.56 -17.08 -3.80
N ARG H 68 -12.38 -17.43 -2.80
CA ARG H 68 -13.25 -16.48 -2.11
C ARG H 68 -12.42 -15.57 -1.22
N LYS H 69 -11.34 -16.15 -0.63
CA LYS H 69 -10.41 -15.40 0.20
C LYS H 69 -9.65 -14.40 -0.66
N TYR H 70 -9.35 -14.80 -1.91
CA TYR H 70 -8.64 -13.95 -2.85
C TYR H 70 -9.49 -12.74 -3.23
N MET H 71 -10.79 -12.97 -3.43
CA MET H 71 -11.71 -11.96 -3.92
C MET H 71 -11.80 -10.81 -2.93
N LYS H 72 -11.72 -11.14 -1.63
CA LYS H 72 -11.82 -10.14 -0.58
C LYS H 72 -10.46 -9.52 -0.30
N SER H 73 -9.40 -10.32 -0.51
CA SER H 73 -8.04 -9.89 -0.18
C SER H 73 -7.42 -9.13 -1.34
N GLY H 74 -7.67 -9.60 -2.56
CA GLY H 74 -7.04 -9.05 -3.75
C GLY H 74 -5.58 -9.46 -3.87
N ASN H 75 -5.20 -10.49 -3.09
CA ASN H 75 -3.82 -10.94 -3.00
C ASN H 75 -3.67 -12.26 -3.74
N VAL H 76 -2.73 -12.28 -4.70
CA VAL H 76 -2.53 -13.37 -5.64
C VAL H 76 -2.03 -14.62 -4.89
N LYS H 77 -1.56 -14.42 -3.65
CA LYS H 77 -1.06 -15.50 -2.82
C LYS H 77 -2.15 -16.56 -2.64
N ASP H 78 -3.38 -16.10 -2.38
CA ASP H 78 -4.52 -16.96 -2.10
C ASP H 78 -4.93 -17.71 -3.36
N LEU H 79 -4.74 -17.07 -4.52
CA LEU H 79 -5.12 -17.64 -5.80
C LEU H 79 -4.15 -18.76 -6.17
N LEU H 80 -2.89 -18.61 -5.76
CA LEU H 80 -1.87 -19.62 -5.96
C LEU H 80 -2.15 -20.81 -5.05
N GLN H 81 -2.56 -20.51 -3.81
CA GLN H 81 -2.91 -21.53 -2.82
C GLN H 81 -4.08 -22.37 -3.33
N ALA H 82 -4.98 -21.71 -4.07
CA ALA H 82 -6.13 -22.37 -4.68
C ALA H 82 -5.67 -23.30 -5.79
N TRP H 83 -4.77 -22.80 -6.65
CA TRP H 83 -4.26 -23.53 -7.79
C TRP H 83 -3.38 -24.68 -7.34
N ASP H 84 -2.83 -24.58 -6.12
CA ASP H 84 -2.01 -25.61 -5.53
C ASP H 84 -2.88 -26.85 -5.30
N LEU H 85 -4.12 -26.63 -4.88
CA LEU H 85 -5.07 -27.70 -4.61
C LEU H 85 -5.66 -28.21 -5.93
N TYR H 86 -5.89 -27.29 -6.88
CA TYR H 86 -6.45 -27.62 -8.17
C TYR H 86 -5.51 -28.52 -8.97
N TYR H 87 -4.20 -28.28 -8.81
CA TYR H 87 -3.18 -29.02 -9.54
C TYR H 87 -3.11 -30.45 -9.02
N HIS H 88 -3.23 -30.61 -7.70
CA HIS H 88 -3.12 -31.90 -7.04
C HIS H 88 -4.23 -32.83 -7.50
N VAL H 89 -5.46 -32.31 -7.57
CA VAL H 89 -6.62 -33.11 -7.91
C VAL H 89 -6.63 -33.39 -9.42
N PHE H 90 -5.99 -32.50 -10.19
CA PHE H 90 -5.90 -32.64 -11.64
C PHE H 90 -5.00 -33.82 -11.99
N ARG H 91 -3.87 -33.92 -11.28
CA ARG H 91 -2.85 -34.92 -11.58
C ARG H 91 -3.35 -36.32 -11.22
N ARG H 92 -4.19 -36.39 -10.17
CA ARG H 92 -4.70 -37.65 -9.67
C ARG H 92 -5.64 -38.28 -10.70
N ILE H 93 -6.54 -37.47 -11.27
CA ILE H 93 -7.54 -37.95 -12.21
C ILE H 93 -6.92 -38.12 -13.60
N SER H 94 -5.79 -37.44 -13.84
CA SER H 94 -5.14 -37.42 -15.15
C SER H 94 -4.72 -38.84 -15.56
N SER I 2 20.05 32.54 31.28
CA SER I 2 19.47 32.69 29.91
C SER I 2 18.16 31.89 29.81
N ILE I 3 17.93 31.01 30.81
CA ILE I 3 16.74 30.18 30.85
C ILE I 3 15.89 30.60 32.05
N LEU I 4 14.58 30.78 31.81
CA LEU I 4 13.70 31.43 32.76
C LEU I 4 12.82 30.39 33.46
N TRP I 5 12.30 30.79 34.63
CA TRP I 5 11.47 29.95 35.49
C TRP I 5 10.14 29.65 34.81
N HIS I 6 9.59 30.64 34.11
CA HIS I 6 8.29 30.49 33.46
C HIS I 6 8.42 29.61 32.23
N GLU I 7 9.61 29.64 31.59
CA GLU I 7 9.89 28.82 30.42
C GLU I 7 9.91 27.35 30.81
N MET I 8 10.47 27.06 31.99
CA MET I 8 10.65 25.70 32.46
C MET I 8 9.33 25.12 32.94
N TRP I 9 8.51 25.95 33.60
CA TRP I 9 7.21 25.53 34.09
C TRP I 9 6.26 25.29 32.92
N HIS I 10 6.38 26.11 31.87
CA HIS I 10 5.55 25.98 30.69
C HIS I 10 5.81 24.63 30.00
N GLU I 11 7.10 24.31 29.84
CA GLU I 11 7.51 23.07 29.18
C GLU I 11 7.18 21.88 30.08
N GLY I 12 7.45 22.04 31.39
CA GLY I 12 7.25 20.99 32.37
C GLY I 12 5.78 20.59 32.50
N LEU I 13 4.89 21.59 32.53
CA LEU I 13 3.46 21.37 32.70
C LEU I 13 2.88 20.71 31.46
N GLU I 14 3.39 21.11 30.28
CA GLU I 14 2.99 20.51 29.01
C GLU I 14 3.39 19.04 28.99
N GLU I 15 4.59 18.76 29.50
CA GLU I 15 5.17 17.43 29.50
C GLU I 15 4.37 16.51 30.42
N ALA I 16 4.04 17.02 31.61
CA ALA I 16 3.38 16.25 32.65
C ALA I 16 1.94 15.94 32.26
N SER I 17 1.23 16.96 31.75
CA SER I 17 -0.16 16.84 31.34
C SER I 17 -0.29 15.73 30.29
N ARG I 18 0.68 15.68 29.38
CA ARG I 18 0.72 14.69 28.32
C ARG I 18 0.91 13.30 28.92
N LEU I 19 1.78 13.22 29.94
CA LEU I 19 2.12 11.94 30.56
C LEU I 19 0.91 11.37 31.30
N TYR I 20 0.14 12.23 31.95
CA TYR I 20 -1.00 11.78 32.74
C TYR I 20 -2.23 11.59 31.86
N PHE I 21 -2.64 12.65 31.17
CA PHE I 21 -3.92 12.66 30.46
C PHE I 21 -3.83 11.87 29.16
N GLY I 22 -2.65 11.89 28.53
CA GLY I 22 -2.47 11.27 27.23
C GLY I 22 -1.95 9.83 27.34
N GLU I 23 -0.80 9.66 27.99
CA GLU I 23 -0.10 8.38 28.03
C GLU I 23 -0.52 7.58 29.27
N ARG I 24 -1.33 8.22 30.13
CA ARG I 24 -2.01 7.58 31.25
C ARG I 24 -1.03 7.22 32.37
N ASN I 25 0.22 7.71 32.26
CA ASN I 25 1.26 7.44 33.24
C ASN I 25 1.20 8.49 34.36
N VAL I 26 1.07 7.99 35.59
CA VAL I 26 0.90 8.85 36.76
C VAL I 26 2.26 9.11 37.39
N LYS I 27 3.02 8.03 37.67
CA LYS I 27 4.29 8.10 38.36
C LYS I 27 5.29 8.91 37.53
N GLY I 28 5.08 8.92 36.21
CA GLY I 28 5.94 9.64 35.28
C GLY I 28 5.70 11.16 35.32
N MET I 29 4.46 11.56 35.63
CA MET I 29 4.09 12.97 35.66
C MET I 29 4.64 13.62 36.93
N PHE I 30 4.93 12.79 37.94
CA PHE I 30 5.48 13.26 39.21
C PHE I 30 7.00 13.42 39.07
N GLU I 31 7.60 12.60 38.21
CA GLU I 31 9.04 12.57 38.01
C GLU I 31 9.50 13.88 37.35
N VAL I 32 8.62 14.47 36.53
CA VAL I 32 8.94 15.67 35.77
C VAL I 32 8.52 16.89 36.57
N LEU I 33 7.72 16.69 37.63
CA LEU I 33 7.12 17.77 38.38
C LEU I 33 7.90 18.07 39.66
N GLU I 34 8.45 17.01 40.28
CA GLU I 34 9.14 17.14 41.57
C GLU I 34 10.32 18.11 41.46
N PRO I 35 11.21 17.98 40.43
CA PRO I 35 12.34 18.90 40.28
C PRO I 35 11.95 20.35 40.10
N LEU I 36 10.79 20.57 39.48
CA LEU I 36 10.25 21.91 39.24
C LEU I 36 9.80 22.52 40.57
N HIS I 37 9.30 21.66 41.47
CA HIS I 37 8.84 22.10 42.78
C HIS I 37 10.02 22.31 43.71
N ALA I 38 11.03 21.45 43.59
CA ALA I 38 12.25 21.55 44.37
C ALA I 38 13.05 22.78 43.95
N MET I 39 12.79 23.26 42.73
CA MET I 39 13.41 24.45 42.19
C MET I 39 12.93 25.67 42.98
N MET I 40 11.63 25.66 43.31
CA MET I 40 11.00 26.74 44.06
C MET I 40 11.47 26.70 45.51
N GLU I 41 11.85 25.50 45.96
CA GLU I 41 12.21 25.23 47.34
C GLU I 41 13.54 25.90 47.67
N ARG I 42 14.29 26.27 46.62
CA ARG I 42 15.57 26.94 46.78
C ARG I 42 15.34 28.43 47.01
N GLY I 43 14.26 28.95 46.41
CA GLY I 43 13.93 30.37 46.46
C GLY I 43 14.41 31.10 45.22
N PRO I 44 13.76 32.22 44.83
CA PRO I 44 14.15 32.99 43.64
C PRO I 44 15.52 33.63 43.82
N GLN I 45 16.25 33.78 42.71
CA GLN I 45 17.60 34.30 42.75
C GLN I 45 17.77 35.46 41.77
N THR I 46 16.80 35.60 40.84
CA THR I 46 16.81 36.70 39.89
C THR I 46 15.50 37.48 39.99
N LEU I 47 15.47 38.64 39.31
CA LEU I 47 14.32 39.54 39.31
C LEU I 47 13.10 38.83 38.74
N LYS I 48 13.31 38.13 37.61
CA LYS I 48 12.24 37.43 36.91
C LYS I 48 11.71 36.29 37.78
N GLU I 49 12.61 35.63 38.50
CA GLU I 49 12.27 34.49 39.35
C GLU I 49 11.43 34.96 40.54
N THR I 50 11.75 36.16 41.04
CA THR I 50 11.11 36.71 42.23
C THR I 50 9.67 37.10 41.92
N SER I 51 9.47 37.80 40.79
CA SER I 51 8.17 38.27 40.38
C SER I 51 7.26 37.09 40.02
N PHE I 52 7.86 36.05 39.43
CA PHE I 52 7.16 34.82 39.08
C PHE I 52 6.69 34.11 40.35
N ASN I 53 7.58 34.05 41.35
CA ASN I 53 7.32 33.35 42.60
C ASN I 53 6.22 34.07 43.39
N GLN I 54 6.09 35.38 43.17
CA GLN I 54 5.08 36.19 43.83
C GLN I 54 3.70 35.87 43.26
N ALA I 55 3.67 35.51 41.97
CA ALA I 55 2.42 35.34 41.25
C ALA I 55 1.86 33.92 41.47
N TYR I 56 2.71 32.91 41.29
CA TYR I 56 2.25 31.54 41.16
C TYR I 56 2.82 30.65 42.26
N GLY I 57 3.77 31.20 43.02
CA GLY I 57 4.48 30.45 44.06
C GLY I 57 3.53 29.84 45.08
N ARG I 58 2.44 30.56 45.38
CA ARG I 58 1.44 30.14 46.35
C ARG I 58 0.62 28.99 45.77
N ASP I 59 0.33 29.08 44.47
CA ASP I 59 -0.54 28.13 43.78
C ASP I 59 0.17 26.80 43.58
N LEU I 60 1.41 26.87 43.05
CA LEU I 60 2.20 25.68 42.76
C LEU I 60 2.52 24.94 44.05
N MET I 61 2.88 25.71 45.10
CA MET I 61 3.16 25.18 46.43
C MET I 61 1.93 24.45 46.96
N GLU I 62 0.76 25.03 46.73
CA GLU I 62 -0.52 24.46 47.16
C GLU I 62 -0.85 23.24 46.31
N ALA I 63 -0.46 23.30 45.02
CA ALA I 63 -0.76 22.24 44.07
C ALA I 63 0.04 20.99 44.41
N GLN I 64 1.19 21.17 45.06
CA GLN I 64 2.03 20.05 45.49
C GLN I 64 1.39 19.39 46.71
N GLU I 65 0.77 20.20 47.58
CA GLU I 65 0.09 19.72 48.77
C GLU I 65 -1.03 18.75 48.35
N TRP I 66 -1.73 19.10 47.26
CA TRP I 66 -2.82 18.28 46.72
C TRP I 66 -2.27 16.96 46.20
N CYS I 67 -1.10 17.02 45.55
CA CYS I 67 -0.47 15.87 44.92
C CYS I 67 -0.03 14.86 45.98
N ARG I 68 0.32 15.36 47.17
CA ARG I 68 0.81 14.53 48.25
C ARG I 68 -0.36 13.84 48.96
N LYS I 69 -1.52 14.51 48.96
CA LYS I 69 -2.75 13.95 49.51
C LYS I 69 -3.17 12.74 48.68
N TYR I 70 -3.01 12.85 47.35
CA TYR I 70 -3.36 11.78 46.43
C TYR I 70 -2.49 10.56 46.69
N MET I 71 -1.19 10.80 46.94
CA MET I 71 -0.21 9.73 47.11
C MET I 71 -0.66 8.81 48.24
N LYS I 72 -1.21 9.39 49.32
CA LYS I 72 -1.59 8.64 50.50
C LYS I 72 -3.04 8.17 50.41
N SER I 73 -3.85 8.89 49.62
CA SER I 73 -5.27 8.58 49.51
C SER I 73 -5.52 7.58 48.38
N GLY I 74 -5.10 7.93 47.17
CA GLY I 74 -5.32 7.10 45.98
C GLY I 74 -6.61 7.49 45.27
N ASN I 75 -7.30 8.50 45.80
CA ASN I 75 -8.53 9.01 45.22
C ASN I 75 -8.19 10.02 44.14
N VAL I 76 -8.72 9.79 42.93
CA VAL I 76 -8.43 10.60 41.76
C VAL I 76 -9.34 11.83 41.77
N LYS I 77 -9.22 12.64 42.82
CA LYS I 77 -9.96 13.89 42.94
C LYS I 77 -9.03 14.99 43.42
N ASP I 78 -8.11 14.60 44.32
CA ASP I 78 -7.08 15.50 44.84
C ASP I 78 -6.12 15.84 43.71
N LEU I 79 -5.98 14.90 42.76
CA LEU I 79 -5.09 15.02 41.61
C LEU I 79 -5.63 16.07 40.65
N LEU I 80 -6.96 16.12 40.51
CA LEU I 80 -7.64 17.06 39.64
C LEU I 80 -7.60 18.46 40.26
N GLN I 81 -7.71 18.51 41.60
CA GLN I 81 -7.65 19.75 42.35
C GLN I 81 -6.28 20.41 42.16
N ALA I 82 -5.24 19.57 42.08
CA ALA I 82 -3.88 20.01 41.84
C ALA I 82 -3.77 20.60 40.44
N TRP I 83 -4.33 19.89 39.45
CA TRP I 83 -4.28 20.29 38.05
C TRP I 83 -5.12 21.53 37.81
N ASP I 84 -6.17 21.69 38.63
CA ASP I 84 -7.04 22.86 38.56
C ASP I 84 -6.22 24.11 38.87
N LEU I 85 -5.21 23.95 39.73
CA LEU I 85 -4.30 25.02 40.09
C LEU I 85 -3.19 25.14 39.05
N TYR I 86 -2.71 23.99 38.55
CA TYR I 86 -1.62 23.93 37.59
C TYR I 86 -2.03 24.55 36.26
N TYR I 87 -3.29 24.35 35.88
CA TYR I 87 -3.80 24.82 34.60
C TYR I 87 -3.93 26.34 34.61
N HIS I 88 -4.34 26.89 35.77
CA HIS I 88 -4.53 28.32 35.94
C HIS I 88 -3.22 29.07 35.70
N VAL I 89 -2.13 28.57 36.28
CA VAL I 89 -0.84 29.23 36.21
C VAL I 89 -0.24 29.06 34.81
N PHE I 90 -0.62 27.98 34.13
CA PHE I 90 -0.15 27.69 32.78
C PHE I 90 -0.74 28.70 31.81
N ARG I 91 -2.04 29.02 32.00
CA ARG I 91 -2.77 29.93 31.14
C ARG I 91 -2.21 31.35 31.30
N ARG I 92 -1.79 31.68 32.53
CA ARG I 92 -1.35 33.02 32.88
C ARG I 92 0.00 33.33 32.24
N ILE I 93 0.85 32.30 32.10
CA ILE I 93 2.17 32.47 31.50
C ILE I 93 2.10 32.14 30.01
N SER I 94 1.15 32.77 29.32
CA SER I 94 0.97 32.60 27.88
C SER I 94 0.52 33.93 27.26
C1 GLC J . 16.12 4.10 4.40
C2 GLC J . 15.67 4.58 5.78
C3 GLC J . 14.20 5.02 5.79
C4 GLC J . 13.87 5.96 4.63
C5 GLC J . 14.39 5.41 3.30
C6 GLC J . 14.22 6.41 2.15
O1 GLC J . 15.53 2.83 4.08
O2 GLC J . 15.87 3.56 6.74
O3 GLC J . 13.91 5.68 7.03
O4 GLC J . 12.46 6.11 4.54
O5 GLC J . 15.79 5.07 3.39
O6 GLC J . 14.33 5.75 0.89
C1 GLC J . 11.93 7.34 5.05
C2 GLC J . 10.60 7.06 5.74
C3 GLC J . 9.59 6.53 4.72
C4 GLC J . 9.45 7.48 3.54
C5 GLC J . 10.81 7.86 2.96
C6 GLC J . 10.68 8.98 1.94
O2 GLC J . 10.80 6.12 6.79
O3 GLC J . 8.32 6.31 5.33
O4 GLC J . 8.64 6.86 2.54
O5 GLC J . 11.74 8.28 3.98
O6 GLC J . 11.82 8.97 1.07
C1 GLC K . 35.79 -1.38 -21.85
C2 GLC K . 35.81 -1.76 -23.32
C3 GLC K . 34.77 -2.81 -23.68
C4 GLC K . 34.77 -3.99 -22.71
C5 GLC K . 34.76 -3.50 -21.25
C6 GLC K . 34.91 -4.65 -20.26
O1 GLC K . 34.67 -0.55 -21.54
O2 GLC K . 35.58 -0.59 -24.13
O3 GLC K . 35.05 -3.30 -25.00
O4 GLC K . 33.60 -4.78 -22.94
O5 GLC K . 35.81 -2.55 -21.02
O6 GLC K . 34.67 -4.18 -18.93
C1 GLC K . 33.86 -6.04 -23.59
C2 GLC K . 32.72 -6.37 -24.56
C3 GLC K . 31.41 -6.56 -23.81
C4 GLC K . 31.55 -7.59 -22.68
C5 GLC K . 32.80 -7.35 -21.83
C6 GLC K . 33.08 -8.57 -20.96
O2 GLC K . 32.57 -5.32 -25.52
O3 GLC K . 30.38 -6.99 -24.71
O4 GLC K . 30.38 -7.51 -21.85
O5 GLC K . 33.97 -7.10 -22.62
O6 GLC K . 33.95 -8.17 -19.89
C1 GLC L . -37.87 -4.91 18.53
C2 GLC L . -37.49 -5.03 17.05
C3 GLC L . -36.41 -4.02 16.64
C4 GLC L . -36.65 -2.61 17.18
C5 GLC L . -37.09 -2.63 18.66
C6 GLC L . -37.52 -1.25 19.15
O1 GLC L . -36.80 -5.38 19.36
O2 GLC L . -37.03 -6.36 16.79
O3 GLC L . -36.32 -3.98 15.22
O4 GLC L . -35.43 -1.88 17.10
O5 GLC L . -38.17 -3.54 18.84
O6 GLC L . -37.79 -1.30 20.55
C1 GLC L . -35.36 -0.94 16.02
C2 GLC L . -33.95 -1.00 15.42
C3 GLC L . -32.91 -0.49 16.42
C4 GLC L . -33.30 0.87 16.99
C5 GLC L . -34.75 0.87 17.49
C6 GLC L . -35.20 2.28 17.89
O2 GLC L . -33.65 -2.35 15.05
O3 GLC L . -31.63 -0.38 15.78
O4 GLC L . -32.40 1.20 18.07
O5 GLC L . -35.64 0.39 16.47
O6 GLC L . -36.27 2.16 18.83
C1 RAP M . -16.06 6.40 -11.56
O1 RAP M . -16.72 5.54 -12.33
O2 RAP M . -16.43 6.78 -10.48
C2 RAP M . -14.74 6.84 -12.21
C3 RAP M . -14.54 8.35 -12.07
C4 RAP M . -15.36 9.16 -13.10
C5 RAP M . -15.06 8.67 -14.51
C6 RAP M . -15.32 7.16 -14.62
N7 RAP M . -14.54 6.41 -13.61
C8 RAP M . -13.70 5.39 -13.92
O3 RAP M . -13.20 4.70 -13.03
C9 RAP M . -13.46 5.06 -15.20
O4 RAP M . -12.77 5.81 -15.87
C10 RAP M . -14.13 3.86 -15.87
O5 RAP M . -15.49 4.31 -16.06
O6 RAP M . -13.59 3.66 -17.13
C11 RAP M . -14.07 2.57 -15.04
C12 RAP M . -15.07 1.53 -15.55
C13 RAP M . -16.47 2.12 -15.74
C14 RAP M . -16.41 3.35 -16.62
C15 RAP M . -17.73 4.10 -16.69
C16 RAP M . -18.56 3.94 -17.97
O7 RAP M . -17.77 4.42 -19.08
C17 RAP M . -19.86 4.70 -17.83
C18 RAP M . -20.92 4.15 -17.24
C19 RAP M . -22.15 4.79 -16.85
C20 RAP M . -23.26 4.28 -16.19
C21 RAP M . -24.44 5.02 -15.85
C22 RAP M . -25.51 4.56 -15.21
C23 RAP M . -26.74 5.34 -14.86
C24 RAP M . -26.85 5.47 -13.33
C25 RAP M . -25.73 6.32 -12.71
C26 RAP M . -25.66 6.14 -11.19
O8 RAP M . -26.18 6.93 -10.44
C27 RAP M . -24.94 4.92 -10.63
O9 RAP M . -25.44 4.52 -9.37
C28 RAP M . -23.43 5.12 -10.49
O10 RAP M . -23.16 6.32 -9.75
C29 RAP M . -22.66 5.12 -11.80
C30 RAP M . -22.09 6.23 -12.28
C31 RAP M . -21.20 6.33 -13.48
C32 RAP M . -19.75 6.36 -13.05
O11 RAP M . -19.21 7.41 -12.76
C33 RAP M . -19.01 5.04 -12.96
C34 RAP M . -17.99 4.98 -11.82
C35 RAP M . -17.70 3.63 -11.16
C36 RAP M . -18.90 3.04 -10.38
C37 RAP M . -19.47 3.80 -9.19
C38 RAP M . -20.51 2.96 -8.44
C39 RAP M . -21.13 3.71 -7.28
O12 RAP M . -22.02 2.83 -6.57
C40 RAP M . -20.08 4.23 -6.32
O13 RAP M . -20.69 5.04 -5.32
C41 RAP M . -19.02 5.05 -7.04
C42 RAP M . -18.41 4.27 -8.21
C43 RAP M . -12.65 1.99 -14.99
C44 RAP M . -19.86 6.11 -18.38
C45 RAP M . -27.99 4.69 -15.45
C46 RAP M . -25.87 7.80 -13.06
C47 RAP M . -22.62 3.79 -12.49
C48 RAP M . -21.59 7.55 -14.32
C49 RAP M . -17.16 2.60 -12.16
C50 RAP M . -17.86 3.58 -20.22
C51 RAP M . -26.23 3.34 -9.43
C52 RAP M . -23.40 3.15 -6.70
C1 RAP N . 6.41 -22.23 -14.59
O1 RAP N . 5.22 -22.08 -14.01
O2 RAP N . 6.57 -22.47 -15.75
C2 RAP N . 7.56 -22.04 -13.59
C3 RAP N . 8.54 -23.20 -13.70
C4 RAP N . 8.05 -24.48 -12.98
C5 RAP N . 7.68 -24.17 -11.54
C6 RAP N . 6.66 -23.02 -11.47
N7 RAP N . 7.14 -21.83 -12.19
C8 RAP N . 7.20 -20.58 -11.64
O3 RAP N . 7.47 -19.60 -12.34
C9 RAP N . 6.90 -20.36 -10.35
O4 RAP N . 7.70 -20.73 -9.50
C10 RAP N . 5.53 -19.83 -9.89
O5 RAP N . 4.72 -21.01 -9.93
O6 RAP N . 5.61 -19.42 -8.56
C11 RAP N . 4.96 -18.70 -10.77
C12 RAP N . 3.46 -18.52 -10.52
C13 RAP N . 2.70 -19.84 -10.58
C14 RAP N . 3.31 -20.86 -9.65
C15 RAP N . 2.75 -22.26 -9.86
C16 RAP N . 1.49 -22.63 -9.07
O7 RAP N . 1.88 -22.78 -7.69
C17 RAP N . 0.86 -23.89 -9.61
C18 RAP N . -0.09 -23.86 -10.55
C19 RAP N . -0.69 -24.98 -11.22
C20 RAP N . -1.59 -25.06 -12.27
C21 RAP N . -2.06 -26.29 -12.88
C22 RAP N . -2.88 -26.40 -13.91
C23 RAP N . -3.36 -27.69 -14.53
C24 RAP N . -2.97 -27.73 -16.01
C25 RAP N . -1.46 -27.85 -16.23
C26 RAP N . -1.04 -27.44 -17.64
O8 RAP N . -0.59 -28.24 -18.43
C27 RAP N . -1.22 -25.98 -18.05
O9 RAP N . -1.56 -25.83 -19.42
C28 RAP N . 0.04 -25.13 -17.78
O10 RAP N . 1.17 -25.76 -18.37
C29 RAP N . 0.27 -24.83 -16.32
C30 RAP N . 1.25 -25.42 -15.64
C31 RAP N . 1.63 -25.22 -14.19
C32 RAP N . 2.97 -24.51 -14.12
O11 RAP N . 4.01 -25.15 -14.21
C33 RAP N . 2.99 -23.01 -13.93
C34 RAP N . 3.99 -22.28 -14.80
C35 RAP N . 3.58 -20.93 -15.40
C36 RAP N . 2.45 -21.01 -16.43
C37 RAP N . 2.72 -21.69 -17.77
C38 RAP N . 1.55 -21.53 -18.74
C39 RAP N . 1.77 -22.21 -20.07
O12 RAP N . 0.68 -21.94 -20.94
C40 RAP N . 3.06 -21.73 -20.73
O13 RAP N . 3.32 -22.50 -21.90
C41 RAP N . 4.25 -21.86 -19.79
C42 RAP N . 3.99 -21.17 -18.45
C43 RAP N . 5.72 -17.39 -10.64
C44 RAP N . 1.38 -25.18 -9.01
C45 RAP N . -4.88 -27.84 -14.33
C46 RAP N . -0.96 -29.26 -15.95
C47 RAP N . -0.67 -23.83 -15.72
C48 RAP N . 1.63 -26.55 -13.45
C49 RAP N . 3.23 -19.91 -14.32
C50 RAP N . 0.97 -22.17 -6.79
C51 RAP N . -2.85 -25.28 -19.63
C52 RAP N . -0.12 -23.08 -21.26
C1 RAP O . -11.60 17.06 28.21
O1 RAP O . -10.66 17.05 29.17
O2 RAP O . -11.35 16.99 27.03
C2 RAP O . -13.02 17.15 28.78
C3 RAP O . -13.81 18.23 28.05
C4 RAP O . -13.48 19.65 28.56
C5 RAP O . -13.64 19.73 30.08
C6 RAP O . -12.80 18.66 30.76
N7 RAP O . -13.11 17.31 30.25
C8 RAP O . -13.47 16.26 31.04
O3 RAP O . -13.51 15.12 30.58
C9 RAP O . -13.72 16.44 32.35
O4 RAP O . -14.73 17.04 32.68
C10 RAP O . -12.70 16.05 33.41
O5 RAP O . -11.70 17.07 33.29
O6 RAP O . -13.25 16.14 34.68
C11 RAP O . -12.09 14.64 33.20
C12 RAP O . -10.82 14.46 34.04
C13 RAP O . -9.84 15.60 33.82
C14 RAP O . -10.48 16.95 34.06
C15 RAP O . -9.65 18.12 33.57
C16 RAP O . -8.86 18.91 34.61
O7 RAP O . -9.80 19.51 35.52
C17 RAP O . -7.99 19.95 33.95
C18 RAP O . -6.73 19.69 33.59
C19 RAP O . -5.81 20.56 32.89
C20 RAP O . -4.52 20.35 32.41
C21 RAP O . -3.71 21.34 31.72
C22 RAP O . -2.53 21.15 31.16
C23 RAP O . -1.70 22.18 30.46
C24 RAP O . -1.55 21.83 28.97
C25 RAP O . -2.88 21.73 28.21
C26 RAP O . -2.74 20.87 26.96
O8 RAP O . -2.62 21.35 25.86
C27 RAP O . -2.73 19.35 27.13
O9 RAP O . -1.85 18.71 26.22
C28 RAP O . -4.11 18.70 27.00
O10 RAP O . -4.76 19.16 25.82
C29 RAP O . -5.00 18.88 28.22
C30 RAP O . -6.02 19.73 28.22
C31 RAP O . -6.95 20.04 29.36
C32 RAP O . -8.29 19.34 29.14
O11 RAP O . -9.17 19.88 28.50
C33 RAP O . -8.49 17.96 29.72
C34 RAP O . -9.24 17.01 28.81
C35 RAP O . -8.80 15.53 28.77
C36 RAP O . -7.34 15.32 28.32
C37 RAP O . -6.94 15.59 26.88
C38 RAP O . -5.62 14.90 26.52
C39 RAP O . -5.15 15.21 25.09
O12 RAP O . -3.99 14.44 24.81
C40 RAP O . -6.23 14.87 24.07
O13 RAP O . -5.84 15.34 22.79
C41 RAP O . -7.58 15.49 24.43
C42 RAP O . -8.00 15.16 25.86
C43 RAP O . -13.09 13.52 33.46
C44 RAP O . -8.65 21.28 33.69
C45 RAP O . -0.36 22.33 31.14
C46 RAP O . -3.42 23.11 27.84
C47 RAP O . -4.62 18.02 29.39
C48 RAP O . -7.11 21.55 29.51
C49 RAP O . -9.04 14.83 30.10
C50 RAP O . -9.43 19.35 36.89
C51 RAP O . -0.90 17.87 26.86
C52 RAP O . -2.76 15.16 24.88
C1 GOL P . -54.73 -0.08 -28.46
O1 GOL P . -56.02 -0.70 -28.45
C2 GOL P . -53.83 -0.70 -29.49
O2 GOL P . -52.92 0.27 -30.01
C3 GOL P . -53.07 -1.91 -28.98
O3 GOL P . -52.81 -2.85 -30.02
#